data_2MSW
#
_entry.id   2MSW
#
_entity_poly.entity_id   1
_entity_poly.type   'polypeptide(L)'
_entity_poly.pdbx_seq_one_letter_code
;GAMGMPKVLVLEDEPLIAMNLQYAFEDEGAEVVVAATCEQALKSLADNPIDVAVLDVNLGPKSHCGPVADALKQRAIPFI
LHTGDLDRHGELLRKIDAPVMAKPADTSDVAKRALEMCGGDKEPA
;
_entity_poly.pdbx_strand_id   A
#
# COMPACT_ATOMS: atom_id res chain seq x y z
N GLY A 1 -7.91 -12.57 -3.36
CA GLY A 1 -7.27 -13.90 -3.32
C GLY A 1 -6.57 -14.17 -2.01
N ALA A 2 -7.23 -14.92 -1.13
CA ALA A 2 -6.66 -15.27 0.16
C ALA A 2 -6.30 -16.75 0.19
N MET A 3 -6.74 -17.49 -0.84
CA MET A 3 -6.43 -18.90 -0.95
C MET A 3 -5.07 -19.11 -1.60
N GLY A 4 -4.59 -18.06 -2.25
CA GLY A 4 -3.27 -18.08 -2.82
C GLY A 4 -2.51 -16.83 -2.46
N MET A 5 -1.73 -16.32 -3.40
CA MET A 5 -0.98 -15.10 -3.18
C MET A 5 -1.81 -13.87 -3.51
N PRO A 6 -1.96 -12.96 -2.54
CA PRO A 6 -2.66 -11.69 -2.73
C PRO A 6 -1.85 -10.74 -3.62
N LYS A 7 -2.55 -9.95 -4.42
CA LYS A 7 -1.91 -8.98 -5.29
C LYS A 7 -1.72 -7.65 -4.56
N VAL A 8 -0.49 -7.37 -4.19
CA VAL A 8 -0.17 -6.19 -3.40
C VAL A 8 0.39 -5.08 -4.28
N LEU A 9 -0.06 -3.85 -4.03
CA LEU A 9 0.46 -2.69 -4.72
C LEU A 9 1.25 -1.81 -3.76
N VAL A 10 2.54 -1.67 -4.02
CA VAL A 10 3.41 -0.86 -3.18
C VAL A 10 3.66 0.51 -3.79
N LEU A 11 3.29 1.53 -3.04
CA LEU A 11 3.59 2.91 -3.39
C LEU A 11 4.76 3.37 -2.56
N GLU A 12 5.91 3.45 -3.18
CA GLU A 12 7.14 3.80 -2.48
C GLU A 12 8.19 4.27 -3.48
N ASP A 13 8.54 5.54 -3.41
CA ASP A 13 9.55 6.11 -4.30
C ASP A 13 10.94 5.84 -3.76
N GLU A 14 11.00 5.39 -2.50
CA GLU A 14 12.25 4.98 -1.89
C GLU A 14 12.51 3.50 -2.21
N PRO A 15 13.37 3.22 -3.21
CA PRO A 15 13.57 1.86 -3.73
C PRO A 15 14.05 0.86 -2.69
N LEU A 16 14.80 1.33 -1.70
CA LEU A 16 15.26 0.45 -0.63
C LEU A 16 14.06 -0.07 0.14
N ILE A 17 13.18 0.85 0.53
CA ILE A 17 11.96 0.51 1.23
C ILE A 17 11.02 -0.29 0.33
N ALA A 18 10.87 0.16 -0.92
CA ALA A 18 10.01 -0.52 -1.87
C ALA A 18 10.43 -1.97 -2.05
N MET A 19 11.72 -2.18 -2.28
CA MET A 19 12.28 -3.50 -2.43
C MET A 19 12.08 -4.32 -1.16
N ASN A 20 12.29 -3.68 -0.01
CA ASN A 20 12.15 -4.34 1.27
C ASN A 20 10.71 -4.73 1.55
N LEU A 21 9.78 -3.84 1.19
CA LEU A 21 8.37 -4.13 1.28
C LEU A 21 8.00 -5.29 0.36
N GLN A 22 8.55 -5.27 -0.85
CA GLN A 22 8.30 -6.34 -1.80
C GLN A 22 8.73 -7.67 -1.20
N TYR A 23 9.96 -7.73 -0.69
CA TYR A 23 10.47 -8.91 0.00
C TYR A 23 9.55 -9.32 1.15
N ALA A 24 9.00 -8.32 1.83
CA ALA A 24 8.18 -8.55 3.00
C ALA A 24 6.86 -9.22 2.62
N PHE A 25 6.18 -8.64 1.64
CA PHE A 25 4.91 -9.17 1.19
C PHE A 25 5.10 -10.54 0.55
N GLU A 26 6.14 -10.68 -0.26
CA GLU A 26 6.44 -11.96 -0.88
C GLU A 26 6.76 -13.01 0.18
N ASP A 27 7.40 -12.58 1.26
CA ASP A 27 7.75 -13.46 2.36
C ASP A 27 6.50 -13.93 3.08
N GLU A 28 5.48 -13.08 3.12
CA GLU A 28 4.22 -13.44 3.75
C GLU A 28 3.39 -14.34 2.83
N GLY A 29 3.81 -14.41 1.57
CA GLY A 29 3.11 -15.23 0.60
C GLY A 29 2.23 -14.40 -0.31
N ALA A 30 2.78 -13.34 -0.88
CA ALA A 30 2.03 -12.46 -1.77
C ALA A 30 2.87 -12.01 -2.95
N GLU A 31 2.21 -11.46 -3.96
CA GLU A 31 2.90 -10.91 -5.12
C GLU A 31 2.80 -9.39 -5.08
N VAL A 32 3.85 -8.70 -5.49
CA VAL A 32 3.94 -7.26 -5.27
C VAL A 32 4.19 -6.49 -6.56
N VAL A 33 3.43 -5.43 -6.75
CA VAL A 33 3.70 -4.47 -7.81
C VAL A 33 4.32 -3.23 -7.20
N VAL A 34 5.48 -2.84 -7.68
CA VAL A 34 6.16 -1.67 -7.14
C VAL A 34 5.90 -0.44 -8.01
N ALA A 35 5.33 0.59 -7.41
CA ALA A 35 5.05 1.82 -8.10
C ALA A 35 5.56 3.01 -7.30
N ALA A 36 6.23 3.93 -7.98
CA ALA A 36 6.75 5.13 -7.34
C ALA A 36 5.85 6.32 -7.61
N THR A 37 4.90 6.13 -8.51
CA THR A 37 4.01 7.20 -8.91
C THR A 37 2.57 6.79 -8.83
N CYS A 38 1.67 7.75 -8.74
CA CYS A 38 0.25 7.47 -8.80
C CYS A 38 -0.11 6.89 -10.16
N GLU A 39 0.60 7.34 -11.19
CA GLU A 39 0.35 6.87 -12.55
C GLU A 39 0.66 5.38 -12.68
N GLN A 40 1.80 4.94 -12.15
CA GLN A 40 2.14 3.53 -12.13
C GLN A 40 1.09 2.75 -11.34
N ALA A 41 0.70 3.32 -10.22
CA ALA A 41 -0.26 2.70 -9.32
C ALA A 41 -1.61 2.50 -10.01
N LEU A 42 -2.14 3.58 -10.58
CA LEU A 42 -3.42 3.54 -11.23
C LEU A 42 -3.38 2.62 -12.45
N LYS A 43 -2.21 2.50 -13.05
CA LYS A 43 -2.03 1.59 -14.17
C LYS A 43 -2.16 0.16 -13.67
N SER A 44 -1.43 -0.16 -12.61
CA SER A 44 -1.48 -1.49 -12.02
C SER A 44 -2.85 -1.78 -11.44
N LEU A 45 -3.51 -0.73 -10.95
CA LEU A 45 -4.86 -0.83 -10.40
C LEU A 45 -5.83 -1.38 -11.44
N ALA A 46 -5.69 -0.87 -12.67
CA ALA A 46 -6.57 -1.30 -13.76
C ALA A 46 -6.04 -2.55 -14.45
N ASP A 47 -4.73 -2.67 -14.49
CA ASP A 47 -4.07 -3.79 -15.17
C ASP A 47 -4.16 -5.07 -14.36
N ASN A 48 -4.05 -4.94 -13.05
CA ASN A 48 -4.08 -6.10 -12.17
C ASN A 48 -5.18 -5.94 -11.13
N PRO A 49 -5.60 -7.05 -10.50
CA PRO A 49 -6.63 -7.05 -9.48
C PRO A 49 -6.03 -6.92 -8.10
N ILE A 50 -5.80 -5.68 -7.69
CA ILE A 50 -5.15 -5.37 -6.44
C ILE A 50 -6.00 -5.83 -5.25
N ASP A 51 -5.44 -6.76 -4.47
CA ASP A 51 -6.11 -7.27 -3.27
C ASP A 51 -5.85 -6.35 -2.10
N VAL A 52 -4.67 -5.75 -2.09
CA VAL A 52 -4.26 -4.87 -1.01
C VAL A 52 -3.12 -3.98 -1.47
N ALA A 53 -2.97 -2.84 -0.84
CA ALA A 53 -1.91 -1.93 -1.21
C ALA A 53 -1.22 -1.37 0.02
N VAL A 54 -0.09 -0.74 -0.20
CA VAL A 54 0.64 -0.07 0.83
C VAL A 54 1.21 1.22 0.23
N LEU A 55 0.85 2.35 0.81
CA LEU A 55 1.09 3.63 0.17
C LEU A 55 1.93 4.58 1.03
N ASP A 56 3.09 4.96 0.52
CA ASP A 56 3.87 6.02 1.13
C ASP A 56 3.29 7.36 0.73
N VAL A 57 3.01 8.19 1.71
CA VAL A 57 2.26 9.41 1.50
C VAL A 57 3.18 10.54 1.07
N ASN A 58 4.45 10.42 1.41
CA ASN A 58 5.41 11.48 1.12
C ASN A 58 6.35 11.06 -0.01
N LEU A 59 5.79 10.81 -1.19
CA LEU A 59 6.58 10.41 -2.34
C LEU A 59 7.57 11.51 -2.73
N GLY A 60 7.14 12.75 -2.54
CA GLY A 60 7.98 13.89 -2.80
C GLY A 60 7.37 15.16 -2.25
N PRO A 61 7.99 16.33 -2.53
CA PRO A 61 7.50 17.62 -2.05
C PRO A 61 6.05 17.88 -2.44
N LYS A 62 5.67 17.43 -3.63
CA LYS A 62 4.29 17.58 -4.10
C LYS A 62 3.67 16.21 -4.36
N SER A 63 4.48 15.28 -4.83
CA SER A 63 4.01 13.95 -5.17
C SER A 63 3.62 13.16 -3.92
N HIS A 64 2.41 12.64 -3.94
CA HIS A 64 1.84 11.92 -2.81
C HIS A 64 0.96 10.78 -3.30
N CYS A 65 0.86 9.71 -2.53
CA CYS A 65 -0.11 8.67 -2.83
C CYS A 65 -1.52 9.20 -2.56
N GLY A 66 -2.11 9.85 -3.55
CA GLY A 66 -3.44 10.42 -3.38
C GLY A 66 -4.46 9.78 -4.28
N PRO A 67 -4.37 10.00 -5.61
CA PRO A 67 -5.24 9.33 -6.57
C PRO A 67 -5.21 7.82 -6.40
N VAL A 68 -4.08 7.31 -5.90
CA VAL A 68 -3.93 5.89 -5.60
C VAL A 68 -4.82 5.50 -4.44
N ALA A 69 -4.72 6.29 -3.38
CA ALA A 69 -5.51 6.06 -2.18
C ALA A 69 -6.99 6.10 -2.50
N ASP A 70 -7.38 7.12 -3.26
CA ASP A 70 -8.77 7.28 -3.64
C ASP A 70 -9.21 6.15 -4.56
N ALA A 71 -8.32 5.74 -5.48
CA ALA A 71 -8.57 4.61 -6.36
C ALA A 71 -8.92 3.37 -5.56
N LEU A 72 -8.13 3.13 -4.53
CA LEU A 72 -8.33 2.01 -3.64
C LEU A 72 -9.62 2.19 -2.84
N LYS A 73 -9.81 3.40 -2.34
CA LYS A 73 -11.02 3.77 -1.62
C LYS A 73 -12.28 3.55 -2.46
N GLN A 74 -12.16 3.83 -3.77
CA GLN A 74 -13.27 3.63 -4.70
C GLN A 74 -13.69 2.17 -4.76
N ARG A 75 -12.71 1.28 -4.91
CA ARG A 75 -12.99 -0.14 -5.07
C ARG A 75 -13.02 -0.86 -3.73
N ALA A 76 -12.91 -0.09 -2.66
CA ALA A 76 -12.92 -0.62 -1.30
C ALA A 76 -11.75 -1.58 -1.06
N ILE A 77 -10.64 -1.31 -1.74
CA ILE A 77 -9.44 -2.12 -1.58
C ILE A 77 -8.68 -1.68 -0.34
N PRO A 78 -8.29 -2.63 0.51
CA PRO A 78 -7.56 -2.31 1.73
C PRO A 78 -6.12 -1.90 1.47
N PHE A 79 -5.64 -0.95 2.24
CA PHE A 79 -4.29 -0.47 2.11
C PHE A 79 -3.83 0.24 3.37
N ILE A 80 -2.54 0.33 3.53
CA ILE A 80 -1.95 1.00 4.69
C ILE A 80 -1.01 2.10 4.23
N LEU A 81 -1.06 3.24 4.89
CA LEU A 81 -0.19 4.34 4.54
C LEU A 81 1.12 4.22 5.30
N HIS A 82 2.17 3.88 4.59
CA HIS A 82 3.48 3.70 5.21
C HIS A 82 4.32 4.92 4.92
N THR A 83 4.15 5.94 5.76
CA THR A 83 4.77 7.23 5.52
C THR A 83 5.58 7.69 6.73
N GLY A 84 6.60 8.50 6.47
CA GLY A 84 7.38 9.07 7.55
C GLY A 84 6.93 10.48 7.86
N ASP A 85 6.05 11.00 7.03
CA ASP A 85 5.51 12.35 7.21
C ASP A 85 3.99 12.33 7.20
N LEU A 86 3.40 12.85 8.25
CA LEU A 86 1.95 12.90 8.38
C LEU A 86 1.45 14.33 8.19
N ASP A 87 2.03 15.25 8.95
CA ASP A 87 1.60 16.65 8.94
C ASP A 87 1.81 17.29 7.56
N ARG A 88 2.78 16.77 6.82
CA ARG A 88 3.06 17.24 5.46
C ARG A 88 1.90 16.97 4.52
N HIS A 89 1.02 16.04 4.89
CA HIS A 89 -0.09 15.65 4.04
C HIS A 89 -1.34 15.32 4.85
N GLY A 90 -1.57 16.12 5.89
CA GLY A 90 -2.69 15.87 6.78
C GLY A 90 -4.03 15.94 6.07
N GLU A 91 -4.16 16.88 5.15
CA GLU A 91 -5.39 17.03 4.37
C GLU A 91 -5.67 15.78 3.55
N LEU A 92 -4.61 15.24 2.95
CA LEU A 92 -4.72 14.05 2.13
C LEU A 92 -5.14 12.86 2.98
N LEU A 93 -4.49 12.70 4.12
CA LEU A 93 -4.74 11.60 5.03
C LEU A 93 -6.19 11.59 5.51
N ARG A 94 -6.75 12.77 5.75
CA ARG A 94 -8.12 12.88 6.22
C ARG A 94 -9.10 12.44 5.11
N LYS A 95 -8.66 12.56 3.87
CA LYS A 95 -9.46 12.13 2.72
C LYS A 95 -9.34 10.63 2.53
N ILE A 96 -8.13 10.12 2.76
CA ILE A 96 -7.85 8.72 2.62
C ILE A 96 -8.62 7.92 3.66
N ASP A 97 -8.40 8.25 4.93
CA ASP A 97 -9.04 7.56 6.06
C ASP A 97 -8.74 6.07 6.02
N ALA A 98 -7.52 5.72 6.43
CA ALA A 98 -7.06 4.34 6.43
C ALA A 98 -5.91 4.18 7.41
N PRO A 99 -5.59 2.94 7.79
CA PRO A 99 -4.48 2.64 8.71
C PRO A 99 -3.13 3.08 8.13
N VAL A 100 -2.27 3.62 8.99
CA VAL A 100 -0.96 4.05 8.55
C VAL A 100 0.14 3.44 9.43
N MET A 101 1.30 3.22 8.82
CA MET A 101 2.47 2.73 9.51
C MET A 101 3.59 3.75 9.35
N ALA A 102 3.91 4.45 10.42
CA ALA A 102 4.87 5.55 10.35
C ALA A 102 6.29 5.03 10.17
N LYS A 103 7.10 5.80 9.46
CA LYS A 103 8.50 5.45 9.25
C LYS A 103 9.36 6.06 10.36
N PRO A 104 10.38 5.33 10.84
CA PRO A 104 10.73 4.00 10.32
C PRO A 104 9.74 2.92 10.73
N ALA A 105 9.58 1.93 9.85
CA ALA A 105 8.70 0.80 10.10
C ALA A 105 9.31 -0.44 9.50
N ASP A 106 9.28 -1.54 10.22
CA ASP A 106 9.75 -2.79 9.66
C ASP A 106 8.76 -3.25 8.61
N THR A 107 9.28 -3.52 7.44
CA THR A 107 8.47 -3.83 6.28
C THR A 107 7.64 -5.09 6.48
N SER A 108 8.07 -5.96 7.39
CA SER A 108 7.30 -7.15 7.71
C SER A 108 6.01 -6.77 8.42
N ASP A 109 6.11 -5.82 9.35
CA ASP A 109 4.96 -5.36 10.10
C ASP A 109 4.00 -4.64 9.17
N VAL A 110 4.57 -3.88 8.25
CA VAL A 110 3.78 -3.17 7.27
C VAL A 110 3.04 -4.15 6.37
N ALA A 111 3.75 -5.20 5.95
CA ALA A 111 3.19 -6.22 5.07
C ALA A 111 2.13 -7.04 5.78
N LYS A 112 2.46 -7.50 6.98
CA LYS A 112 1.55 -8.34 7.75
C LYS A 112 0.21 -7.66 7.96
N ARG A 113 0.24 -6.45 8.52
CA ARG A 113 -0.99 -5.72 8.81
C ARG A 113 -1.79 -5.43 7.53
N ALA A 114 -1.08 -5.23 6.42
CA ALA A 114 -1.73 -4.99 5.15
C ALA A 114 -2.48 -6.24 4.69
N LEU A 115 -1.81 -7.38 4.77
CA LEU A 115 -2.39 -8.65 4.35
C LEU A 115 -3.47 -9.11 5.34
N GLU A 116 -3.37 -8.68 6.59
CA GLU A 116 -4.40 -8.96 7.58
C GLU A 116 -5.74 -8.36 7.15
N MET A 117 -5.68 -7.21 6.49
CA MET A 117 -6.88 -6.57 5.97
C MET A 117 -7.28 -7.17 4.64
N CYS A 118 -6.38 -7.94 4.05
CA CYS A 118 -6.61 -8.56 2.76
C CYS A 118 -7.33 -9.90 2.92
N GLY A 119 -6.82 -10.73 3.81
CA GLY A 119 -7.42 -12.02 4.03
C GLY A 119 -6.53 -12.93 4.84
N GLY A 120 -7.13 -13.92 5.46
CA GLY A 120 -6.40 -14.89 6.25
C GLY A 120 -7.25 -16.08 6.59
N ASP A 121 -8.11 -15.92 7.59
CA ASP A 121 -9.01 -16.98 8.00
C ASP A 121 -10.29 -16.38 8.56
N LYS A 122 -11.38 -16.53 7.79
CA LYS A 122 -12.68 -15.97 8.13
C LYS A 122 -12.70 -14.45 8.01
N GLU A 123 -13.51 -13.96 7.09
CA GLU A 123 -13.66 -12.53 6.87
C GLU A 123 -14.21 -11.86 8.12
N PRO A 124 -13.57 -10.78 8.60
CA PRO A 124 -14.01 -10.04 9.77
C PRO A 124 -15.22 -9.14 9.46
N ALA A 125 -16.32 -9.77 9.06
CA ALA A 125 -17.53 -9.04 8.75
C ALA A 125 -18.35 -8.80 10.02
N GLY A 1 -1.91 -16.53 5.17
CA GLY A 1 -2.20 -17.91 4.69
C GLY A 1 -3.16 -17.89 3.51
N ALA A 2 -3.94 -18.97 3.38
CA ALA A 2 -4.92 -19.13 2.29
C ALA A 2 -4.22 -19.37 0.95
N MET A 3 -4.80 -20.24 0.14
CA MET A 3 -4.23 -20.56 -1.16
C MET A 3 -4.45 -19.40 -2.13
N GLY A 4 -3.38 -18.98 -2.76
CA GLY A 4 -3.45 -17.88 -3.70
C GLY A 4 -2.83 -16.63 -3.12
N MET A 5 -1.85 -16.09 -3.84
CA MET A 5 -1.15 -14.90 -3.39
C MET A 5 -1.99 -13.66 -3.59
N PRO A 6 -2.04 -12.79 -2.58
CA PRO A 6 -2.71 -11.50 -2.69
C PRO A 6 -1.94 -10.55 -3.60
N LYS A 7 -2.65 -9.79 -4.40
CA LYS A 7 -2.01 -8.84 -5.28
C LYS A 7 -1.79 -7.52 -4.54
N VAL A 8 -0.55 -7.30 -4.14
CA VAL A 8 -0.21 -6.15 -3.30
C VAL A 8 0.39 -5.03 -4.15
N LEU A 9 -0.06 -3.81 -3.91
CA LEU A 9 0.48 -2.66 -4.61
C LEU A 9 1.26 -1.76 -3.66
N VAL A 10 2.56 -1.67 -3.87
CA VAL A 10 3.41 -0.82 -3.04
C VAL A 10 3.60 0.55 -3.67
N LEU A 11 3.27 1.57 -2.89
CA LEU A 11 3.51 2.96 -3.25
C LEU A 11 4.68 3.48 -2.44
N GLU A 12 5.83 3.54 -3.08
CA GLU A 12 7.06 3.92 -2.41
C GLU A 12 8.08 4.40 -3.44
N ASP A 13 8.66 5.56 -3.20
CA ASP A 13 9.60 6.15 -4.14
C ASP A 13 11.02 5.70 -3.82
N GLU A 14 11.22 5.25 -2.59
CA GLU A 14 12.50 4.72 -2.17
C GLU A 14 12.57 3.24 -2.56
N PRO A 15 13.38 2.92 -3.58
CA PRO A 15 13.49 1.54 -4.09
C PRO A 15 13.91 0.56 -3.02
N LEU A 16 14.69 1.05 -2.05
CA LEU A 16 15.10 0.21 -0.93
C LEU A 16 13.87 -0.21 -0.13
N ILE A 17 13.06 0.78 0.24
CA ILE A 17 11.83 0.52 1.00
C ILE A 17 10.84 -0.27 0.16
N ALA A 18 10.70 0.12 -1.09
CA ALA A 18 9.79 -0.55 -2.01
C ALA A 18 10.15 -2.02 -2.15
N MET A 19 11.43 -2.29 -2.40
CA MET A 19 11.92 -3.64 -2.55
C MET A 19 11.85 -4.41 -1.24
N ASN A 20 12.10 -3.71 -0.13
CA ASN A 20 12.03 -4.30 1.19
C ASN A 20 10.60 -4.72 1.53
N LEU A 21 9.64 -3.85 1.18
CA LEU A 21 8.24 -4.19 1.31
C LEU A 21 7.89 -5.34 0.38
N GLN A 22 8.38 -5.25 -0.84
CA GLN A 22 8.18 -6.29 -1.84
C GLN A 22 8.60 -7.65 -1.28
N TYR A 23 9.83 -7.72 -0.77
CA TYR A 23 10.34 -8.95 -0.19
C TYR A 23 9.57 -9.35 1.07
N ALA A 24 9.02 -8.37 1.78
CA ALA A 24 8.27 -8.64 3.00
C ALA A 24 6.94 -9.30 2.67
N PHE A 25 6.23 -8.74 1.69
CA PHE A 25 4.97 -9.30 1.25
C PHE A 25 5.18 -10.64 0.57
N GLU A 26 6.22 -10.74 -0.24
CA GLU A 26 6.55 -12.00 -0.91
C GLU A 26 6.93 -13.06 0.12
N ASP A 27 7.50 -12.62 1.23
CA ASP A 27 7.84 -13.52 2.32
C ASP A 27 6.57 -14.05 2.98
N GLU A 28 5.53 -13.22 3.00
CA GLU A 28 4.22 -13.64 3.50
C GLU A 28 3.44 -14.41 2.44
N GLY A 29 4.12 -14.72 1.33
CA GLY A 29 3.50 -15.46 0.26
C GLY A 29 2.52 -14.62 -0.54
N ALA A 30 2.97 -13.47 -0.99
CA ALA A 30 2.12 -12.58 -1.78
C ALA A 30 2.85 -12.08 -3.01
N GLU A 31 2.09 -11.53 -3.95
CA GLU A 31 2.62 -11.02 -5.20
C GLU A 31 2.57 -9.51 -5.19
N VAL A 32 3.71 -8.88 -5.43
CA VAL A 32 3.85 -7.44 -5.20
C VAL A 32 4.08 -6.67 -6.49
N VAL A 33 3.45 -5.50 -6.58
CA VAL A 33 3.73 -4.54 -7.63
C VAL A 33 4.38 -3.31 -7.00
N VAL A 34 5.37 -2.74 -7.68
CA VAL A 34 6.08 -1.60 -7.14
C VAL A 34 5.79 -0.35 -7.95
N ALA A 35 5.33 0.69 -7.26
CA ALA A 35 5.05 1.97 -7.89
C ALA A 35 5.58 3.12 -7.06
N ALA A 36 6.25 4.06 -7.71
CA ALA A 36 6.77 5.24 -7.02
C ALA A 36 5.88 6.44 -7.27
N THR A 37 4.85 6.24 -8.08
CA THR A 37 3.95 7.32 -8.43
C THR A 37 2.51 6.84 -8.42
N CYS A 38 1.59 7.78 -8.30
CA CYS A 38 0.17 7.48 -8.48
C CYS A 38 -0.08 6.91 -9.87
N GLU A 39 0.68 7.42 -10.83
CA GLU A 39 0.53 7.01 -12.23
C GLU A 39 0.85 5.52 -12.39
N GLN A 40 1.97 5.09 -11.82
CA GLN A 40 2.34 3.68 -11.83
C GLN A 40 1.28 2.85 -11.12
N ALA A 41 0.75 3.41 -10.05
CA ALA A 41 -0.24 2.74 -9.23
C ALA A 41 -1.54 2.52 -9.99
N LEU A 42 -2.05 3.58 -10.60
CA LEU A 42 -3.29 3.51 -11.35
C LEU A 42 -3.15 2.55 -12.52
N LYS A 43 -1.92 2.44 -13.02
CA LYS A 43 -1.63 1.52 -14.11
C LYS A 43 -1.82 0.09 -13.65
N SER A 44 -1.20 -0.26 -12.54
CA SER A 44 -1.32 -1.60 -11.97
C SER A 44 -2.74 -1.83 -11.46
N LEU A 45 -3.35 -0.77 -10.96
CA LEU A 45 -4.74 -0.81 -10.47
C LEU A 45 -5.68 -1.24 -11.59
N ALA A 46 -5.45 -0.71 -12.78
CA ALA A 46 -6.32 -1.00 -13.92
C ALA A 46 -5.95 -2.33 -14.58
N ASP A 47 -4.66 -2.64 -14.59
CA ASP A 47 -4.16 -3.82 -15.27
C ASP A 47 -4.35 -5.09 -14.43
N ASN A 48 -4.16 -4.95 -13.13
CA ASN A 48 -4.23 -6.10 -12.23
C ASN A 48 -5.33 -5.91 -11.19
N PRO A 49 -5.73 -6.98 -10.52
CA PRO A 49 -6.73 -6.95 -9.48
C PRO A 49 -6.10 -6.82 -8.10
N ILE A 50 -5.85 -5.59 -7.69
CA ILE A 50 -5.19 -5.31 -6.44
C ILE A 50 -6.04 -5.74 -5.25
N ASP A 51 -5.47 -6.60 -4.41
CA ASP A 51 -6.17 -7.12 -3.23
C ASP A 51 -5.86 -6.26 -2.01
N VAL A 52 -4.69 -5.63 -2.02
CA VAL A 52 -4.26 -4.79 -0.90
C VAL A 52 -3.11 -3.91 -1.35
N ALA A 53 -2.90 -2.80 -0.67
CA ALA A 53 -1.85 -1.88 -1.05
C ALA A 53 -1.18 -1.26 0.17
N VAL A 54 -0.03 -0.65 -0.08
CA VAL A 54 0.72 0.07 0.95
C VAL A 54 1.23 1.37 0.38
N LEU A 55 0.70 2.47 0.84
CA LEU A 55 0.94 3.76 0.20
C LEU A 55 1.74 4.70 1.07
N ASP A 56 2.91 5.10 0.61
CA ASP A 56 3.62 6.19 1.25
C ASP A 56 2.91 7.49 0.89
N VAL A 57 2.68 8.30 1.89
CA VAL A 57 1.95 9.54 1.70
C VAL A 57 2.90 10.65 1.28
N ASN A 58 4.18 10.37 1.37
CA ASN A 58 5.19 11.33 0.96
C ASN A 58 6.18 10.67 0.01
N LEU A 59 5.74 10.42 -1.21
CA LEU A 59 6.61 9.88 -2.26
C LEU A 59 7.82 10.78 -2.43
N GLY A 60 7.55 12.06 -2.61
CA GLY A 60 8.60 13.04 -2.76
C GLY A 60 8.17 14.39 -2.25
N PRO A 61 8.81 15.47 -2.71
CA PRO A 61 8.46 16.84 -2.31
C PRO A 61 6.98 17.16 -2.56
N LYS A 62 6.49 16.79 -3.73
CA LYS A 62 5.11 17.06 -4.10
C LYS A 62 4.34 15.77 -4.38
N SER A 63 5.04 14.78 -4.93
CA SER A 63 4.42 13.51 -5.25
C SER A 63 3.97 12.79 -3.99
N HIS A 64 2.71 12.40 -3.96
CA HIS A 64 2.14 11.67 -2.83
C HIS A 64 1.12 10.66 -3.30
N CYS A 65 0.79 9.71 -2.45
CA CYS A 65 -0.25 8.74 -2.75
C CYS A 65 -1.63 9.40 -2.61
N GLY A 66 -2.12 10.00 -3.68
CA GLY A 66 -3.44 10.62 -3.64
C GLY A 66 -4.46 9.85 -4.45
N PRO A 67 -4.43 10.00 -5.79
CA PRO A 67 -5.31 9.24 -6.69
C PRO A 67 -5.26 7.74 -6.44
N VAL A 68 -4.15 7.27 -5.88
CA VAL A 68 -4.00 5.86 -5.55
C VAL A 68 -4.95 5.48 -4.44
N ALA A 69 -4.95 6.29 -3.39
CA ALA A 69 -5.82 6.09 -2.26
C ALA A 69 -7.27 6.07 -2.72
N ASP A 70 -7.60 7.01 -3.59
CA ASP A 70 -8.93 7.09 -4.16
C ASP A 70 -9.21 5.86 -5.01
N ALA A 71 -8.27 5.50 -5.85
CA ALA A 71 -8.39 4.32 -6.72
C ALA A 71 -8.74 3.09 -5.91
N LEU A 72 -8.02 2.93 -4.83
CA LEU A 72 -8.23 1.83 -3.91
C LEU A 72 -9.58 1.96 -3.23
N LYS A 73 -9.86 3.16 -2.74
CA LYS A 73 -11.12 3.44 -2.07
C LYS A 73 -12.32 3.25 -2.98
N GLN A 74 -12.14 3.54 -4.26
CA GLN A 74 -13.21 3.39 -5.24
C GLN A 74 -13.55 1.92 -5.48
N ARG A 75 -12.58 1.04 -5.27
CA ARG A 75 -12.82 -0.39 -5.41
C ARG A 75 -12.87 -1.08 -4.05
N ALA A 76 -12.88 -0.27 -2.99
CA ALA A 76 -12.94 -0.76 -1.61
C ALA A 76 -11.77 -1.69 -1.30
N ILE A 77 -10.61 -1.39 -1.87
CA ILE A 77 -9.41 -2.17 -1.62
C ILE A 77 -8.72 -1.67 -0.36
N PRO A 78 -8.33 -2.60 0.53
CA PRO A 78 -7.65 -2.25 1.77
C PRO A 78 -6.20 -1.86 1.54
N PHE A 79 -5.75 -0.87 2.27
CA PHE A 79 -4.38 -0.39 2.17
C PHE A 79 -3.96 0.33 3.43
N ILE A 80 -2.67 0.48 3.59
CA ILE A 80 -2.11 1.16 4.74
C ILE A 80 -1.14 2.23 4.26
N LEU A 81 -1.14 3.37 4.93
CA LEU A 81 -0.23 4.43 4.57
C LEU A 81 1.08 4.26 5.31
N HIS A 82 2.12 3.91 4.57
CA HIS A 82 3.43 3.72 5.16
C HIS A 82 4.28 4.94 4.87
N THR A 83 4.02 5.98 5.64
CA THR A 83 4.67 7.26 5.47
C THR A 83 5.54 7.59 6.68
N GLY A 84 6.50 8.46 6.49
CA GLY A 84 7.32 8.91 7.59
C GLY A 84 7.01 10.33 7.97
N ASP A 85 6.10 10.93 7.21
CA ASP A 85 5.77 12.33 7.36
C ASP A 85 4.28 12.50 7.56
N LEU A 86 3.78 12.01 8.69
CA LEU A 86 2.36 12.00 8.98
C LEU A 86 1.84 13.41 9.20
N ASP A 87 2.47 14.13 10.12
CA ASP A 87 2.01 15.46 10.50
C ASP A 87 2.21 16.46 9.37
N ARG A 88 3.10 16.13 8.45
CA ARG A 88 3.31 16.94 7.25
C ARG A 88 2.16 16.77 6.27
N HIS A 89 1.50 15.63 6.34
CA HIS A 89 0.43 15.29 5.41
C HIS A 89 -0.86 14.98 6.16
N GLY A 90 -1.09 15.67 7.26
CA GLY A 90 -2.24 15.39 8.10
C GLY A 90 -3.56 15.56 7.37
N GLU A 91 -3.66 16.61 6.56
CA GLU A 91 -4.89 16.87 5.81
C GLU A 91 -5.12 15.80 4.75
N LEU A 92 -4.03 15.36 4.12
CA LEU A 92 -4.11 14.34 3.09
C LEU A 92 -4.51 13.00 3.71
N LEU A 93 -3.96 12.70 4.89
CA LEU A 93 -4.31 11.49 5.62
C LEU A 93 -5.80 11.47 5.94
N ARG A 94 -6.33 12.62 6.34
CA ARG A 94 -7.74 12.75 6.64
C ARG A 94 -8.60 12.54 5.40
N LYS A 95 -8.02 12.83 4.24
CA LYS A 95 -8.68 12.60 2.97
C LYS A 95 -8.67 11.12 2.61
N ILE A 96 -7.53 10.49 2.84
CA ILE A 96 -7.35 9.08 2.56
C ILE A 96 -8.21 8.22 3.48
N ASP A 97 -8.09 8.45 4.79
CA ASP A 97 -8.84 7.70 5.79
C ASP A 97 -8.51 6.21 5.74
N ALA A 98 -7.36 5.85 6.28
CA ALA A 98 -6.90 4.48 6.34
C ALA A 98 -5.77 4.33 7.36
N PRO A 99 -5.44 3.10 7.80
CA PRO A 99 -4.36 2.85 8.76
C PRO A 99 -3.01 3.38 8.28
N VAL A 100 -2.17 3.77 9.23
CA VAL A 100 -0.87 4.35 8.91
C VAL A 100 0.25 3.62 9.66
N MET A 101 1.32 3.28 8.93
CA MET A 101 2.52 2.69 9.52
C MET A 101 3.67 3.67 9.36
N ALA A 102 3.99 4.40 10.42
CA ALA A 102 4.99 5.46 10.37
C ALA A 102 6.39 4.89 10.11
N LYS A 103 7.10 5.50 9.17
CA LYS A 103 8.45 5.07 8.83
C LYS A 103 9.47 5.94 9.56
N PRO A 104 10.66 5.40 9.90
CA PRO A 104 11.05 4.02 9.55
C PRO A 104 10.13 2.97 10.14
N ALA A 105 9.66 2.08 9.28
CA ALA A 105 8.78 1.00 9.68
C ALA A 105 9.31 -0.30 9.14
N ASP A 106 9.35 -1.33 9.96
CA ASP A 106 9.83 -2.62 9.54
C ASP A 106 8.86 -3.19 8.52
N THR A 107 9.38 -3.47 7.35
CA THR A 107 8.56 -3.84 6.21
C THR A 107 7.77 -5.11 6.45
N SER A 108 8.27 -5.96 7.35
CA SER A 108 7.57 -7.19 7.68
C SER A 108 6.30 -6.86 8.48
N ASP A 109 6.41 -5.89 9.38
CA ASP A 109 5.27 -5.46 10.18
C ASP A 109 4.26 -4.74 9.32
N VAL A 110 4.77 -3.97 8.37
CA VAL A 110 3.92 -3.27 7.42
C VAL A 110 3.17 -4.27 6.55
N ALA A 111 3.90 -5.26 6.05
CA ALA A 111 3.34 -6.29 5.18
C ALA A 111 2.22 -7.07 5.87
N LYS A 112 2.50 -7.52 7.09
CA LYS A 112 1.53 -8.29 7.84
C LYS A 112 0.24 -7.51 8.05
N ARG A 113 0.35 -6.31 8.62
CA ARG A 113 -0.80 -5.45 8.88
C ARG A 113 -1.66 -5.26 7.63
N ALA A 114 -1.00 -5.04 6.50
CA ALA A 114 -1.71 -4.84 5.23
C ALA A 114 -2.47 -6.09 4.83
N LEU A 115 -1.79 -7.23 4.86
CA LEU A 115 -2.41 -8.50 4.50
C LEU A 115 -3.49 -8.90 5.49
N GLU A 116 -3.37 -8.43 6.72
CA GLU A 116 -4.38 -8.70 7.75
C GLU A 116 -5.74 -8.15 7.34
N MET A 117 -5.74 -6.93 6.81
CA MET A 117 -6.98 -6.30 6.38
C MET A 117 -7.53 -6.97 5.13
N CYS A 118 -6.62 -7.51 4.32
CA CYS A 118 -6.99 -8.15 3.08
C CYS A 118 -7.55 -9.55 3.35
N GLY A 119 -6.78 -10.37 4.06
CA GLY A 119 -7.21 -11.71 4.36
C GLY A 119 -6.28 -12.40 5.34
N GLY A 120 -6.28 -11.90 6.57
CA GLY A 120 -5.43 -12.46 7.60
C GLY A 120 -6.04 -13.68 8.25
N ASP A 121 -7.05 -13.46 9.08
CA ASP A 121 -7.71 -14.56 9.77
C ASP A 121 -9.20 -14.29 9.91
N LYS A 122 -9.69 -13.37 9.11
CA LYS A 122 -11.11 -13.01 9.13
C LYS A 122 -11.60 -12.71 7.71
N GLU A 123 -12.59 -13.46 7.28
CA GLU A 123 -13.22 -13.21 5.98
C GLU A 123 -14.21 -12.05 6.12
N PRO A 124 -14.11 -11.04 5.26
CA PRO A 124 -14.98 -9.87 5.30
C PRO A 124 -16.42 -10.21 4.94
N ALA A 125 -17.36 -9.61 5.66
CA ALA A 125 -18.78 -9.84 5.43
C ALA A 125 -19.18 -9.38 4.03
N GLY A 1 -9.68 -9.50 -2.81
CA GLY A 1 -10.43 -10.77 -2.94
C GLY A 1 -9.80 -11.88 -2.12
N ALA A 2 -9.95 -13.12 -2.58
CA ALA A 2 -9.42 -14.27 -1.87
C ALA A 2 -8.59 -15.15 -2.80
N MET A 3 -7.74 -14.52 -3.60
CA MET A 3 -6.84 -15.24 -4.49
C MET A 3 -5.71 -15.87 -3.67
N GLY A 4 -5.00 -16.80 -4.28
CA GLY A 4 -3.91 -17.51 -3.61
C GLY A 4 -2.93 -16.56 -2.97
N MET A 5 -2.16 -15.87 -3.79
CA MET A 5 -1.25 -14.84 -3.32
C MET A 5 -1.84 -13.48 -3.58
N PRO A 6 -2.07 -12.69 -2.53
CA PRO A 6 -2.70 -11.38 -2.63
C PRO A 6 -1.89 -10.43 -3.51
N LYS A 7 -2.58 -9.71 -4.36
CA LYS A 7 -1.95 -8.75 -5.24
C LYS A 7 -1.73 -7.45 -4.49
N VAL A 8 -0.48 -7.22 -4.11
CA VAL A 8 -0.12 -6.08 -3.28
C VAL A 8 0.45 -4.96 -4.14
N LEU A 9 0.01 -3.74 -3.88
CA LEU A 9 0.52 -2.59 -4.59
C LEU A 9 1.33 -1.69 -3.64
N VAL A 10 2.63 -1.63 -3.86
CA VAL A 10 3.49 -0.78 -3.06
C VAL A 10 3.70 0.57 -3.71
N LEU A 11 3.33 1.60 -2.97
CA LEU A 11 3.59 2.97 -3.36
C LEU A 11 4.78 3.49 -2.57
N GLU A 12 5.90 3.63 -3.24
CA GLU A 12 7.12 4.04 -2.58
C GLU A 12 8.14 4.46 -3.64
N ASP A 13 8.65 5.68 -3.50
CA ASP A 13 9.63 6.21 -4.43
C ASP A 13 11.02 5.69 -4.08
N GLU A 14 11.20 5.38 -2.80
CA GLU A 14 12.46 4.85 -2.29
C GLU A 14 12.57 3.36 -2.62
N PRO A 15 13.47 3.01 -3.57
CA PRO A 15 13.62 1.63 -4.05
C PRO A 15 13.99 0.66 -2.94
N LEU A 16 14.78 1.11 -1.98
CA LEU A 16 15.18 0.27 -0.88
C LEU A 16 13.97 -0.14 -0.04
N ILE A 17 13.16 0.86 0.30
CA ILE A 17 11.93 0.63 1.07
C ILE A 17 10.94 -0.20 0.25
N ALA A 18 10.77 0.18 -1.01
CA ALA A 18 9.88 -0.51 -1.92
C ALA A 18 10.27 -1.98 -2.05
N MET A 19 11.56 -2.21 -2.30
CA MET A 19 12.09 -3.56 -2.44
C MET A 19 11.97 -4.32 -1.12
N ASN A 20 12.24 -3.65 -0.01
CA ASN A 20 12.18 -4.27 1.29
C ASN A 20 10.74 -4.69 1.62
N LEU A 21 9.79 -3.82 1.32
CA LEU A 21 8.38 -4.15 1.45
C LEU A 21 8.03 -5.32 0.54
N GLN A 22 8.51 -5.24 -0.70
CA GLN A 22 8.30 -6.29 -1.68
C GLN A 22 8.74 -7.64 -1.12
N TYR A 23 9.95 -7.68 -0.57
CA TYR A 23 10.48 -8.90 0.05
C TYR A 23 9.58 -9.38 1.19
N ALA A 24 9.05 -8.43 1.95
CA ALA A 24 8.24 -8.76 3.11
C ALA A 24 6.92 -9.40 2.70
N PHE A 25 6.26 -8.81 1.71
CA PHE A 25 5.01 -9.34 1.21
C PHE A 25 5.23 -10.68 0.51
N GLU A 26 6.27 -10.77 -0.31
CA GLU A 26 6.59 -12.01 -1.00
C GLU A 26 6.87 -13.13 0.01
N ASP A 27 7.47 -12.77 1.13
CA ASP A 27 7.78 -13.75 2.18
C ASP A 27 6.51 -14.26 2.83
N GLU A 28 5.51 -13.39 2.95
CA GLU A 28 4.24 -13.75 3.54
C GLU A 28 3.39 -14.55 2.55
N GLY A 29 3.82 -14.60 1.31
CA GLY A 29 3.11 -15.35 0.30
C GLY A 29 2.16 -14.47 -0.50
N ALA A 30 2.67 -13.35 -0.98
CA ALA A 30 1.88 -12.43 -1.77
C ALA A 30 2.67 -11.95 -2.98
N GLU A 31 1.98 -11.38 -3.95
CA GLU A 31 2.61 -10.92 -5.18
C GLU A 31 2.60 -9.40 -5.23
N VAL A 32 3.78 -8.81 -5.37
CA VAL A 32 3.94 -7.37 -5.17
C VAL A 32 4.13 -6.62 -6.48
N VAL A 33 3.48 -5.47 -6.58
CA VAL A 33 3.71 -4.53 -7.67
C VAL A 33 4.31 -3.26 -7.07
N VAL A 34 5.36 -2.74 -7.68
CA VAL A 34 6.00 -1.54 -7.16
C VAL A 34 5.70 -0.33 -8.05
N ALA A 35 5.28 0.76 -7.42
CA ALA A 35 5.03 2.01 -8.13
C ALA A 35 5.51 3.19 -7.29
N ALA A 36 6.03 4.22 -7.94
CA ALA A 36 6.51 5.40 -7.24
C ALA A 36 5.62 6.61 -7.49
N THR A 37 4.62 6.44 -8.34
CA THR A 37 3.75 7.54 -8.70
C THR A 37 2.30 7.11 -8.66
N CYS A 38 1.40 8.06 -8.90
CA CYS A 38 0.00 7.73 -9.04
C CYS A 38 -0.22 6.93 -10.32
N GLU A 39 0.35 7.43 -11.39
CA GLU A 39 0.14 6.86 -12.73
C GLU A 39 0.55 5.39 -12.78
N GLN A 40 1.76 5.09 -12.31
CA GLN A 40 2.23 3.73 -12.24
C GLN A 40 1.33 2.85 -11.37
N ALA A 41 0.81 3.42 -10.31
CA ALA A 41 -0.07 2.71 -9.40
C ALA A 41 -1.42 2.46 -10.05
N LEU A 42 -2.00 3.52 -10.60
CA LEU A 42 -3.29 3.46 -11.24
C LEU A 42 -3.25 2.49 -12.43
N LYS A 43 -2.08 2.33 -13.00
CA LYS A 43 -1.87 1.36 -14.05
C LYS A 43 -2.13 -0.05 -13.53
N SER A 44 -1.41 -0.43 -12.48
CA SER A 44 -1.58 -1.74 -11.88
C SER A 44 -2.92 -1.85 -11.16
N LEU A 45 -3.53 -0.72 -10.86
CA LEU A 45 -4.84 -0.70 -10.26
C LEU A 45 -5.87 -1.21 -11.27
N ALA A 46 -5.73 -0.78 -12.52
CA ALA A 46 -6.64 -1.20 -13.57
C ALA A 46 -6.19 -2.52 -14.20
N ASP A 47 -4.90 -2.62 -14.47
CA ASP A 47 -4.34 -3.80 -15.14
C ASP A 47 -4.34 -5.02 -14.23
N ASN A 48 -4.08 -4.79 -12.95
CA ASN A 48 -4.01 -5.88 -11.99
C ASN A 48 -5.14 -5.77 -10.97
N PRO A 49 -5.58 -6.91 -10.46
CA PRO A 49 -6.62 -6.98 -9.43
C PRO A 49 -6.04 -6.85 -8.04
N ILE A 50 -5.80 -5.61 -7.64
CA ILE A 50 -5.18 -5.30 -6.37
C ILE A 50 -6.04 -5.77 -5.20
N ASP A 51 -5.45 -6.60 -4.35
CA ASP A 51 -6.12 -7.09 -3.16
C ASP A 51 -5.85 -6.16 -1.99
N VAL A 52 -4.63 -5.65 -1.93
CA VAL A 52 -4.20 -4.82 -0.82
C VAL A 52 -3.03 -3.95 -1.26
N ALA A 53 -2.84 -2.82 -0.60
CA ALA A 53 -1.80 -1.90 -0.98
C ALA A 53 -1.10 -1.29 0.21
N VAL A 54 0.06 -0.73 -0.04
CA VAL A 54 0.82 -0.01 0.96
C VAL A 54 1.34 1.28 0.36
N LEU A 55 0.81 2.39 0.83
CA LEU A 55 1.04 3.67 0.18
C LEU A 55 1.87 4.60 1.05
N ASP A 56 3.07 4.92 0.57
CA ASP A 56 3.85 6.00 1.17
C ASP A 56 3.28 7.32 0.70
N VAL A 57 2.91 8.15 1.63
CA VAL A 57 2.24 9.39 1.31
C VAL A 57 3.26 10.49 1.08
N ASN A 58 4.50 10.22 1.41
CA ASN A 58 5.58 11.19 1.26
C ASN A 58 6.53 10.73 0.16
N LEU A 59 5.99 10.50 -1.04
CA LEU A 59 6.78 10.07 -2.18
C LEU A 59 7.83 11.12 -2.52
N GLY A 60 7.50 12.36 -2.17
CA GLY A 60 8.42 13.46 -2.34
C GLY A 60 7.90 14.69 -1.63
N PRO A 61 8.51 15.86 -1.87
CA PRO A 61 8.04 17.13 -1.30
C PRO A 61 6.56 17.38 -1.61
N LYS A 62 6.18 17.10 -2.84
CA LYS A 62 4.79 17.26 -3.26
C LYS A 62 4.20 15.91 -3.63
N SER A 63 5.01 15.02 -4.19
CA SER A 63 4.57 13.71 -4.61
C SER A 63 3.96 12.94 -3.45
N HIS A 64 2.73 12.52 -3.63
CA HIS A 64 2.01 11.78 -2.60
C HIS A 64 1.11 10.73 -3.23
N CYS A 65 0.88 9.63 -2.52
CA CYS A 65 -0.09 8.65 -2.95
C CYS A 65 -1.51 9.21 -2.73
N GLY A 66 -2.00 9.97 -3.70
CA GLY A 66 -3.32 10.56 -3.56
C GLY A 66 -4.36 9.86 -4.41
N PRO A 67 -4.30 10.03 -5.75
CA PRO A 67 -5.20 9.34 -6.66
C PRO A 67 -5.17 7.83 -6.46
N VAL A 68 -4.05 7.34 -5.93
CA VAL A 68 -3.90 5.91 -5.65
C VAL A 68 -4.80 5.49 -4.51
N ALA A 69 -4.75 6.28 -3.44
CA ALA A 69 -5.57 6.04 -2.27
C ALA A 69 -7.03 6.07 -2.65
N ASP A 70 -7.39 7.08 -3.42
CA ASP A 70 -8.75 7.23 -3.92
C ASP A 70 -9.12 6.05 -4.80
N ALA A 71 -8.19 5.65 -5.66
CA ALA A 71 -8.39 4.50 -6.54
C ALA A 71 -8.72 3.25 -5.75
N LEU A 72 -7.95 3.03 -4.69
CA LEU A 72 -8.17 1.92 -3.80
C LEU A 72 -9.50 2.07 -3.10
N LYS A 73 -9.76 3.27 -2.59
CA LYS A 73 -11.01 3.59 -1.93
C LYS A 73 -12.20 3.38 -2.86
N GLN A 74 -12.00 3.63 -4.16
CA GLN A 74 -13.04 3.41 -5.17
C GLN A 74 -13.50 1.96 -5.16
N ARG A 75 -12.54 1.04 -5.16
CA ARG A 75 -12.85 -0.38 -5.18
C ARG A 75 -12.93 -0.94 -3.77
N ALA A 76 -12.85 -0.05 -2.79
CA ALA A 76 -12.89 -0.41 -1.37
C ALA A 76 -11.76 -1.38 -1.02
N ILE A 77 -10.63 -1.24 -1.70
CA ILE A 77 -9.48 -2.07 -1.44
C ILE A 77 -8.80 -1.63 -0.16
N PRO A 78 -8.42 -2.58 0.70
CA PRO A 78 -7.71 -2.28 1.92
C PRO A 78 -6.26 -1.95 1.66
N PHE A 79 -5.77 -0.94 2.35
CA PHE A 79 -4.40 -0.50 2.18
C PHE A 79 -3.93 0.23 3.42
N ILE A 80 -2.63 0.31 3.58
CA ILE A 80 -2.06 1.00 4.72
C ILE A 80 -1.12 2.09 4.24
N LEU A 81 -1.16 3.24 4.90
CA LEU A 81 -0.28 4.33 4.54
C LEU A 81 1.02 4.21 5.31
N HIS A 82 2.07 3.86 4.60
CA HIS A 82 3.38 3.73 5.20
C HIS A 82 4.21 4.96 4.81
N THR A 83 3.85 6.08 5.42
CA THR A 83 4.37 7.38 5.05
C THR A 83 5.46 7.86 6.00
N GLY A 84 6.35 8.71 5.50
CA GLY A 84 7.38 9.30 6.31
C GLY A 84 6.96 10.62 6.93
N ASP A 85 5.80 11.11 6.51
CA ASP A 85 5.25 12.35 7.05
C ASP A 85 3.75 12.21 7.30
N LEU A 86 3.34 12.60 8.50
CA LEU A 86 1.92 12.62 8.83
C LEU A 86 1.50 14.05 9.15
N ASP A 87 2.46 14.95 9.15
CA ASP A 87 2.21 16.34 9.49
C ASP A 87 1.72 17.13 8.27
N ARG A 88 2.54 17.17 7.23
CA ARG A 88 2.24 17.91 6.03
C ARG A 88 1.11 17.24 5.25
N HIS A 89 1.18 15.92 5.18
CA HIS A 89 0.18 15.15 4.46
C HIS A 89 -0.99 14.80 5.38
N GLY A 90 -1.08 15.49 6.52
CA GLY A 90 -2.09 15.20 7.51
C GLY A 90 -3.50 15.30 6.96
N GLU A 91 -3.81 16.41 6.30
CA GLU A 91 -5.13 16.61 5.72
C GLU A 91 -5.40 15.57 4.64
N LEU A 92 -4.37 15.28 3.85
CA LEU A 92 -4.46 14.28 2.80
C LEU A 92 -4.82 12.91 3.40
N LEU A 93 -4.19 12.59 4.52
CA LEU A 93 -4.44 11.34 5.23
C LEU A 93 -5.89 11.24 5.68
N ARG A 94 -6.47 12.38 6.05
CA ARG A 94 -7.86 12.42 6.50
C ARG A 94 -8.81 12.19 5.33
N LYS A 95 -8.37 12.56 4.13
CA LYS A 95 -9.12 12.34 2.91
C LYS A 95 -9.07 10.86 2.54
N ILE A 96 -7.93 10.25 2.84
CA ILE A 96 -7.72 8.83 2.58
C ILE A 96 -8.54 7.97 3.53
N ASP A 97 -8.34 8.19 4.83
CA ASP A 97 -9.03 7.42 5.88
C ASP A 97 -8.71 5.93 5.76
N ALA A 98 -7.54 5.56 6.23
CA ALA A 98 -7.07 4.18 6.21
C ALA A 98 -5.93 4.01 7.22
N PRO A 99 -5.60 2.77 7.60
CA PRO A 99 -4.55 2.50 8.60
C PRO A 99 -3.20 3.07 8.18
N VAL A 100 -2.46 3.60 9.15
CA VAL A 100 -1.19 4.24 8.89
C VAL A 100 -0.05 3.54 9.63
N MET A 101 1.04 3.28 8.92
CA MET A 101 2.26 2.75 9.50
C MET A 101 3.39 3.74 9.27
N ALA A 102 3.56 4.64 10.24
CA ALA A 102 4.53 5.73 10.13
C ALA A 102 5.96 5.19 10.05
N LYS A 103 6.84 5.98 9.44
CA LYS A 103 8.25 5.63 9.33
C LYS A 103 9.00 6.20 10.52
N PRO A 104 10.02 5.49 11.03
CA PRO A 104 10.45 4.21 10.46
C PRO A 104 9.51 3.06 10.80
N ALA A 105 9.29 2.19 9.83
CA ALA A 105 8.42 1.05 10.01
C ALA A 105 9.05 -0.19 9.40
N ASP A 106 9.10 -1.25 10.18
CA ASP A 106 9.66 -2.49 9.69
C ASP A 106 8.70 -3.11 8.70
N THR A 107 9.24 -3.48 7.56
CA THR A 107 8.45 -3.91 6.43
C THR A 107 7.68 -5.19 6.72
N SER A 108 8.14 -5.98 7.69
CA SER A 108 7.42 -7.19 8.07
C SER A 108 6.11 -6.82 8.75
N ASP A 109 6.16 -5.82 9.62
CA ASP A 109 4.97 -5.35 10.34
C ASP A 109 4.01 -4.71 9.37
N VAL A 110 4.57 -3.92 8.46
CA VAL A 110 3.77 -3.25 7.45
C VAL A 110 3.06 -4.27 6.56
N ALA A 111 3.79 -5.30 6.16
CA ALA A 111 3.25 -6.34 5.29
C ALA A 111 2.15 -7.14 5.97
N LYS A 112 2.44 -7.62 7.17
CA LYS A 112 1.51 -8.47 7.90
C LYS A 112 0.22 -7.74 8.25
N ARG A 113 0.33 -6.47 8.65
CA ARG A 113 -0.83 -5.64 8.92
C ARG A 113 -1.67 -5.41 7.67
N ALA A 114 -1.00 -5.36 6.52
CA ALA A 114 -1.68 -5.11 5.26
C ALA A 114 -2.38 -6.36 4.75
N LEU A 115 -1.63 -7.46 4.69
CA LEU A 115 -2.13 -8.71 4.13
C LEU A 115 -3.30 -9.29 4.91
N GLU A 116 -3.39 -8.98 6.19
CA GLU A 116 -4.48 -9.51 7.01
C GLU A 116 -5.81 -8.87 6.62
N MET A 117 -5.73 -7.65 6.10
CA MET A 117 -6.92 -6.92 5.68
C MET A 117 -7.55 -7.55 4.43
N CYS A 118 -6.74 -8.23 3.63
CA CYS A 118 -7.23 -8.90 2.45
C CYS A 118 -6.38 -10.11 2.10
N GLY A 119 -6.43 -11.11 2.95
CA GLY A 119 -5.75 -12.35 2.67
C GLY A 119 -6.73 -13.47 2.42
N GLY A 120 -8.00 -13.16 2.62
CA GLY A 120 -9.05 -14.15 2.44
C GLY A 120 -9.86 -14.33 3.70
N ASP A 121 -9.20 -14.21 4.85
CA ASP A 121 -9.85 -14.41 6.13
C ASP A 121 -10.66 -13.19 6.52
N LYS A 122 -11.98 -13.28 6.37
CA LYS A 122 -12.87 -12.19 6.73
C LYS A 122 -13.62 -12.54 8.01
N GLU A 123 -13.96 -11.51 8.77
CA GLU A 123 -14.59 -11.70 10.08
C GLU A 123 -16.10 -11.87 9.94
N PRO A 124 -16.63 -13.03 10.29
CA PRO A 124 -18.07 -13.28 10.30
C PRO A 124 -18.72 -12.80 11.59
N ALA A 125 -20.04 -12.82 11.64
CA ALA A 125 -20.77 -12.43 12.84
C ALA A 125 -20.89 -13.60 13.80
N GLY A 1 1.07 -13.31 -12.62
CA GLY A 1 -0.29 -13.74 -12.21
C GLY A 1 -0.31 -14.34 -10.82
N ALA A 2 -1.23 -13.89 -10.00
CA ALA A 2 -1.34 -14.37 -8.63
C ALA A 2 -2.78 -14.34 -8.14
N MET A 3 -3.41 -15.50 -8.12
CA MET A 3 -4.79 -15.62 -7.65
C MET A 3 -4.82 -16.21 -6.24
N GLY A 4 -3.76 -16.89 -5.87
CA GLY A 4 -3.64 -17.45 -4.54
C GLY A 4 -2.90 -16.53 -3.61
N MET A 5 -1.90 -15.87 -4.15
CA MET A 5 -1.14 -14.87 -3.43
C MET A 5 -1.77 -13.50 -3.66
N PRO A 6 -2.01 -12.74 -2.59
CA PRO A 6 -2.62 -11.42 -2.68
C PRO A 6 -1.79 -10.47 -3.53
N LYS A 7 -2.46 -9.75 -4.41
CA LYS A 7 -1.79 -8.81 -5.29
C LYS A 7 -1.58 -7.50 -4.55
N VAL A 8 -0.36 -7.26 -4.13
CA VAL A 8 -0.04 -6.10 -3.32
C VAL A 8 0.57 -5.00 -4.17
N LEU A 9 0.04 -3.80 -4.02
CA LEU A 9 0.55 -2.65 -4.73
C LEU A 9 1.33 -1.74 -3.78
N VAL A 10 2.64 -1.66 -4.00
CA VAL A 10 3.49 -0.82 -3.16
C VAL A 10 3.67 0.58 -3.77
N LEU A 11 3.30 1.57 -2.98
CA LEU A 11 3.53 2.96 -3.34
C LEU A 11 4.70 3.50 -2.54
N GLU A 12 5.84 3.55 -3.19
CA GLU A 12 7.07 3.96 -2.53
C GLU A 12 8.06 4.45 -3.57
N ASP A 13 8.59 5.65 -3.35
CA ASP A 13 9.51 6.28 -4.28
C ASP A 13 10.95 5.88 -3.92
N GLU A 14 11.13 5.37 -2.71
CA GLU A 14 12.42 4.83 -2.28
C GLU A 14 12.51 3.35 -2.65
N PRO A 15 13.35 3.02 -3.64
CA PRO A 15 13.46 1.65 -4.16
C PRO A 15 13.86 0.64 -3.10
N LEU A 16 14.70 1.06 -2.16
CA LEU A 16 15.10 0.17 -1.06
C LEU A 16 13.89 -0.20 -0.22
N ILE A 17 13.12 0.81 0.18
CA ILE A 17 11.91 0.60 0.97
C ILE A 17 10.89 -0.20 0.15
N ALA A 18 10.71 0.20 -1.10
CA ALA A 18 9.78 -0.47 -2.01
C ALA A 18 10.13 -1.94 -2.14
N MET A 19 11.39 -2.20 -2.46
CA MET A 19 11.90 -3.55 -2.61
C MET A 19 11.81 -4.31 -1.29
N ASN A 20 12.05 -3.61 -0.19
CA ASN A 20 12.02 -4.23 1.14
C ASN A 20 10.62 -4.69 1.49
N LEU A 21 9.64 -3.80 1.27
CA LEU A 21 8.24 -4.14 1.44
C LEU A 21 7.87 -5.28 0.51
N GLN A 22 8.30 -5.15 -0.74
CA GLN A 22 8.07 -6.16 -1.75
C GLN A 22 8.51 -7.54 -1.26
N TYR A 23 9.73 -7.64 -0.75
CA TYR A 23 10.23 -8.91 -0.23
C TYR A 23 9.46 -9.32 1.02
N ALA A 24 9.02 -8.34 1.80
CA ALA A 24 8.29 -8.61 3.04
C ALA A 24 6.94 -9.26 2.73
N PHE A 25 6.25 -8.72 1.74
CA PHE A 25 4.97 -9.27 1.32
C PHE A 25 5.16 -10.64 0.68
N GLU A 26 6.14 -10.76 -0.21
CA GLU A 26 6.43 -12.02 -0.86
C GLU A 26 6.84 -13.08 0.17
N ASP A 27 7.46 -12.63 1.26
CA ASP A 27 7.81 -13.51 2.36
C ASP A 27 6.55 -14.07 3.02
N GLU A 28 5.55 -13.22 3.20
CA GLU A 28 4.28 -13.63 3.81
C GLU A 28 3.46 -14.47 2.85
N GLY A 29 3.82 -14.42 1.57
CA GLY A 29 3.13 -15.21 0.57
C GLY A 29 2.20 -14.38 -0.28
N ALA A 30 2.68 -13.23 -0.73
CA ALA A 30 1.88 -12.35 -1.58
C ALA A 30 2.72 -11.86 -2.75
N GLU A 31 2.07 -11.53 -3.85
CA GLU A 31 2.76 -11.02 -5.04
C GLU A 31 2.73 -9.51 -5.01
N VAL A 32 3.81 -8.87 -5.45
CA VAL A 32 3.95 -7.44 -5.27
C VAL A 32 4.18 -6.70 -6.58
N VAL A 33 3.61 -5.51 -6.69
CA VAL A 33 3.89 -4.59 -7.78
C VAL A 33 4.49 -3.31 -7.21
N VAL A 34 5.58 -2.85 -7.78
CA VAL A 34 6.23 -1.64 -7.32
C VAL A 34 5.80 -0.42 -8.14
N ALA A 35 5.41 0.64 -7.44
CA ALA A 35 5.08 1.91 -8.09
C ALA A 35 5.55 3.08 -7.24
N ALA A 36 6.19 4.05 -7.88
CA ALA A 36 6.66 5.24 -7.19
C ALA A 36 5.73 6.41 -7.42
N THR A 37 4.84 6.27 -8.39
CA THR A 37 3.93 7.34 -8.75
C THR A 37 2.49 6.88 -8.69
N CYS A 38 1.58 7.84 -8.62
CA CYS A 38 0.17 7.52 -8.67
C CYS A 38 -0.19 6.94 -10.01
N GLU A 39 0.49 7.42 -11.05
CA GLU A 39 0.27 6.95 -12.41
C GLU A 39 0.62 5.46 -12.54
N GLN A 40 1.79 5.08 -12.03
CA GLN A 40 2.20 3.68 -12.05
C GLN A 40 1.19 2.83 -11.30
N ALA A 41 0.74 3.35 -10.17
CA ALA A 41 -0.21 2.66 -9.33
C ALA A 41 -1.52 2.41 -10.06
N LEU A 42 -2.09 3.47 -10.62
CA LEU A 42 -3.36 3.36 -11.33
C LEU A 42 -3.24 2.43 -12.53
N LYS A 43 -2.05 2.35 -13.09
CA LYS A 43 -1.78 1.47 -14.21
C LYS A 43 -1.87 0.02 -13.75
N SER A 44 -1.11 -0.32 -12.71
CA SER A 44 -1.10 -1.67 -12.19
C SER A 44 -2.46 -2.03 -11.60
N LEU A 45 -3.11 -1.02 -11.01
CA LEU A 45 -4.43 -1.19 -10.41
C LEU A 45 -5.45 -1.61 -11.47
N ALA A 46 -5.29 -1.09 -12.68
CA ALA A 46 -6.21 -1.42 -13.75
C ALA A 46 -5.83 -2.74 -14.42
N ASP A 47 -4.54 -3.01 -14.47
CA ASP A 47 -4.02 -4.20 -15.14
C ASP A 47 -4.18 -5.45 -14.29
N ASN A 48 -3.96 -5.29 -12.99
CA ASN A 48 -3.99 -6.42 -12.06
C ASN A 48 -5.14 -6.27 -11.07
N PRO A 49 -5.50 -7.37 -10.39
CA PRO A 49 -6.53 -7.36 -9.38
C PRO A 49 -5.94 -7.16 -7.99
N ILE A 50 -5.70 -5.91 -7.64
CA ILE A 50 -5.04 -5.56 -6.41
C ILE A 50 -5.88 -5.93 -5.19
N ASP A 51 -5.30 -6.76 -4.33
CA ASP A 51 -5.96 -7.24 -3.14
C ASP A 51 -5.68 -6.31 -1.96
N VAL A 52 -4.49 -5.72 -1.95
CA VAL A 52 -4.08 -4.85 -0.87
C VAL A 52 -2.95 -3.96 -1.33
N ALA A 53 -2.76 -2.83 -0.65
CA ALA A 53 -1.72 -1.90 -1.04
C ALA A 53 -1.05 -1.24 0.17
N VAL A 54 0.13 -0.69 -0.06
CA VAL A 54 0.84 0.07 0.96
C VAL A 54 1.32 1.38 0.37
N LEU A 55 0.76 2.47 0.82
CA LEU A 55 0.98 3.76 0.20
C LEU A 55 1.77 4.69 1.09
N ASP A 56 2.90 5.17 0.60
CA ASP A 56 3.61 6.25 1.28
C ASP A 56 2.97 7.57 0.88
N VAL A 57 2.38 8.22 1.86
CA VAL A 57 1.69 9.48 1.65
C VAL A 57 2.69 10.62 1.49
N ASN A 58 3.95 10.32 1.74
CA ASN A 58 5.02 11.30 1.63
C ASN A 58 6.10 10.79 0.70
N LEU A 59 5.75 10.64 -0.57
CA LEU A 59 6.69 10.19 -1.59
C LEU A 59 7.81 11.22 -1.75
N GLY A 60 7.45 12.46 -1.49
CA GLY A 60 8.41 13.54 -1.50
C GLY A 60 7.89 14.75 -0.75
N PRO A 61 8.49 15.93 -0.96
CA PRO A 61 8.03 17.17 -0.32
C PRO A 61 6.55 17.46 -0.58
N LYS A 62 6.09 17.18 -1.78
CA LYS A 62 4.70 17.39 -2.14
C LYS A 62 4.08 16.12 -2.70
N SER A 63 4.89 15.35 -3.43
CA SER A 63 4.42 14.13 -4.06
C SER A 63 3.91 13.14 -3.02
N HIS A 64 2.69 12.67 -3.25
CA HIS A 64 2.00 11.82 -2.29
C HIS A 64 1.17 10.76 -3.00
N CYS A 65 0.90 9.66 -2.33
CA CYS A 65 -0.07 8.70 -2.81
C CYS A 65 -1.48 9.32 -2.68
N GLY A 66 -1.91 10.06 -3.68
CA GLY A 66 -3.19 10.73 -3.61
C GLY A 66 -4.26 10.02 -4.42
N PRO A 67 -4.21 10.15 -5.75
CA PRO A 67 -5.13 9.44 -6.64
C PRO A 67 -5.14 7.94 -6.37
N VAL A 68 -4.03 7.42 -5.84
CA VAL A 68 -3.93 6.01 -5.53
C VAL A 68 -4.83 5.65 -4.36
N ALA A 69 -4.79 6.49 -3.35
CA ALA A 69 -5.61 6.30 -2.15
C ALA A 69 -7.07 6.29 -2.53
N ASP A 70 -7.48 7.33 -3.23
CA ASP A 70 -8.86 7.46 -3.69
C ASP A 70 -9.22 6.30 -4.61
N ALA A 71 -8.27 5.89 -5.45
CA ALA A 71 -8.45 4.77 -6.36
C ALA A 71 -8.81 3.50 -5.61
N LEU A 72 -8.03 3.21 -4.58
CA LEU A 72 -8.24 2.05 -3.75
C LEU A 72 -9.53 2.19 -2.97
N LYS A 73 -9.78 3.41 -2.49
CA LYS A 73 -11.01 3.73 -1.80
C LYS A 73 -12.23 3.49 -2.69
N GLN A 74 -12.09 3.84 -3.98
CA GLN A 74 -13.16 3.64 -4.95
C GLN A 74 -13.45 2.17 -5.16
N ARG A 75 -12.40 1.36 -5.26
CA ARG A 75 -12.57 -0.06 -5.53
C ARG A 75 -12.74 -0.84 -4.23
N ALA A 76 -12.75 -0.10 -3.12
CA ALA A 76 -12.90 -0.68 -1.78
C ALA A 76 -11.76 -1.64 -1.45
N ILE A 77 -10.59 -1.36 -2.01
CA ILE A 77 -9.42 -2.17 -1.76
C ILE A 77 -8.75 -1.73 -0.47
N PRO A 78 -8.42 -2.69 0.40
CA PRO A 78 -7.75 -2.39 1.66
C PRO A 78 -6.29 -2.04 1.44
N PHE A 79 -5.83 -1.03 2.15
CA PHE A 79 -4.47 -0.56 2.02
C PHE A 79 -4.04 0.17 3.27
N ILE A 80 -2.74 0.23 3.49
CA ILE A 80 -2.19 0.89 4.65
C ILE A 80 -1.24 1.99 4.21
N LEU A 81 -1.27 3.11 4.90
CA LEU A 81 -0.39 4.21 4.58
C LEU A 81 0.91 4.06 5.35
N HIS A 82 1.97 3.73 4.64
CA HIS A 82 3.27 3.61 5.24
C HIS A 82 4.09 4.85 4.88
N THR A 83 3.70 5.95 5.51
CA THR A 83 4.22 7.26 5.16
C THR A 83 5.32 7.70 6.11
N GLY A 84 6.18 8.58 5.62
CA GLY A 84 7.25 9.13 6.44
C GLY A 84 6.92 10.47 7.04
N ASP A 85 5.72 10.97 6.76
CA ASP A 85 5.29 12.26 7.31
C ASP A 85 3.77 12.32 7.37
N LEU A 86 3.25 12.52 8.57
CA LEU A 86 1.82 12.49 8.79
C LEU A 86 1.25 13.88 9.01
N ASP A 87 2.09 14.82 9.45
CA ASP A 87 1.62 16.16 9.79
C ASP A 87 1.52 17.03 8.55
N ARG A 88 2.38 16.78 7.58
CA ARG A 88 2.37 17.53 6.33
C ARG A 88 1.27 16.99 5.41
N HIS A 89 0.69 15.86 5.79
CA HIS A 89 -0.31 15.21 4.96
C HIS A 89 -1.54 14.84 5.78
N GLY A 90 -1.74 15.55 6.88
CA GLY A 90 -2.83 15.21 7.79
C GLY A 90 -4.20 15.37 7.16
N GLU A 91 -4.38 16.45 6.41
CA GLU A 91 -5.65 16.71 5.75
C GLU A 91 -5.86 15.74 4.59
N LEU A 92 -4.76 15.23 4.05
CA LEU A 92 -4.82 14.22 3.01
C LEU A 92 -5.21 12.87 3.62
N LEU A 93 -4.60 12.54 4.76
CA LEU A 93 -4.84 11.29 5.45
C LEU A 93 -6.31 11.12 5.82
N ARG A 94 -6.95 12.23 6.22
CA ARG A 94 -8.36 12.19 6.59
C ARG A 94 -9.24 11.83 5.39
N LYS A 95 -8.75 12.14 4.19
CA LYS A 95 -9.47 11.79 2.96
C LYS A 95 -9.32 10.32 2.66
N ILE A 96 -8.15 9.80 2.99
CA ILE A 96 -7.82 8.41 2.76
C ILE A 96 -8.63 7.51 3.71
N ASP A 97 -8.56 7.83 4.99
CA ASP A 97 -9.27 7.08 6.03
C ASP A 97 -8.92 5.60 5.96
N ALA A 98 -7.69 5.28 6.35
CA ALA A 98 -7.19 3.92 6.33
C ALA A 98 -6.05 3.79 7.33
N PRO A 99 -5.69 2.56 7.73
CA PRO A 99 -4.62 2.32 8.71
C PRO A 99 -3.29 2.92 8.27
N VAL A 100 -2.55 3.47 9.23
CA VAL A 100 -1.28 4.10 8.94
C VAL A 100 -0.13 3.40 9.68
N MET A 101 0.95 3.15 8.96
CA MET A 101 2.18 2.62 9.54
C MET A 101 3.30 3.63 9.31
N ALA A 102 3.48 4.53 10.26
CA ALA A 102 4.45 5.62 10.13
C ALA A 102 5.88 5.09 10.07
N LYS A 103 6.74 5.86 9.41
CA LYS A 103 8.15 5.51 9.30
C LYS A 103 8.92 6.13 10.47
N PRO A 104 9.95 5.43 10.98
CA PRO A 104 10.38 4.13 10.47
C PRO A 104 9.39 3.02 10.80
N ALA A 105 9.21 2.11 9.86
CA ALA A 105 8.31 0.98 10.04
C ALA A 105 8.91 -0.28 9.46
N ASP A 106 8.91 -1.33 10.26
CA ASP A 106 9.43 -2.62 9.83
C ASP A 106 8.56 -3.16 8.71
N THR A 107 9.20 -3.45 7.59
CA THR A 107 8.49 -3.83 6.38
C THR A 107 7.70 -5.12 6.55
N SER A 108 8.14 -5.98 7.45
CA SER A 108 7.42 -7.21 7.75
C SER A 108 6.13 -6.87 8.49
N ASP A 109 6.21 -5.91 9.41
CA ASP A 109 5.04 -5.46 10.15
C ASP A 109 4.06 -4.80 9.19
N VAL A 110 4.60 -3.97 8.32
CA VAL A 110 3.81 -3.27 7.32
C VAL A 110 3.10 -4.28 6.42
N ALA A 111 3.84 -5.31 6.00
CA ALA A 111 3.32 -6.35 5.14
C ALA A 111 2.23 -7.15 5.85
N LYS A 112 2.53 -7.59 7.06
CA LYS A 112 1.60 -8.38 7.85
C LYS A 112 0.28 -7.64 8.04
N ARG A 113 0.35 -6.42 8.59
CA ARG A 113 -0.84 -5.65 8.92
C ARG A 113 -1.69 -5.39 7.70
N ALA A 114 -1.04 -5.18 6.56
CA ALA A 114 -1.74 -4.93 5.30
C ALA A 114 -2.47 -6.19 4.84
N LEU A 115 -1.74 -7.30 4.80
CA LEU A 115 -2.30 -8.57 4.37
C LEU A 115 -3.41 -9.05 5.30
N GLU A 116 -3.36 -8.62 6.56
CA GLU A 116 -4.41 -8.95 7.53
C GLU A 116 -5.78 -8.44 7.07
N MET A 117 -5.77 -7.38 6.26
CA MET A 117 -7.02 -6.80 5.77
C MET A 117 -7.49 -7.51 4.50
N CYS A 118 -6.72 -8.48 4.05
CA CYS A 118 -7.08 -9.25 2.86
C CYS A 118 -6.83 -10.73 3.12
N GLY A 119 -7.71 -11.33 3.91
CA GLY A 119 -7.60 -12.75 4.20
C GLY A 119 -6.87 -13.01 5.51
N GLY A 120 -7.01 -12.09 6.45
CA GLY A 120 -6.37 -12.24 7.75
C GLY A 120 -7.36 -12.57 8.84
N ASP A 121 -8.29 -13.47 8.52
CA ASP A 121 -9.34 -13.91 9.44
C ASP A 121 -10.40 -12.83 9.62
N LYS A 122 -11.62 -13.24 9.98
CA LYS A 122 -12.74 -12.32 10.18
C LYS A 122 -13.08 -11.61 8.88
N GLU A 123 -13.51 -12.38 7.89
CA GLU A 123 -13.88 -11.85 6.59
C GLU A 123 -15.26 -11.19 6.66
N PRO A 124 -15.34 -9.90 6.30
CA PRO A 124 -16.61 -9.17 6.32
C PRO A 124 -17.55 -9.62 5.21
N ALA A 125 -18.84 -9.35 5.38
CA ALA A 125 -19.84 -9.75 4.42
C ALA A 125 -20.13 -8.63 3.45
N GLY A 1 -3.21 -19.36 5.50
CA GLY A 1 -4.27 -18.35 5.68
C GLY A 1 -4.94 -17.99 4.37
N ALA A 2 -4.24 -17.22 3.55
CA ALA A 2 -4.75 -16.81 2.25
C ALA A 2 -4.85 -18.02 1.32
N MET A 3 -5.95 -18.07 0.56
CA MET A 3 -6.22 -19.18 -0.35
C MET A 3 -5.21 -19.23 -1.48
N GLY A 4 -4.67 -18.08 -1.80
CA GLY A 4 -3.64 -17.99 -2.81
C GLY A 4 -2.63 -16.91 -2.46
N MET A 5 -2.19 -16.16 -3.45
CA MET A 5 -1.28 -15.06 -3.20
C MET A 5 -1.96 -13.74 -3.52
N PRO A 6 -2.07 -12.86 -2.52
CA PRO A 6 -2.70 -11.55 -2.67
C PRO A 6 -1.88 -10.64 -3.58
N LYS A 7 -2.56 -9.91 -4.46
CA LYS A 7 -1.90 -8.96 -5.32
C LYS A 7 -1.75 -7.63 -4.59
N VAL A 8 -0.51 -7.34 -4.20
CA VAL A 8 -0.20 -6.16 -3.40
C VAL A 8 0.33 -5.05 -4.27
N LEU A 9 -0.09 -3.83 -4.00
CA LEU A 9 0.44 -2.66 -4.68
C LEU A 9 1.25 -1.81 -3.73
N VAL A 10 2.54 -1.69 -3.99
CA VAL A 10 3.42 -0.89 -3.15
C VAL A 10 3.65 0.48 -3.75
N LEU A 11 3.34 1.49 -2.97
CA LEU A 11 3.60 2.86 -3.34
C LEU A 11 4.80 3.37 -2.56
N GLU A 12 5.92 3.50 -3.25
CA GLU A 12 7.16 3.92 -2.62
C GLU A 12 8.19 4.25 -3.69
N ASP A 13 8.70 5.48 -3.64
CA ASP A 13 9.66 5.95 -4.62
C ASP A 13 11.08 5.56 -4.19
N GLU A 14 11.24 5.28 -2.90
CA GLU A 14 12.51 4.81 -2.36
C GLU A 14 12.67 3.32 -2.61
N PRO A 15 13.51 2.94 -3.60
CA PRO A 15 13.63 1.56 -4.05
C PRO A 15 14.03 0.59 -2.94
N LEU A 16 14.76 1.08 -1.94
CA LEU A 16 15.20 0.23 -0.85
C LEU A 16 14.00 -0.16 0.02
N ILE A 17 13.22 0.84 0.41
CA ILE A 17 12.02 0.63 1.20
C ILE A 17 11.02 -0.18 0.39
N ALA A 18 10.87 0.19 -0.87
CA ALA A 18 9.98 -0.50 -1.79
C ALA A 18 10.38 -1.97 -1.91
N MET A 19 11.66 -2.20 -2.15
CA MET A 19 12.22 -3.54 -2.22
C MET A 19 11.99 -4.31 -0.92
N ASN A 20 12.20 -3.61 0.20
CA ASN A 20 12.04 -4.20 1.50
C ASN A 20 10.59 -4.60 1.75
N LEU A 21 9.67 -3.70 1.45
CA LEU A 21 8.25 -4.00 1.53
C LEU A 21 7.91 -5.15 0.59
N GLN A 22 8.41 -5.07 -0.64
CA GLN A 22 8.16 -6.08 -1.64
C GLN A 22 8.54 -7.46 -1.12
N TYR A 23 9.76 -7.58 -0.60
CA TYR A 23 10.23 -8.86 -0.11
C TYR A 23 9.48 -9.28 1.13
N ALA A 24 8.99 -8.30 1.88
CA ALA A 24 8.20 -8.57 3.07
C ALA A 24 6.87 -9.20 2.69
N PHE A 25 6.22 -8.61 1.69
CA PHE A 25 4.95 -9.12 1.20
C PHE A 25 5.13 -10.49 0.53
N GLU A 26 6.16 -10.61 -0.28
CA GLU A 26 6.44 -11.88 -0.95
C GLU A 26 6.88 -12.94 0.05
N ASP A 27 7.48 -12.51 1.15
CA ASP A 27 7.88 -13.41 2.23
C ASP A 27 6.65 -13.96 2.93
N GLU A 28 5.58 -13.18 2.90
CA GLU A 28 4.30 -13.61 3.44
C GLU A 28 3.52 -14.42 2.41
N GLY A 29 4.12 -14.64 1.25
CA GLY A 29 3.48 -15.41 0.21
C GLY A 29 2.50 -14.60 -0.60
N ALA A 30 2.91 -13.42 -1.02
CA ALA A 30 2.07 -12.58 -1.87
C ALA A 30 2.86 -12.12 -3.09
N GLU A 31 2.18 -11.42 -3.99
CA GLU A 31 2.82 -10.90 -5.19
C GLU A 31 2.70 -9.39 -5.22
N VAL A 32 3.80 -8.73 -5.54
CA VAL A 32 3.87 -7.28 -5.38
C VAL A 32 4.04 -6.55 -6.70
N VAL A 33 3.28 -5.48 -6.87
CA VAL A 33 3.52 -4.53 -7.92
C VAL A 33 4.08 -3.26 -7.31
N VAL A 34 5.24 -2.83 -7.74
CA VAL A 34 5.88 -1.67 -7.15
C VAL A 34 5.70 -0.45 -8.02
N ALA A 35 5.14 0.61 -7.43
CA ALA A 35 4.90 1.84 -8.15
C ALA A 35 5.45 3.02 -7.37
N ALA A 36 6.05 3.95 -8.08
CA ALA A 36 6.61 5.15 -7.47
C ALA A 36 5.70 6.35 -7.68
N THR A 37 4.72 6.22 -8.56
CA THR A 37 3.83 7.33 -8.88
C THR A 37 2.37 6.93 -8.80
N CYS A 38 1.48 7.91 -8.88
CA CYS A 38 0.06 7.65 -9.00
C CYS A 38 -0.22 6.86 -10.26
N GLU A 39 0.35 7.37 -11.34
CA GLU A 39 0.20 6.76 -12.67
C GLU A 39 0.56 5.28 -12.65
N GLN A 40 1.73 4.96 -12.09
CA GLN A 40 2.16 3.58 -11.99
C GLN A 40 1.18 2.74 -11.18
N ALA A 41 0.62 3.35 -10.15
CA ALA A 41 -0.32 2.69 -9.28
C ALA A 41 -1.65 2.46 -9.97
N LEU A 42 -2.17 3.51 -10.59
CA LEU A 42 -3.43 3.46 -11.29
C LEU A 42 -3.32 2.51 -12.48
N LYS A 43 -2.11 2.39 -13.02
CA LYS A 43 -1.85 1.40 -14.06
C LYS A 43 -2.03 0.01 -13.50
N SER A 44 -1.41 -0.26 -12.36
CA SER A 44 -1.50 -1.57 -11.74
C SER A 44 -2.93 -1.86 -11.29
N LEU A 45 -3.66 -0.81 -10.91
CA LEU A 45 -5.05 -0.95 -10.53
C LEU A 45 -5.86 -1.52 -11.69
N ALA A 46 -5.58 -1.05 -12.89
CA ALA A 46 -6.29 -1.49 -14.08
C ALA A 46 -5.71 -2.79 -14.63
N ASP A 47 -4.38 -2.89 -14.59
CA ASP A 47 -3.67 -4.02 -15.18
C ASP A 47 -3.80 -5.27 -14.33
N ASN A 48 -3.79 -5.08 -13.01
CA ASN A 48 -3.83 -6.20 -12.08
C ASN A 48 -5.03 -6.08 -11.16
N PRO A 49 -5.41 -7.18 -10.51
CA PRO A 49 -6.48 -7.20 -9.52
C PRO A 49 -5.94 -6.99 -8.12
N ILE A 50 -5.83 -5.74 -7.72
CA ILE A 50 -5.23 -5.38 -6.45
C ILE A 50 -6.08 -5.85 -5.28
N ASP A 51 -5.50 -6.70 -4.45
CA ASP A 51 -6.18 -7.21 -3.25
C ASP A 51 -5.88 -6.31 -2.07
N VAL A 52 -4.70 -5.72 -2.08
CA VAL A 52 -4.25 -4.89 -0.99
C VAL A 52 -3.13 -3.99 -1.46
N ALA A 53 -2.91 -2.89 -0.78
CA ALA A 53 -1.86 -1.98 -1.14
C ALA A 53 -1.18 -1.42 0.09
N VAL A 54 -0.04 -0.80 -0.13
CA VAL A 54 0.68 -0.12 0.91
C VAL A 54 1.20 1.19 0.32
N LEU A 55 0.79 2.30 0.90
CA LEU A 55 1.06 3.59 0.30
C LEU A 55 1.95 4.44 1.18
N ASP A 56 3.19 4.62 0.75
CA ASP A 56 4.09 5.50 1.45
C ASP A 56 3.80 6.93 1.04
N VAL A 57 3.02 7.60 1.88
CA VAL A 57 2.47 8.92 1.57
C VAL A 57 3.53 9.90 1.07
N ASN A 58 4.75 9.75 1.55
CA ASN A 58 5.83 10.63 1.15
C ASN A 58 6.63 10.02 0.01
N LEU A 59 6.10 10.14 -1.20
CA LEU A 59 6.80 9.65 -2.39
C LEU A 59 7.91 10.62 -2.79
N GLY A 60 7.86 11.81 -2.21
CA GLY A 60 8.86 12.80 -2.44
C GLY A 60 8.54 14.07 -1.67
N PRO A 61 9.21 15.18 -1.99
CA PRO A 61 8.97 16.48 -1.34
C PRO A 61 7.49 16.88 -1.41
N LYS A 62 6.89 16.72 -2.58
CA LYS A 62 5.47 17.01 -2.76
C LYS A 62 4.71 15.78 -3.23
N SER A 63 5.44 14.84 -3.83
CA SER A 63 4.86 13.63 -4.36
C SER A 63 4.23 12.78 -3.25
N HIS A 64 2.99 12.40 -3.45
CA HIS A 64 2.25 11.61 -2.47
C HIS A 64 1.34 10.60 -3.17
N CYS A 65 1.04 9.49 -2.52
CA CYS A 65 0.06 8.56 -3.04
C CYS A 65 -1.34 9.10 -2.75
N GLY A 66 -1.86 9.93 -3.64
CA GLY A 66 -3.15 10.55 -3.41
C GLY A 66 -4.24 9.93 -4.26
N PRO A 67 -4.17 10.10 -5.59
CA PRO A 67 -5.10 9.45 -6.51
C PRO A 67 -5.09 7.93 -6.34
N VAL A 68 -3.98 7.41 -5.81
CA VAL A 68 -3.84 6.00 -5.54
C VAL A 68 -4.77 5.60 -4.41
N ALA A 69 -4.73 6.40 -3.35
CA ALA A 69 -5.57 6.18 -2.19
C ALA A 69 -7.03 6.19 -2.61
N ASP A 70 -7.41 7.19 -3.40
CA ASP A 70 -8.78 7.31 -3.87
C ASP A 70 -9.14 6.14 -4.77
N ALA A 71 -8.17 5.68 -5.56
CA ALA A 71 -8.37 4.54 -6.45
C ALA A 71 -8.67 3.28 -5.65
N LEU A 72 -7.97 3.13 -4.54
CA LEU A 72 -8.20 2.01 -3.66
C LEU A 72 -9.50 2.19 -2.90
N LYS A 73 -9.72 3.41 -2.41
CA LYS A 73 -10.95 3.78 -1.73
C LYS A 73 -12.17 3.54 -2.60
N GLN A 74 -12.03 3.84 -3.89
CA GLN A 74 -13.11 3.72 -4.86
C GLN A 74 -13.54 2.27 -5.04
N ARG A 75 -12.56 1.38 -5.01
CA ARG A 75 -12.82 -0.04 -5.17
C ARG A 75 -12.86 -0.78 -3.83
N ALA A 76 -12.81 -0.01 -2.75
CA ALA A 76 -12.83 -0.55 -1.38
C ALA A 76 -11.68 -1.54 -1.15
N ILE A 77 -10.55 -1.27 -1.77
CA ILE A 77 -9.36 -2.09 -1.60
C ILE A 77 -8.62 -1.68 -0.33
N PRO A 78 -8.23 -2.65 0.50
CA PRO A 78 -7.51 -2.36 1.73
C PRO A 78 -6.07 -1.94 1.49
N PHE A 79 -5.62 -0.97 2.25
CA PHE A 79 -4.27 -0.47 2.15
C PHE A 79 -3.87 0.27 3.40
N ILE A 80 -2.57 0.37 3.62
CA ILE A 80 -2.06 1.06 4.79
C ILE A 80 -1.18 2.22 4.35
N LEU A 81 -1.31 3.34 5.02
CA LEU A 81 -0.49 4.50 4.73
C LEU A 81 0.77 4.43 5.56
N HIS A 82 1.87 4.19 4.90
CA HIS A 82 3.14 4.10 5.57
C HIS A 82 3.91 5.39 5.36
N THR A 83 4.20 6.11 6.44
CA THR A 83 4.85 7.40 6.32
C THR A 83 5.26 7.92 7.70
N GLY A 84 6.28 8.75 7.73
CA GLY A 84 6.71 9.37 8.96
C GLY A 84 6.35 10.84 8.99
N ASP A 85 5.74 11.31 7.92
CA ASP A 85 5.35 12.71 7.81
C ASP A 85 3.83 12.83 7.84
N LEU A 86 3.25 12.38 8.95
CA LEU A 86 1.80 12.34 9.10
C LEU A 86 1.22 13.73 9.22
N ASP A 87 1.81 14.55 10.09
CA ASP A 87 1.31 15.90 10.34
C ASP A 87 1.42 16.76 9.07
N ARG A 88 2.45 16.49 8.29
CA ARG A 88 2.67 17.21 7.03
C ARG A 88 1.65 16.80 5.97
N HIS A 89 0.97 15.68 6.18
CA HIS A 89 0.00 15.19 5.22
C HIS A 89 -1.30 14.76 5.88
N GLY A 90 -1.67 15.44 6.96
CA GLY A 90 -2.86 15.08 7.71
C GLY A 90 -4.13 15.39 6.95
N GLU A 91 -4.07 16.40 6.10
CA GLU A 91 -5.22 16.79 5.29
C GLU A 91 -5.41 15.82 4.14
N LEU A 92 -4.32 15.19 3.73
CA LEU A 92 -4.39 14.12 2.74
C LEU A 92 -4.88 12.84 3.40
N LEU A 93 -4.31 12.51 4.55
CA LEU A 93 -4.66 11.31 5.30
C LEU A 93 -6.15 11.27 5.65
N ARG A 94 -6.70 12.42 6.02
CA ARG A 94 -8.11 12.50 6.39
C ARG A 94 -9.02 12.21 5.20
N LYS A 95 -8.52 12.44 3.99
CA LYS A 95 -9.25 12.11 2.77
C LYS A 95 -9.24 10.60 2.56
N ILE A 96 -8.18 9.97 3.03
CA ILE A 96 -7.99 8.55 2.86
C ILE A 96 -8.75 7.76 3.93
N ASP A 97 -8.50 8.11 5.19
CA ASP A 97 -9.11 7.44 6.32
C ASP A 97 -8.88 5.93 6.26
N ALA A 98 -7.65 5.55 6.56
CA ALA A 98 -7.22 4.16 6.56
C ALA A 98 -6.05 4.01 7.52
N PRO A 99 -5.63 2.78 7.86
CA PRO A 99 -4.54 2.57 8.81
C PRO A 99 -3.24 3.24 8.38
N VAL A 100 -2.57 3.89 9.31
CA VAL A 100 -1.35 4.62 9.03
C VAL A 100 -0.20 4.14 9.90
N MET A 101 0.83 3.59 9.28
CA MET A 101 2.01 3.13 10.00
C MET A 101 3.14 4.13 9.84
N ALA A 102 3.55 4.70 10.96
CA ALA A 102 4.56 5.75 10.96
C ALA A 102 5.95 5.19 10.73
N LYS A 103 6.80 5.99 10.09
CA LYS A 103 8.19 5.62 9.89
C LYS A 103 9.03 6.14 11.05
N PRO A 104 10.04 5.36 11.47
CA PRO A 104 10.39 4.08 10.85
C PRO A 104 9.40 2.96 11.20
N ALA A 105 9.17 2.09 10.23
CA ALA A 105 8.31 0.93 10.41
C ALA A 105 8.95 -0.26 9.73
N ASP A 106 9.02 -1.38 10.43
CA ASP A 106 9.61 -2.57 9.85
C ASP A 106 8.67 -3.14 8.83
N THR A 107 9.20 -3.40 7.65
CA THR A 107 8.40 -3.79 6.51
C THR A 107 7.65 -5.10 6.73
N SER A 108 8.12 -5.92 7.67
CA SER A 108 7.42 -7.16 7.97
C SER A 108 6.09 -6.85 8.65
N ASP A 109 6.11 -5.90 9.59
CA ASP A 109 4.90 -5.50 10.29
C ASP A 109 3.96 -4.80 9.34
N VAL A 110 4.51 -3.99 8.46
CA VAL A 110 3.73 -3.28 7.47
C VAL A 110 3.01 -4.26 6.54
N ALA A 111 3.76 -5.24 6.06
CA ALA A 111 3.23 -6.24 5.15
C ALA A 111 2.15 -7.07 5.82
N LYS A 112 2.44 -7.56 7.02
CA LYS A 112 1.52 -8.40 7.76
C LYS A 112 0.23 -7.65 8.10
N ARG A 113 0.36 -6.39 8.49
CA ARG A 113 -0.80 -5.57 8.82
C ARG A 113 -1.62 -5.25 7.57
N ALA A 114 -0.97 -5.23 6.42
CA ALA A 114 -1.67 -4.98 5.16
C ALA A 114 -2.38 -6.26 4.70
N LEU A 115 -1.65 -7.36 4.67
CA LEU A 115 -2.17 -8.63 4.19
C LEU A 115 -3.31 -9.17 5.04
N GLU A 116 -3.34 -8.82 6.33
CA GLU A 116 -4.40 -9.30 7.20
C GLU A 116 -5.74 -8.68 6.82
N MET A 117 -5.70 -7.50 6.22
CA MET A 117 -6.90 -6.83 5.79
C MET A 117 -7.49 -7.50 4.54
N CYS A 118 -6.63 -8.03 3.69
CA CYS A 118 -7.09 -8.74 2.50
C CYS A 118 -7.24 -10.23 2.79
N GLY A 119 -6.91 -10.62 4.02
CA GLY A 119 -7.11 -11.98 4.46
C GLY A 119 -8.31 -12.07 5.37
N GLY A 120 -9.14 -11.04 5.33
CA GLY A 120 -10.32 -10.98 6.16
C GLY A 120 -11.29 -9.93 5.67
N ASP A 121 -11.82 -10.15 4.47
CA ASP A 121 -12.73 -9.19 3.84
C ASP A 121 -14.17 -9.47 4.25
N LYS A 122 -14.32 -10.27 5.29
CA LYS A 122 -15.62 -10.62 5.82
C LYS A 122 -15.83 -9.96 7.17
N GLU A 123 -17.05 -9.55 7.44
CA GLU A 123 -17.41 -8.94 8.72
C GLU A 123 -17.31 -9.98 9.83
N PRO A 124 -16.69 -9.61 10.97
CA PRO A 124 -16.58 -10.48 12.15
C PRO A 124 -17.92 -10.63 12.88
N ALA A 125 -18.97 -10.92 12.13
CA ALA A 125 -20.31 -11.06 12.67
C ALA A 125 -21.11 -12.04 11.83
N GLY A 1 -1.72 -27.34 -1.21
CA GLY A 1 -3.14 -26.89 -1.23
C GLY A 1 -3.33 -25.66 -2.09
N ALA A 2 -4.58 -25.36 -2.42
CA ALA A 2 -4.89 -24.21 -3.25
C ALA A 2 -4.97 -22.94 -2.42
N MET A 3 -3.83 -22.31 -2.20
CA MET A 3 -3.76 -21.07 -1.46
C MET A 3 -3.95 -19.89 -2.43
N GLY A 4 -4.36 -18.77 -1.89
CA GLY A 4 -4.57 -17.60 -2.71
C GLY A 4 -3.69 -16.45 -2.29
N MET A 5 -2.60 -16.25 -3.03
CA MET A 5 -1.69 -15.16 -2.75
C MET A 5 -2.28 -13.82 -3.17
N PRO A 6 -2.28 -12.85 -2.26
CA PRO A 6 -2.82 -11.52 -2.52
C PRO A 6 -1.95 -10.71 -3.48
N LYS A 7 -2.61 -9.94 -4.34
CA LYS A 7 -1.91 -9.04 -5.24
C LYS A 7 -1.74 -7.69 -4.57
N VAL A 8 -0.52 -7.41 -4.15
CA VAL A 8 -0.22 -6.22 -3.37
C VAL A 8 0.37 -5.12 -4.24
N LEU A 9 -0.11 -3.90 -4.04
CA LEU A 9 0.42 -2.75 -4.74
C LEU A 9 1.21 -1.86 -3.79
N VAL A 10 2.52 -1.79 -3.99
CA VAL A 10 3.38 -0.98 -3.14
C VAL A 10 3.61 0.40 -3.73
N LEU A 11 3.26 1.40 -2.94
CA LEU A 11 3.54 2.79 -3.26
C LEU A 11 4.70 3.25 -2.41
N GLU A 12 5.82 3.51 -3.04
CA GLU A 12 7.03 3.97 -2.35
C GLU A 12 8.06 4.41 -3.37
N ASP A 13 8.57 5.62 -3.19
CA ASP A 13 9.54 6.19 -4.13
C ASP A 13 10.94 5.74 -3.76
N GLU A 14 11.14 5.41 -2.49
CA GLU A 14 12.42 4.89 -2.02
C GLU A 14 12.58 3.43 -2.44
N PRO A 15 13.45 3.16 -3.43
CA PRO A 15 13.62 1.82 -4.00
C PRO A 15 14.07 0.80 -2.97
N LEU A 16 14.84 1.24 -1.98
CA LEU A 16 15.31 0.35 -0.92
C LEU A 16 14.11 -0.16 -0.11
N ILE A 17 13.28 0.79 0.30
CA ILE A 17 12.07 0.50 1.06
C ILE A 17 11.07 -0.28 0.21
N ALA A 18 10.84 0.19 -1.01
CA ALA A 18 9.91 -0.46 -1.92
C ALA A 18 10.31 -1.91 -2.16
N MET A 19 11.60 -2.12 -2.41
CA MET A 19 12.16 -3.44 -2.57
C MET A 19 11.93 -4.29 -1.33
N ASN A 20 12.18 -3.69 -0.18
CA ASN A 20 12.07 -4.40 1.09
C ASN A 20 10.62 -4.74 1.41
N LEU A 21 9.71 -3.84 1.06
CA LEU A 21 8.29 -4.12 1.19
C LEU A 21 7.89 -5.24 0.25
N GLN A 22 8.36 -5.18 -0.99
CA GLN A 22 8.09 -6.21 -1.97
C GLN A 22 8.51 -7.58 -1.43
N TYR A 23 9.75 -7.68 -0.99
CA TYR A 23 10.26 -8.92 -0.43
C TYR A 23 9.52 -9.30 0.85
N ALA A 24 9.01 -8.32 1.56
CA ALA A 24 8.30 -8.57 2.81
C ALA A 24 6.95 -9.24 2.53
N PHE A 25 6.22 -8.70 1.57
CA PHE A 25 4.94 -9.29 1.19
C PHE A 25 5.14 -10.65 0.55
N GLU A 26 6.15 -10.76 -0.30
CA GLU A 26 6.50 -12.04 -0.91
C GLU A 26 6.91 -13.03 0.17
N ASP A 27 7.50 -12.50 1.24
CA ASP A 27 7.92 -13.32 2.38
C ASP A 27 6.71 -13.84 3.14
N GLU A 28 5.66 -13.03 3.21
CA GLU A 28 4.43 -13.42 3.88
C GLU A 28 3.65 -14.41 3.01
N GLY A 29 3.94 -14.39 1.72
CA GLY A 29 3.26 -15.25 0.79
C GLY A 29 2.26 -14.49 -0.05
N ALA A 30 2.74 -13.47 -0.75
CA ALA A 30 1.90 -12.66 -1.60
C ALA A 30 2.67 -12.18 -2.83
N GLU A 31 1.96 -11.58 -3.77
CA GLU A 31 2.56 -11.03 -4.97
C GLU A 31 2.60 -9.50 -4.86
N VAL A 32 3.59 -8.87 -5.48
CA VAL A 32 3.79 -7.43 -5.29
C VAL A 32 4.03 -6.70 -6.61
N VAL A 33 3.42 -5.53 -6.73
CA VAL A 33 3.73 -4.61 -7.81
C VAL A 33 4.32 -3.34 -7.21
N VAL A 34 5.49 -2.95 -7.68
CA VAL A 34 6.14 -1.76 -7.17
C VAL A 34 5.78 -0.52 -8.00
N ALA A 35 5.38 0.55 -7.32
CA ALA A 35 5.12 1.82 -7.97
C ALA A 35 5.60 2.97 -7.12
N ALA A 36 6.29 3.92 -7.74
CA ALA A 36 6.79 5.09 -7.04
C ALA A 36 5.90 6.30 -7.27
N THR A 37 4.97 6.18 -8.21
CA THR A 37 4.09 7.28 -8.55
C THR A 37 2.64 6.84 -8.50
N CYS A 38 1.73 7.79 -8.55
CA CYS A 38 0.31 7.47 -8.60
C CYS A 38 -0.04 6.89 -9.97
N GLU A 39 0.62 7.38 -11.01
CA GLU A 39 0.38 6.90 -12.37
C GLU A 39 0.72 5.42 -12.50
N GLN A 40 1.88 5.03 -11.97
CA GLN A 40 2.29 3.63 -12.01
C GLN A 40 1.31 2.77 -11.23
N ALA A 41 0.83 3.32 -10.13
CA ALA A 41 -0.12 2.63 -9.28
C ALA A 41 -1.44 2.36 -10.01
N LEU A 42 -1.99 3.42 -10.60
CA LEU A 42 -3.25 3.33 -11.30
C LEU A 42 -3.14 2.38 -12.49
N LYS A 43 -1.95 2.31 -13.07
CA LYS A 43 -1.68 1.39 -14.17
C LYS A 43 -1.74 -0.05 -13.68
N SER A 44 -1.05 -0.31 -12.58
CA SER A 44 -1.05 -1.64 -11.99
C SER A 44 -2.44 -2.02 -11.50
N LEU A 45 -3.14 -1.04 -10.94
CA LEU A 45 -4.50 -1.23 -10.44
C LEU A 45 -5.43 -1.65 -11.57
N ALA A 46 -5.15 -1.16 -12.76
CA ALA A 46 -5.96 -1.49 -13.93
C ALA A 46 -5.51 -2.80 -14.56
N ASP A 47 -4.20 -3.01 -14.63
CA ASP A 47 -3.64 -4.19 -15.28
C ASP A 47 -3.78 -5.43 -14.42
N ASN A 48 -3.68 -5.25 -13.11
CA ASN A 48 -3.76 -6.37 -12.17
C ASN A 48 -4.95 -6.20 -11.24
N PRO A 49 -5.38 -7.28 -10.60
CA PRO A 49 -6.47 -7.26 -9.63
C PRO A 49 -5.95 -7.10 -8.21
N ILE A 50 -5.72 -5.87 -7.81
CA ILE A 50 -5.11 -5.56 -6.53
C ILE A 50 -6.01 -5.98 -5.37
N ASP A 51 -5.45 -6.81 -4.50
CA ASP A 51 -6.17 -7.30 -3.32
C ASP A 51 -5.90 -6.39 -2.13
N VAL A 52 -4.72 -5.80 -2.10
CA VAL A 52 -4.33 -4.90 -1.03
C VAL A 52 -3.18 -4.02 -1.49
N ALA A 53 -3.03 -2.86 -0.87
CA ALA A 53 -1.99 -1.93 -1.24
C ALA A 53 -1.31 -1.32 -0.01
N VAL A 54 -0.16 -0.73 -0.23
CA VAL A 54 0.58 -0.05 0.81
C VAL A 54 1.07 1.27 0.27
N LEU A 55 0.54 2.35 0.77
CA LEU A 55 0.81 3.64 0.18
C LEU A 55 1.69 4.49 1.06
N ASP A 56 2.94 4.67 0.63
CA ASP A 56 3.83 5.59 1.30
C ASP A 56 3.49 6.99 0.87
N VAL A 57 3.25 7.84 1.83
CA VAL A 57 2.78 9.18 1.56
C VAL A 57 3.90 10.05 1.01
N ASN A 58 5.12 9.60 1.17
CA ASN A 58 6.28 10.33 0.68
C ASN A 58 6.75 9.76 -0.66
N LEU A 59 6.14 10.21 -1.74
CA LEU A 59 6.56 9.80 -3.07
C LEU A 59 7.43 10.89 -3.68
N GLY A 60 7.55 11.99 -2.96
CA GLY A 60 8.38 13.09 -3.37
C GLY A 60 8.06 14.33 -2.56
N PRO A 61 8.67 15.48 -2.90
CA PRO A 61 8.37 16.76 -2.23
C PRO A 61 6.90 17.12 -2.34
N LYS A 62 6.35 16.97 -3.53
CA LYS A 62 4.95 17.25 -3.77
C LYS A 62 4.17 15.95 -3.97
N SER A 63 4.85 14.97 -4.55
CA SER A 63 4.25 13.68 -4.84
C SER A 63 3.89 12.93 -3.57
N HIS A 64 2.63 12.52 -3.50
CA HIS A 64 2.13 11.73 -2.38
C HIS A 64 1.12 10.71 -2.88
N CYS A 65 0.98 9.61 -2.17
CA CYS A 65 -0.06 8.64 -2.47
C CYS A 65 -1.44 9.24 -2.19
N GLY A 66 -2.01 9.92 -3.17
CA GLY A 66 -3.33 10.50 -3.00
C GLY A 66 -4.34 9.89 -3.95
N PRO A 67 -4.22 10.18 -5.26
CA PRO A 67 -5.11 9.58 -6.28
C PRO A 67 -5.17 8.06 -6.17
N VAL A 68 -4.06 7.47 -5.71
CA VAL A 68 -3.99 6.03 -5.52
C VAL A 68 -4.94 5.61 -4.40
N ALA A 69 -4.99 6.43 -3.37
CA ALA A 69 -5.83 6.17 -2.22
C ALA A 69 -7.30 6.22 -2.62
N ASP A 70 -7.66 7.26 -3.36
CA ASP A 70 -9.01 7.40 -3.88
C ASP A 70 -9.34 6.23 -4.80
N ALA A 71 -8.38 5.87 -5.64
CA ALA A 71 -8.52 4.74 -6.54
C ALA A 71 -8.89 3.46 -5.78
N LEU A 72 -8.13 3.17 -4.75
CA LEU A 72 -8.36 2.00 -3.92
C LEU A 72 -9.67 2.12 -3.17
N LYS A 73 -9.94 3.32 -2.67
CA LYS A 73 -11.18 3.63 -1.98
C LYS A 73 -12.38 3.41 -2.90
N GLN A 74 -12.20 3.69 -4.18
CA GLN A 74 -13.27 3.52 -5.16
C GLN A 74 -13.54 2.04 -5.42
N ARG A 75 -12.48 1.23 -5.42
CA ARG A 75 -12.62 -0.20 -5.66
C ARG A 75 -12.76 -0.98 -4.36
N ALA A 76 -12.84 -0.24 -3.25
CA ALA A 76 -12.99 -0.82 -1.91
C ALA A 76 -11.82 -1.75 -1.58
N ILE A 77 -10.63 -1.41 -2.07
CA ILE A 77 -9.44 -2.18 -1.81
C ILE A 77 -8.75 -1.68 -0.56
N PRO A 78 -8.34 -2.59 0.34
CA PRO A 78 -7.66 -2.23 1.57
C PRO A 78 -6.22 -1.81 1.35
N PHE A 79 -5.77 -0.85 2.11
CA PHE A 79 -4.42 -0.36 2.04
C PHE A 79 -4.03 0.33 3.32
N ILE A 80 -2.74 0.46 3.52
CA ILE A 80 -2.21 1.12 4.69
C ILE A 80 -1.27 2.23 4.26
N LEU A 81 -1.34 3.36 4.94
CA LEU A 81 -0.47 4.47 4.63
C LEU A 81 0.82 4.35 5.43
N HIS A 82 1.90 4.13 4.73
CA HIS A 82 3.18 4.05 5.37
C HIS A 82 3.92 5.37 5.15
N THR A 83 4.45 5.95 6.22
CA THR A 83 5.13 7.24 6.10
C THR A 83 5.68 7.68 7.46
N GLY A 84 6.62 8.61 7.42
CA GLY A 84 7.11 9.24 8.64
C GLY A 84 6.76 10.70 8.66
N ASP A 85 5.85 11.07 7.76
CA ASP A 85 5.41 12.45 7.63
C ASP A 85 3.93 12.57 8.01
N LEU A 86 3.59 12.02 9.16
CA LEU A 86 2.18 11.95 9.59
C LEU A 86 1.63 13.32 9.98
N ASP A 87 2.50 14.18 10.49
CA ASP A 87 2.07 15.52 10.87
C ASP A 87 2.09 16.43 9.66
N ARG A 88 3.05 16.18 8.78
CA ARG A 88 3.18 16.94 7.54
C ARG A 88 2.01 16.66 6.60
N HIS A 89 1.52 15.43 6.61
CA HIS A 89 0.44 15.03 5.72
C HIS A 89 -0.79 14.60 6.49
N GLY A 90 -0.98 15.15 7.69
CA GLY A 90 -2.09 14.77 8.53
C GLY A 90 -3.44 15.03 7.90
N GLU A 91 -3.54 16.16 7.20
CA GLU A 91 -4.76 16.51 6.49
C GLU A 91 -5.08 15.46 5.44
N LEU A 92 -4.06 15.07 4.69
CA LEU A 92 -4.21 14.07 3.63
C LEU A 92 -4.65 12.74 4.23
N LEU A 93 -4.01 12.36 5.33
CA LEU A 93 -4.30 11.10 6.01
C LEU A 93 -5.75 11.02 6.46
N ARG A 94 -6.28 12.15 6.93
CA ARG A 94 -7.67 12.22 7.36
C ARG A 94 -8.62 12.16 6.16
N LYS A 95 -8.15 12.60 5.00
CA LYS A 95 -8.92 12.52 3.77
C LYS A 95 -8.95 11.07 3.28
N ILE A 96 -7.78 10.44 3.31
CA ILE A 96 -7.64 9.05 2.94
C ILE A 96 -8.47 8.15 3.85
N ASP A 97 -8.30 8.32 5.16
CA ASP A 97 -9.05 7.56 6.16
C ASP A 97 -8.73 6.07 6.04
N ALA A 98 -7.56 5.70 6.52
CA ALA A 98 -7.12 4.31 6.53
C ALA A 98 -5.98 4.15 7.54
N PRO A 99 -5.59 2.89 7.89
CA PRO A 99 -4.49 2.64 8.84
C PRO A 99 -3.18 3.26 8.37
N VAL A 100 -2.39 3.77 9.31
CA VAL A 100 -1.12 4.40 8.99
C VAL A 100 0.02 3.75 9.78
N MET A 101 1.04 3.28 9.06
CA MET A 101 2.24 2.71 9.67
C MET A 101 3.36 3.76 9.63
N ALA A 102 3.71 4.27 10.79
CA ALA A 102 4.68 5.35 10.89
C ALA A 102 6.11 4.85 10.67
N LYS A 103 6.94 5.70 10.08
CA LYS A 103 8.35 5.40 9.90
C LYS A 103 9.15 5.93 11.09
N PRO A 104 10.18 5.20 11.53
CA PRO A 104 10.62 3.95 10.90
C PRO A 104 9.65 2.80 11.11
N ALA A 105 9.46 2.01 10.06
CA ALA A 105 8.60 0.84 10.11
C ALA A 105 9.31 -0.33 9.49
N ASP A 106 9.22 -1.49 10.12
CA ASP A 106 9.79 -2.68 9.54
C ASP A 106 8.83 -3.21 8.49
N THR A 107 9.38 -3.52 7.34
CA THR A 107 8.58 -3.87 6.18
C THR A 107 7.80 -5.15 6.39
N SER A 108 8.27 -6.02 7.29
CA SER A 108 7.55 -7.24 7.59
C SER A 108 6.30 -6.91 8.41
N ASP A 109 6.40 -5.87 9.24
CA ASP A 109 5.27 -5.40 10.03
C ASP A 109 4.26 -4.76 9.12
N VAL A 110 4.75 -3.91 8.22
CA VAL A 110 3.91 -3.23 7.26
C VAL A 110 3.19 -4.25 6.38
N ALA A 111 3.92 -5.27 5.95
CA ALA A 111 3.38 -6.32 5.10
C ALA A 111 2.27 -7.07 5.81
N LYS A 112 2.54 -7.52 7.03
CA LYS A 112 1.56 -8.27 7.79
C LYS A 112 0.30 -7.46 8.01
N ARG A 113 0.45 -6.23 8.49
CA ARG A 113 -0.68 -5.38 8.82
C ARG A 113 -1.57 -5.14 7.60
N ALA A 114 -0.96 -4.97 6.44
CA ALA A 114 -1.70 -4.77 5.21
C ALA A 114 -2.46 -6.04 4.82
N LEU A 115 -1.76 -7.17 4.85
CA LEU A 115 -2.35 -8.44 4.48
C LEU A 115 -3.45 -8.87 5.43
N GLU A 116 -3.40 -8.39 6.66
CA GLU A 116 -4.45 -8.69 7.64
C GLU A 116 -5.82 -8.21 7.15
N MET A 117 -5.82 -7.15 6.36
CA MET A 117 -7.05 -6.58 5.83
C MET A 117 -7.42 -7.25 4.51
N CYS A 118 -6.62 -8.20 4.09
CA CYS A 118 -6.82 -8.88 2.82
C CYS A 118 -7.07 -10.37 3.00
N GLY A 119 -6.22 -11.03 3.77
CA GLY A 119 -6.32 -12.45 3.95
C GLY A 119 -7.43 -12.83 4.91
N GLY A 120 -8.57 -13.20 4.36
CA GLY A 120 -9.69 -13.60 5.19
C GLY A 120 -10.57 -12.42 5.54
N ASP A 121 -10.25 -11.78 6.66
CA ASP A 121 -11.02 -10.62 7.15
C ASP A 121 -12.50 -11.01 7.33
N LYS A 122 -13.39 -10.03 7.30
CA LYS A 122 -14.81 -10.30 7.46
C LYS A 122 -15.55 -9.96 6.18
N GLU A 123 -16.23 -10.96 5.61
CA GLU A 123 -16.94 -10.78 4.36
C GLU A 123 -18.22 -9.97 4.57
N PRO A 124 -18.31 -8.79 3.93
CA PRO A 124 -19.48 -7.92 4.05
C PRO A 124 -20.66 -8.42 3.21
N ALA A 125 -21.80 -7.76 3.37
CA ALA A 125 -23.00 -8.13 2.65
C ALA A 125 -22.99 -7.50 1.26
N GLY A 1 -3.70 -27.86 -2.40
CA GLY A 1 -3.18 -26.69 -1.66
C GLY A 1 -2.88 -25.52 -2.59
N ALA A 2 -3.93 -24.84 -3.02
CA ALA A 2 -3.78 -23.69 -3.90
C ALA A 2 -3.44 -22.46 -3.08
N MET A 3 -2.26 -21.90 -3.32
CA MET A 3 -1.80 -20.75 -2.56
C MET A 3 -2.47 -19.48 -3.06
N GLY A 4 -3.26 -18.87 -2.20
CA GLY A 4 -3.93 -17.64 -2.54
C GLY A 4 -3.07 -16.45 -2.23
N MET A 5 -2.20 -16.09 -3.18
CA MET A 5 -1.28 -14.99 -2.97
C MET A 5 -1.93 -13.68 -3.37
N PRO A 6 -2.04 -12.76 -2.40
CA PRO A 6 -2.64 -11.44 -2.60
C PRO A 6 -1.84 -10.59 -3.58
N LYS A 7 -2.54 -9.83 -4.39
CA LYS A 7 -1.90 -8.91 -5.31
C LYS A 7 -1.67 -7.57 -4.59
N VAL A 8 -0.45 -7.33 -4.19
CA VAL A 8 -0.12 -6.17 -3.37
C VAL A 8 0.46 -5.07 -4.22
N LEU A 9 0.01 -3.84 -3.99
CA LEU A 9 0.50 -2.69 -4.70
C LEU A 9 1.31 -1.79 -3.76
N VAL A 10 2.61 -1.72 -3.98
CA VAL A 10 3.48 -0.88 -3.16
C VAL A 10 3.66 0.49 -3.78
N LEU A 11 3.36 1.51 -2.99
CA LEU A 11 3.60 2.90 -3.35
C LEU A 11 4.77 3.43 -2.55
N GLU A 12 5.90 3.55 -3.21
CA GLU A 12 7.14 3.96 -2.54
C GLU A 12 8.17 4.37 -3.58
N ASP A 13 8.66 5.60 -3.46
CA ASP A 13 9.63 6.14 -4.39
C ASP A 13 11.05 5.71 -4.02
N GLU A 14 11.24 5.35 -2.75
CA GLU A 14 12.53 4.85 -2.29
C GLU A 14 12.64 3.36 -2.56
N PRO A 15 13.45 2.96 -3.56
CA PRO A 15 13.55 1.58 -4.01
C PRO A 15 13.98 0.61 -2.90
N LEU A 16 14.73 1.10 -1.93
CA LEU A 16 15.14 0.26 -0.81
C LEU A 16 13.91 -0.16 -0.01
N ILE A 17 13.10 0.82 0.35
CA ILE A 17 11.87 0.58 1.09
C ILE A 17 10.88 -0.22 0.23
N ALA A 18 10.80 0.14 -1.05
CA ALA A 18 9.94 -0.56 -1.99
C ALA A 18 10.33 -2.02 -2.12
N MET A 19 11.63 -2.26 -2.30
CA MET A 19 12.17 -3.60 -2.38
C MET A 19 11.94 -4.36 -1.07
N ASN A 20 12.16 -3.68 0.03
CA ASN A 20 12.00 -4.26 1.35
C ASN A 20 10.55 -4.65 1.62
N LEU A 21 9.62 -3.79 1.20
CA LEU A 21 8.20 -4.12 1.27
C LEU A 21 7.87 -5.29 0.37
N GLN A 22 8.40 -5.25 -0.85
CA GLN A 22 8.20 -6.33 -1.80
C GLN A 22 8.64 -7.67 -1.20
N TYR A 23 9.86 -7.69 -0.65
CA TYR A 23 10.38 -8.89 -0.04
C TYR A 23 9.58 -9.30 1.19
N ALA A 24 8.97 -8.32 1.84
CA ALA A 24 8.17 -8.58 3.03
C ALA A 24 6.85 -9.27 2.66
N PHE A 25 6.20 -8.75 1.63
CA PHE A 25 4.95 -9.32 1.17
C PHE A 25 5.17 -10.67 0.51
N GLU A 26 6.22 -10.78 -0.30
CA GLU A 26 6.58 -12.06 -0.92
C GLU A 26 6.91 -13.08 0.17
N ASP A 27 7.53 -12.60 1.24
CA ASP A 27 7.89 -13.44 2.39
C ASP A 27 6.63 -13.97 3.07
N GLU A 28 5.57 -13.18 3.02
CA GLU A 28 4.29 -13.58 3.58
C GLU A 28 3.46 -14.39 2.58
N GLY A 29 4.07 -14.70 1.44
CA GLY A 29 3.39 -15.46 0.42
C GLY A 29 2.41 -14.63 -0.38
N ALA A 30 2.89 -13.51 -0.91
CA ALA A 30 2.05 -12.63 -1.71
C ALA A 30 2.81 -12.13 -2.93
N GLU A 31 2.07 -11.60 -3.89
CA GLU A 31 2.66 -11.03 -5.10
C GLU A 31 2.67 -9.52 -4.98
N VAL A 32 3.70 -8.87 -5.50
CA VAL A 32 3.86 -7.44 -5.29
C VAL A 32 4.06 -6.70 -6.61
N VAL A 33 3.50 -5.50 -6.68
CA VAL A 33 3.79 -4.56 -7.76
C VAL A 33 4.43 -3.32 -7.17
N VAL A 34 5.56 -2.91 -7.72
CA VAL A 34 6.23 -1.71 -7.22
C VAL A 34 5.87 -0.50 -8.08
N ALA A 35 5.33 0.52 -7.44
CA ALA A 35 5.01 1.77 -8.10
C ALA A 35 5.48 2.94 -7.25
N ALA A 36 6.10 3.90 -7.90
CA ALA A 36 6.62 5.05 -7.19
C ALA A 36 5.71 6.26 -7.37
N THR A 37 4.90 6.23 -8.43
CA THR A 37 4.03 7.35 -8.73
C THR A 37 2.57 6.95 -8.61
N CYS A 38 1.69 7.94 -8.69
CA CYS A 38 0.27 7.68 -8.72
C CYS A 38 -0.08 6.95 -9.99
N GLU A 39 0.44 7.47 -11.09
CA GLU A 39 0.19 6.95 -12.43
C GLU A 39 0.54 5.46 -12.53
N GLN A 40 1.71 5.08 -12.02
CA GLN A 40 2.12 3.68 -12.01
C GLN A 40 1.12 2.84 -11.25
N ALA A 41 0.73 3.34 -10.09
CA ALA A 41 -0.23 2.67 -9.23
C ALA A 41 -1.56 2.47 -9.93
N LEU A 42 -2.08 3.56 -10.49
CA LEU A 42 -3.37 3.55 -11.16
C LEU A 42 -3.33 2.64 -12.38
N LYS A 43 -2.16 2.54 -13.01
CA LYS A 43 -1.97 1.68 -14.16
C LYS A 43 -2.06 0.22 -13.73
N SER A 44 -1.26 -0.15 -12.74
CA SER A 44 -1.25 -1.52 -12.25
C SER A 44 -2.58 -1.88 -11.61
N LEU A 45 -3.22 -0.89 -10.99
CA LEU A 45 -4.50 -1.06 -10.35
C LEU A 45 -5.57 -1.39 -11.39
N ALA A 46 -5.43 -0.82 -12.57
CA ALA A 46 -6.37 -1.06 -13.65
C ALA A 46 -6.07 -2.37 -14.37
N ASP A 47 -4.78 -2.70 -14.49
CA ASP A 47 -4.36 -3.89 -15.22
C ASP A 47 -4.51 -5.15 -14.37
N ASN A 48 -4.21 -5.02 -13.08
CA ASN A 48 -4.21 -6.16 -12.18
C ASN A 48 -5.32 -6.05 -11.17
N PRO A 49 -5.64 -7.16 -10.48
CA PRO A 49 -6.63 -7.20 -9.43
C PRO A 49 -6.00 -7.02 -8.05
N ILE A 50 -5.68 -5.79 -7.72
CA ILE A 50 -5.00 -5.47 -6.48
C ILE A 50 -5.87 -5.81 -5.27
N ASP A 51 -5.37 -6.70 -4.43
CA ASP A 51 -6.09 -7.13 -3.25
C ASP A 51 -5.79 -6.22 -2.08
N VAL A 52 -4.60 -5.64 -2.08
CA VAL A 52 -4.17 -4.77 -0.98
C VAL A 52 -3.01 -3.88 -1.44
N ALA A 53 -2.84 -2.74 -0.77
CA ALA A 53 -1.79 -1.80 -1.14
C ALA A 53 -1.11 -1.20 0.08
N VAL A 54 0.04 -0.57 -0.18
CA VAL A 54 0.79 0.12 0.87
C VAL A 54 1.32 1.43 0.31
N LEU A 55 0.81 2.55 0.80
CA LEU A 55 1.06 3.84 0.19
C LEU A 55 1.92 4.75 1.08
N ASP A 56 3.10 5.10 0.59
CA ASP A 56 3.94 6.10 1.25
C ASP A 56 3.47 7.49 0.87
N VAL A 57 2.83 8.16 1.82
CA VAL A 57 2.17 9.43 1.55
C VAL A 57 3.19 10.55 1.25
N ASN A 58 4.47 10.26 1.45
CA ASN A 58 5.51 11.25 1.17
C ASN A 58 6.41 10.77 0.03
N LEU A 59 5.83 10.61 -1.16
CA LEU A 59 6.59 10.17 -2.33
C LEU A 59 7.64 11.21 -2.72
N GLY A 60 7.36 12.46 -2.40
CA GLY A 60 8.30 13.52 -2.65
C GLY A 60 7.83 14.82 -2.04
N PRO A 61 8.46 15.94 -2.39
CA PRO A 61 8.08 17.27 -1.87
C PRO A 61 6.60 17.58 -2.07
N LYS A 62 6.07 17.22 -3.23
CA LYS A 62 4.66 17.44 -3.51
C LYS A 62 3.97 16.14 -3.89
N SER A 63 4.72 15.23 -4.52
CA SER A 63 4.18 13.95 -4.95
C SER A 63 3.78 13.08 -3.75
N HIS A 64 2.55 12.60 -3.77
CA HIS A 64 2.04 11.72 -2.73
C HIS A 64 1.08 10.71 -3.33
N CYS A 65 0.95 9.54 -2.70
CA CYS A 65 -0.05 8.58 -3.12
C CYS A 65 -1.43 9.07 -2.69
N GLY A 66 -2.04 9.91 -3.53
CA GLY A 66 -3.35 10.46 -3.20
C GLY A 66 -4.43 9.88 -4.08
N PRO A 67 -4.37 10.13 -5.41
CA PRO A 67 -5.28 9.51 -6.36
C PRO A 67 -5.27 7.99 -6.25
N VAL A 68 -4.16 7.47 -5.75
CA VAL A 68 -4.01 6.03 -5.50
C VAL A 68 -4.93 5.60 -4.37
N ALA A 69 -4.92 6.39 -3.31
CA ALA A 69 -5.75 6.14 -2.15
C ALA A 69 -7.21 6.14 -2.53
N ASP A 70 -7.60 7.18 -3.25
CA ASP A 70 -8.97 7.30 -3.74
C ASP A 70 -9.28 6.17 -4.70
N ALA A 71 -8.33 5.84 -5.55
CA ALA A 71 -8.46 4.75 -6.50
C ALA A 71 -8.77 3.44 -5.79
N LEU A 72 -8.06 3.19 -4.70
CA LEU A 72 -8.26 2.01 -3.89
C LEU A 72 -9.61 2.09 -3.17
N LYS A 73 -9.91 3.27 -2.66
CA LYS A 73 -11.18 3.53 -2.00
C LYS A 73 -12.36 3.30 -2.94
N GLN A 74 -12.17 3.66 -4.21
CA GLN A 74 -13.20 3.47 -5.23
C GLN A 74 -13.51 2.00 -5.44
N ARG A 75 -12.48 1.17 -5.40
CA ARG A 75 -12.64 -0.26 -5.62
C ARG A 75 -12.76 -1.02 -4.30
N ALA A 76 -12.83 -0.26 -3.20
CA ALA A 76 -12.96 -0.82 -1.85
C ALA A 76 -11.79 -1.74 -1.51
N ILE A 77 -10.60 -1.38 -1.98
CA ILE A 77 -9.40 -2.16 -1.71
C ILE A 77 -8.75 -1.68 -0.43
N PRO A 78 -8.35 -2.63 0.45
CA PRO A 78 -7.66 -2.31 1.68
C PRO A 78 -6.22 -1.91 1.42
N PHE A 79 -5.75 -0.93 2.17
CA PHE A 79 -4.39 -0.45 2.03
C PHE A 79 -3.96 0.27 3.29
N ILE A 80 -2.67 0.41 3.45
CA ILE A 80 -2.12 1.07 4.62
C ILE A 80 -1.19 2.18 4.18
N LEU A 81 -1.22 3.29 4.90
CA LEU A 81 -0.33 4.39 4.60
C LEU A 81 0.97 4.22 5.36
N HIS A 82 2.02 3.91 4.64
CA HIS A 82 3.31 3.73 5.24
C HIS A 82 4.18 4.95 4.95
N THR A 83 3.86 6.03 5.66
CA THR A 83 4.46 7.33 5.43
C THR A 83 5.45 7.68 6.53
N GLY A 84 6.30 8.66 6.26
CA GLY A 84 7.28 9.10 7.22
C GLY A 84 6.83 10.32 7.99
N ASP A 85 5.69 10.87 7.62
CA ASP A 85 5.08 11.94 8.38
C ASP A 85 3.58 11.72 8.49
N LEU A 86 3.06 11.87 9.70
CA LEU A 86 1.66 11.61 9.97
C LEU A 86 0.93 12.91 10.31
N ASP A 87 1.66 13.87 10.82
CA ASP A 87 1.08 15.17 11.14
C ASP A 87 1.04 16.06 9.91
N ARG A 88 2.15 16.10 9.19
CA ARG A 88 2.29 16.95 8.02
C ARG A 88 1.29 16.55 6.94
N HIS A 89 1.08 15.25 6.77
CA HIS A 89 0.07 14.75 5.85
C HIS A 89 -1.17 14.28 6.60
N GLY A 90 -1.39 14.84 7.79
CA GLY A 90 -2.50 14.41 8.63
C GLY A 90 -3.85 14.66 8.00
N GLU A 91 -3.97 15.78 7.30
CA GLU A 91 -5.21 16.13 6.62
C GLU A 91 -5.47 15.16 5.48
N LEU A 92 -4.42 14.80 4.77
CA LEU A 92 -4.54 13.87 3.66
C LEU A 92 -4.90 12.49 4.19
N LEU A 93 -4.28 12.10 5.30
CA LEU A 93 -4.57 10.83 5.93
C LEU A 93 -6.04 10.72 6.31
N ARG A 94 -6.62 11.80 6.81
CA ARG A 94 -8.02 11.81 7.20
C ARG A 94 -8.93 11.81 5.97
N LYS A 95 -8.41 12.34 4.86
CA LYS A 95 -9.10 12.26 3.58
C LYS A 95 -9.10 10.84 3.06
N ILE A 96 -8.01 10.13 3.34
CA ILE A 96 -7.86 8.74 2.94
C ILE A 96 -8.67 7.82 3.84
N ASP A 97 -8.47 7.94 5.15
CA ASP A 97 -9.14 7.09 6.14
C ASP A 97 -8.74 5.63 5.97
N ALA A 98 -7.52 5.34 6.43
CA ALA A 98 -6.98 3.99 6.38
C ALA A 98 -5.84 3.88 7.39
N PRO A 99 -5.44 2.65 7.77
CA PRO A 99 -4.36 2.43 8.74
C PRO A 99 -3.04 3.04 8.31
N VAL A 100 -2.26 3.50 9.28
CA VAL A 100 -0.98 4.15 8.99
C VAL A 100 0.16 3.45 9.72
N MET A 101 1.26 3.23 9.01
CA MET A 101 2.47 2.65 9.59
C MET A 101 3.59 3.69 9.55
N ALA A 102 3.92 4.23 10.71
CA ALA A 102 4.89 5.31 10.80
C ALA A 102 6.32 4.81 10.58
N LYS A 103 7.13 5.64 9.93
CA LYS A 103 8.52 5.30 9.69
C LYS A 103 9.40 5.84 10.82
N PRO A 104 10.49 5.13 11.17
CA PRO A 104 10.91 3.91 10.48
C PRO A 104 10.04 2.71 10.81
N ALA A 105 9.53 2.06 9.77
CA ALA A 105 8.72 0.87 9.94
C ALA A 105 9.38 -0.32 9.27
N ASP A 106 9.49 -1.41 10.00
CA ASP A 106 10.02 -2.63 9.41
C ASP A 106 8.97 -3.22 8.51
N THR A 107 9.35 -3.54 7.29
CA THR A 107 8.39 -3.88 6.26
C THR A 107 7.60 -5.14 6.56
N SER A 108 8.12 -5.99 7.45
CA SER A 108 7.40 -7.19 7.84
C SER A 108 6.13 -6.83 8.59
N ASP A 109 6.24 -5.85 9.48
CA ASP A 109 5.09 -5.37 10.25
C ASP A 109 4.10 -4.68 9.34
N VAL A 110 4.62 -3.92 8.38
CA VAL A 110 3.79 -3.23 7.41
C VAL A 110 3.03 -4.23 6.55
N ALA A 111 3.74 -5.26 6.10
CA ALA A 111 3.17 -6.29 5.24
C ALA A 111 2.06 -7.05 5.95
N LYS A 112 2.35 -7.50 7.17
CA LYS A 112 1.39 -8.28 7.94
C LYS A 112 0.13 -7.47 8.25
N ARG A 113 0.32 -6.20 8.59
CA ARG A 113 -0.82 -5.33 8.88
C ARG A 113 -1.65 -5.05 7.62
N ALA A 114 -1.00 -5.11 6.47
CA ALA A 114 -1.70 -4.91 5.20
C ALA A 114 -2.43 -6.19 4.80
N LEU A 115 -1.74 -7.31 4.90
CA LEU A 115 -2.29 -8.58 4.47
C LEU A 115 -3.40 -9.09 5.38
N GLU A 116 -3.40 -8.68 6.64
CA GLU A 116 -4.47 -9.07 7.56
C GLU A 116 -5.80 -8.49 7.08
N MET A 117 -5.75 -7.31 6.47
CA MET A 117 -6.94 -6.70 5.90
C MET A 117 -7.33 -7.39 4.60
N CYS A 118 -6.31 -7.89 3.91
CA CYS A 118 -6.50 -8.54 2.62
C CYS A 118 -7.13 -9.91 2.79
N GLY A 119 -6.59 -10.69 3.73
CA GLY A 119 -7.08 -12.03 3.96
C GLY A 119 -8.14 -12.08 5.04
N GLY A 120 -8.62 -10.92 5.44
CA GLY A 120 -9.63 -10.86 6.47
C GLY A 120 -10.97 -10.40 5.94
N ASP A 121 -11.64 -11.26 5.20
CA ASP A 121 -12.96 -10.95 4.67
C ASP A 121 -14.01 -11.18 5.74
N LYS A 122 -14.69 -10.11 6.11
CA LYS A 122 -15.67 -10.17 7.18
C LYS A 122 -16.82 -9.20 6.91
N GLU A 123 -17.91 -9.41 7.62
CA GLU A 123 -19.07 -8.55 7.50
C GLU A 123 -18.84 -7.27 8.30
N PRO A 124 -18.81 -6.11 7.62
CA PRO A 124 -18.49 -4.82 8.24
C PRO A 124 -19.30 -4.54 9.50
N ALA A 125 -18.63 -4.49 10.63
CA ALA A 125 -19.26 -4.20 11.90
C ALA A 125 -19.19 -2.72 12.20
N GLY A 1 -0.17 -26.65 -2.33
CA GLY A 1 -0.78 -26.17 -3.59
C GLY A 1 -1.98 -25.30 -3.32
N ALA A 2 -2.66 -24.86 -4.39
CA ALA A 2 -3.82 -23.97 -4.29
C ALA A 2 -3.48 -22.71 -3.52
N MET A 3 -2.51 -21.96 -4.02
CA MET A 3 -2.06 -20.76 -3.36
C MET A 3 -2.73 -19.53 -3.94
N GLY A 4 -3.36 -18.75 -3.08
CA GLY A 4 -4.05 -17.55 -3.51
C GLY A 4 -3.40 -16.31 -2.95
N MET A 5 -2.27 -15.95 -3.51
CA MET A 5 -1.51 -14.79 -3.09
C MET A 5 -2.30 -13.51 -3.33
N PRO A 6 -2.32 -12.63 -2.33
CA PRO A 6 -2.89 -11.28 -2.46
C PRO A 6 -2.01 -10.42 -3.36
N LYS A 7 -2.64 -9.68 -4.25
CA LYS A 7 -1.91 -8.78 -5.13
C LYS A 7 -1.69 -7.44 -4.43
N VAL A 8 -0.46 -7.17 -4.07
CA VAL A 8 -0.13 -6.00 -3.28
C VAL A 8 0.43 -4.89 -4.16
N LEU A 9 -0.11 -3.70 -4.00
CA LEU A 9 0.40 -2.53 -4.72
C LEU A 9 1.21 -1.64 -3.78
N VAL A 10 2.50 -1.57 -4.02
CA VAL A 10 3.38 -0.73 -3.21
C VAL A 10 3.55 0.65 -3.83
N LEU A 11 3.18 1.66 -3.07
CA LEU A 11 3.44 3.04 -3.42
C LEU A 11 4.60 3.54 -2.60
N GLU A 12 5.76 3.57 -3.22
CA GLU A 12 6.99 3.91 -2.53
C GLU A 12 8.04 4.36 -3.52
N ASP A 13 8.52 5.58 -3.34
CA ASP A 13 9.52 6.15 -4.23
C ASP A 13 10.91 5.76 -3.76
N GLU A 14 11.01 5.37 -2.49
CA GLU A 14 12.27 4.90 -1.93
C GLU A 14 12.47 3.41 -2.27
N PRO A 15 13.37 3.11 -3.21
CA PRO A 15 13.56 1.74 -3.70
C PRO A 15 13.96 0.77 -2.60
N LEU A 16 14.70 1.24 -1.61
CA LEU A 16 15.09 0.42 -0.48
C LEU A 16 13.83 -0.11 0.21
N ILE A 17 12.91 0.79 0.49
CA ILE A 17 11.66 0.45 1.15
C ILE A 17 10.77 -0.36 0.21
N ALA A 18 10.64 0.11 -1.02
CA ALA A 18 9.83 -0.57 -2.03
C ALA A 18 10.27 -2.03 -2.18
N MET A 19 11.57 -2.23 -2.31
CA MET A 19 12.15 -3.55 -2.42
C MET A 19 11.91 -4.35 -1.14
N ASN A 20 12.12 -3.73 0.00
CA ASN A 20 12.00 -4.40 1.28
C ASN A 20 10.56 -4.78 1.58
N LEU A 21 9.62 -3.93 1.18
CA LEU A 21 8.21 -4.27 1.26
C LEU A 21 7.89 -5.42 0.33
N GLN A 22 8.39 -5.31 -0.90
CA GLN A 22 8.16 -6.32 -1.91
C GLN A 22 8.61 -7.69 -1.40
N TYR A 23 9.82 -7.76 -0.84
CA TYR A 23 10.32 -8.99 -0.26
C TYR A 23 9.46 -9.43 0.93
N ALA A 24 9.00 -8.45 1.72
CA ALA A 24 8.25 -8.73 2.93
C ALA A 24 6.92 -9.39 2.63
N PHE A 25 6.17 -8.80 1.70
CA PHE A 25 4.89 -9.34 1.30
C PHE A 25 5.05 -10.70 0.65
N GLU A 26 6.01 -10.82 -0.25
CA GLU A 26 6.27 -12.08 -0.93
C GLU A 26 6.73 -13.15 0.05
N ASP A 27 7.36 -12.74 1.14
CA ASP A 27 7.80 -13.66 2.17
C ASP A 27 6.61 -14.18 2.96
N GLU A 28 5.60 -13.34 3.13
CA GLU A 28 4.39 -13.73 3.84
C GLU A 28 3.47 -14.57 2.97
N GLY A 29 3.75 -14.55 1.66
CA GLY A 29 2.95 -15.30 0.72
C GLY A 29 2.03 -14.41 -0.09
N ALA A 30 2.60 -13.38 -0.72
CA ALA A 30 1.84 -12.49 -1.57
C ALA A 30 2.63 -12.14 -2.83
N GLU A 31 2.01 -11.40 -3.73
CA GLU A 31 2.67 -10.97 -4.96
C GLU A 31 2.56 -9.45 -5.09
N VAL A 32 3.68 -8.80 -5.35
CA VAL A 32 3.78 -7.36 -5.17
C VAL A 32 4.08 -6.63 -6.47
N VAL A 33 3.48 -5.46 -6.65
CA VAL A 33 3.83 -4.54 -7.72
C VAL A 33 4.42 -3.28 -7.11
N VAL A 34 5.50 -2.78 -7.69
CA VAL A 34 6.14 -1.58 -7.17
C VAL A 34 5.82 -0.37 -8.05
N ALA A 35 5.29 0.68 -7.42
CA ALA A 35 5.02 1.93 -8.11
C ALA A 35 5.50 3.11 -7.28
N ALA A 36 6.09 4.10 -7.93
CA ALA A 36 6.59 5.28 -7.24
C ALA A 36 5.69 6.48 -7.46
N THR A 37 4.79 6.36 -8.42
CA THR A 37 3.88 7.45 -8.73
C THR A 37 2.44 6.97 -8.73
N CYS A 38 1.50 7.90 -8.75
CA CYS A 38 0.10 7.53 -8.84
C CYS A 38 -0.18 6.96 -10.22
N GLU A 39 0.50 7.48 -11.23
CA GLU A 39 0.35 6.99 -12.59
C GLU A 39 0.78 5.53 -12.68
N GLN A 40 1.95 5.21 -12.12
CA GLN A 40 2.43 3.82 -12.06
C GLN A 40 1.44 2.95 -11.31
N ALA A 41 0.91 3.49 -10.22
CA ALA A 41 -0.03 2.79 -9.39
C ALA A 41 -1.29 2.43 -10.15
N LEU A 42 -1.91 3.45 -10.74
CA LEU A 42 -3.17 3.27 -11.46
C LEU A 42 -2.95 2.37 -12.67
N LYS A 43 -1.77 2.42 -13.25
CA LYS A 43 -1.44 1.56 -14.38
C LYS A 43 -1.45 0.11 -13.92
N SER A 44 -0.81 -0.15 -12.80
CA SER A 44 -0.75 -1.48 -12.24
C SER A 44 -2.10 -1.88 -11.65
N LEU A 45 -2.84 -0.90 -11.17
CA LEU A 45 -4.17 -1.11 -10.62
C LEU A 45 -5.14 -1.55 -11.71
N ALA A 46 -4.96 -0.99 -12.91
CA ALA A 46 -5.80 -1.35 -14.04
C ALA A 46 -5.36 -2.69 -14.63
N ASP A 47 -4.06 -2.92 -14.60
CA ASP A 47 -3.48 -4.13 -15.20
C ASP A 47 -3.64 -5.33 -14.28
N ASN A 48 -3.54 -5.09 -12.99
CA ASN A 48 -3.60 -6.16 -12.00
C ASN A 48 -4.75 -5.95 -11.03
N PRO A 49 -5.32 -7.05 -10.54
CA PRO A 49 -6.38 -7.02 -9.56
C PRO A 49 -5.82 -6.93 -8.14
N ILE A 50 -5.63 -5.70 -7.70
CA ILE A 50 -5.02 -5.42 -6.41
C ILE A 50 -5.93 -5.83 -5.25
N ASP A 51 -5.39 -6.61 -4.32
CA ASP A 51 -6.14 -7.08 -3.16
C ASP A 51 -5.82 -6.21 -1.95
N VAL A 52 -4.62 -5.64 -1.95
CA VAL A 52 -4.17 -4.82 -0.84
C VAL A 52 -3.04 -3.91 -1.32
N ALA A 53 -2.79 -2.82 -0.60
CA ALA A 53 -1.76 -1.89 -1.00
C ALA A 53 -1.07 -1.25 0.20
N VAL A 54 0.07 -0.63 -0.09
CA VAL A 54 0.82 0.11 0.92
C VAL A 54 1.31 1.41 0.31
N LEU A 55 0.78 2.53 0.77
CA LEU A 55 1.00 3.81 0.11
C LEU A 55 1.80 4.77 0.97
N ASP A 56 2.91 5.27 0.43
CA ASP A 56 3.61 6.37 1.07
C ASP A 56 3.00 7.69 0.62
N VAL A 57 2.42 8.37 1.59
CA VAL A 57 1.81 9.67 1.39
C VAL A 57 2.84 10.68 0.88
N ASN A 58 4.10 10.42 1.17
CA ASN A 58 5.18 11.31 0.76
C ASN A 58 6.06 10.64 -0.28
N LEU A 59 5.57 10.56 -1.51
CA LEU A 59 6.36 10.05 -2.61
C LEU A 59 7.45 11.05 -2.95
N GLY A 60 7.15 12.30 -2.69
CA GLY A 60 8.10 13.37 -2.84
C GLY A 60 7.59 14.62 -2.19
N PRO A 61 8.28 15.76 -2.37
CA PRO A 61 7.84 17.05 -1.84
C PRO A 61 6.41 17.39 -2.24
N LYS A 62 6.09 17.16 -3.52
CA LYS A 62 4.72 17.39 -4.02
C LYS A 62 4.03 16.07 -4.32
N SER A 63 4.81 15.09 -4.77
CA SER A 63 4.27 13.79 -5.14
C SER A 63 3.74 13.05 -3.91
N HIS A 64 2.49 12.61 -4.01
CA HIS A 64 1.81 11.96 -2.90
C HIS A 64 0.91 10.85 -3.41
N CYS A 65 0.72 9.81 -2.61
CA CYS A 65 -0.26 8.79 -2.92
C CYS A 65 -1.68 9.36 -2.74
N GLY A 66 -2.20 10.01 -3.77
CA GLY A 66 -3.51 10.61 -3.68
C GLY A 66 -4.54 9.90 -4.51
N PRO A 67 -4.48 10.06 -5.84
CA PRO A 67 -5.36 9.34 -6.77
C PRO A 67 -5.32 7.83 -6.53
N VAL A 68 -4.21 7.34 -5.98
CA VAL A 68 -4.06 5.93 -5.66
C VAL A 68 -4.92 5.57 -4.46
N ALA A 69 -4.84 6.40 -3.44
CA ALA A 69 -5.63 6.19 -2.23
C ALA A 69 -7.10 6.15 -2.58
N ASP A 70 -7.55 7.16 -3.31
CA ASP A 70 -8.93 7.26 -3.73
C ASP A 70 -9.29 6.09 -4.64
N ALA A 71 -8.34 5.69 -5.48
CA ALA A 71 -8.52 4.54 -6.36
C ALA A 71 -8.84 3.29 -5.56
N LEU A 72 -8.07 3.06 -4.52
CA LEU A 72 -8.26 1.90 -3.65
C LEU A 72 -9.55 2.07 -2.85
N LYS A 73 -9.78 3.28 -2.37
CA LYS A 73 -11.00 3.62 -1.66
C LYS A 73 -12.23 3.35 -2.53
N GLN A 74 -12.10 3.66 -3.81
CA GLN A 74 -13.17 3.42 -4.78
C GLN A 74 -13.48 1.93 -4.91
N ARG A 75 -12.44 1.12 -5.04
CA ARG A 75 -12.61 -0.31 -5.24
C ARG A 75 -12.75 -1.04 -3.90
N ALA A 76 -12.75 -0.26 -2.82
CA ALA A 76 -12.85 -0.79 -1.46
C ALA A 76 -11.70 -1.74 -1.13
N ILE A 77 -10.54 -1.45 -1.71
CA ILE A 77 -9.36 -2.25 -1.47
C ILE A 77 -8.65 -1.78 -0.21
N PRO A 78 -8.29 -2.69 0.69
CA PRO A 78 -7.60 -2.35 1.92
C PRO A 78 -6.15 -1.98 1.65
N PHE A 79 -5.69 -0.95 2.34
CA PHE A 79 -4.32 -0.48 2.18
C PHE A 79 -3.85 0.26 3.40
N ILE A 80 -2.56 0.29 3.59
CA ILE A 80 -1.96 0.98 4.72
C ILE A 80 -1.05 2.09 4.20
N LEU A 81 -1.09 3.22 4.86
CA LEU A 81 -0.23 4.33 4.48
C LEU A 81 1.09 4.21 5.21
N HIS A 82 2.12 3.83 4.49
CA HIS A 82 3.45 3.70 5.06
C HIS A 82 4.27 4.91 4.64
N THR A 83 3.93 6.02 5.25
CA THR A 83 4.46 7.31 4.88
C THR A 83 5.51 7.78 5.85
N GLY A 84 6.35 8.70 5.41
CA GLY A 84 7.31 9.31 6.28
C GLY A 84 6.91 10.73 6.64
N ASP A 85 5.70 11.10 6.26
CA ASP A 85 5.19 12.44 6.50
C ASP A 85 3.75 12.38 6.98
N LEU A 86 3.42 13.24 7.92
CA LEU A 86 2.07 13.32 8.44
C LEU A 86 1.57 14.76 8.44
N ASP A 87 2.48 15.71 8.62
CA ASP A 87 2.11 17.11 8.74
C ASP A 87 2.02 17.80 7.38
N ARG A 88 2.94 17.49 6.46
CA ARG A 88 3.02 18.18 5.19
C ARG A 88 1.83 17.84 4.30
N HIS A 89 1.60 16.55 4.10
CA HIS A 89 0.47 16.10 3.30
C HIS A 89 -0.71 15.73 4.20
N GLY A 90 -0.80 16.38 5.36
CA GLY A 90 -1.80 16.02 6.36
C GLY A 90 -3.22 16.05 5.83
N GLU A 91 -3.51 16.97 4.92
CA GLU A 91 -4.82 17.07 4.31
C GLU A 91 -5.17 15.81 3.52
N LEU A 92 -4.14 15.11 3.05
CA LEU A 92 -4.31 13.94 2.22
C LEU A 92 -4.78 12.75 3.05
N LEU A 93 -4.10 12.50 4.17
CA LEU A 93 -4.41 11.34 5.02
C LEU A 93 -5.84 11.41 5.52
N ARG A 94 -6.29 12.61 5.81
CA ARG A 94 -7.64 12.86 6.30
C ARG A 94 -8.68 12.39 5.28
N LYS A 95 -8.36 12.52 3.99
CA LYS A 95 -9.26 12.13 2.93
C LYS A 95 -9.19 10.63 2.68
N ILE A 96 -8.03 10.06 2.94
CA ILE A 96 -7.79 8.65 2.69
C ILE A 96 -8.61 7.77 3.62
N ASP A 97 -8.56 8.05 4.92
CA ASP A 97 -9.25 7.25 5.93
C ASP A 97 -8.85 5.78 5.81
N ALA A 98 -7.66 5.47 6.30
CA ALA A 98 -7.11 4.13 6.25
C ALA A 98 -5.95 4.02 7.24
N PRO A 99 -5.56 2.78 7.61
CA PRO A 99 -4.49 2.55 8.58
C PRO A 99 -3.16 3.14 8.13
N VAL A 100 -2.45 3.77 9.06
CA VAL A 100 -1.18 4.42 8.76
C VAL A 100 -0.05 3.78 9.56
N MET A 101 1.07 3.54 8.88
CA MET A 101 2.28 3.04 9.51
C MET A 101 3.45 3.95 9.14
N ALA A 102 3.68 4.96 9.95
CA ALA A 102 4.71 5.96 9.69
C ALA A 102 6.10 5.32 9.63
N LYS A 103 6.90 5.79 8.69
CA LYS A 103 8.25 5.29 8.51
C LYS A 103 9.22 6.13 9.33
N PRO A 104 10.33 5.54 9.80
CA PRO A 104 10.68 4.15 9.50
C PRO A 104 9.73 3.14 10.10
N ALA A 105 9.41 2.12 9.31
CA ALA A 105 8.53 1.05 9.74
C ALA A 105 9.05 -0.25 9.16
N ASP A 106 9.13 -1.29 9.98
CA ASP A 106 9.64 -2.57 9.53
C ASP A 106 8.71 -3.15 8.48
N THR A 107 9.27 -3.43 7.32
CA THR A 107 8.48 -3.81 6.16
C THR A 107 7.75 -5.12 6.36
N SER A 108 8.25 -5.96 7.26
CA SER A 108 7.58 -7.21 7.58
C SER A 108 6.30 -6.91 8.37
N ASP A 109 6.40 -5.95 9.27
CA ASP A 109 5.24 -5.52 10.06
C ASP A 109 4.22 -4.87 9.17
N VAL A 110 4.70 -4.01 8.28
CA VAL A 110 3.85 -3.32 7.33
C VAL A 110 3.12 -4.32 6.45
N ALA A 111 3.85 -5.34 6.01
CA ALA A 111 3.30 -6.37 5.15
C ALA A 111 2.21 -7.17 5.86
N LYS A 112 2.52 -7.65 7.05
CA LYS A 112 1.60 -8.49 7.81
C LYS A 112 0.32 -7.74 8.16
N ARG A 113 0.46 -6.48 8.54
CA ARG A 113 -0.69 -5.67 8.92
C ARG A 113 -1.54 -5.31 7.70
N ALA A 114 -0.91 -5.28 6.54
CA ALA A 114 -1.62 -5.03 5.29
C ALA A 114 -2.35 -6.29 4.83
N LEU A 115 -1.60 -7.40 4.80
CA LEU A 115 -2.13 -8.66 4.30
C LEU A 115 -3.28 -9.21 5.13
N GLU A 116 -3.33 -8.87 6.42
CA GLU A 116 -4.42 -9.32 7.27
C GLU A 116 -5.74 -8.67 6.88
N MET A 117 -5.66 -7.46 6.33
CA MET A 117 -6.85 -6.73 5.91
C MET A 117 -7.40 -7.31 4.61
N CYS A 118 -6.56 -8.00 3.86
CA CYS A 118 -7.00 -8.65 2.64
C CYS A 118 -7.08 -10.16 2.83
N GLY A 119 -7.27 -10.56 4.08
CA GLY A 119 -7.35 -11.98 4.39
C GLY A 119 -8.55 -12.64 3.74
N GLY A 120 -9.62 -11.88 3.59
CA GLY A 120 -10.81 -12.40 2.95
C GLY A 120 -11.89 -12.75 3.94
N ASP A 121 -12.40 -11.74 4.63
CA ASP A 121 -13.48 -11.94 5.58
C ASP A 121 -14.83 -11.82 4.88
N LYS A 122 -14.96 -12.59 3.80
CA LYS A 122 -16.16 -12.57 2.98
C LYS A 122 -17.22 -13.47 3.60
N GLU A 123 -17.77 -13.03 4.72
CA GLU A 123 -18.79 -13.79 5.41
C GLU A 123 -20.17 -13.25 5.08
N PRO A 124 -21.08 -14.11 4.63
CA PRO A 124 -22.44 -13.71 4.27
C PRO A 124 -23.23 -13.24 5.48
N ALA A 125 -23.66 -11.98 5.44
CA ALA A 125 -24.42 -11.39 6.53
C ALA A 125 -25.88 -11.28 6.15
N GLY A 1 -8.79 -21.30 0.96
CA GLY A 1 -7.96 -22.18 0.11
C GLY A 1 -6.47 -21.94 0.28
N ALA A 2 -6.13 -20.72 0.72
CA ALA A 2 -4.73 -20.34 0.97
C ALA A 2 -3.91 -20.36 -0.32
N MET A 3 -4.59 -20.20 -1.44
CA MET A 3 -3.93 -20.21 -2.74
C MET A 3 -4.22 -18.93 -3.48
N GLY A 4 -3.54 -18.73 -4.59
CA GLY A 4 -3.76 -17.54 -5.40
C GLY A 4 -2.83 -16.40 -5.01
N MET A 5 -2.59 -16.29 -3.70
CA MET A 5 -1.78 -15.24 -3.07
C MET A 5 -2.28 -13.83 -3.40
N PRO A 6 -2.23 -12.91 -2.41
CA PRO A 6 -2.75 -11.56 -2.59
C PRO A 6 -1.91 -10.72 -3.54
N LYS A 7 -2.60 -9.92 -4.34
CA LYS A 7 -1.94 -8.99 -5.22
C LYS A 7 -1.73 -7.66 -4.50
N VAL A 8 -0.49 -7.40 -4.12
CA VAL A 8 -0.16 -6.23 -3.31
C VAL A 8 0.42 -5.11 -4.17
N LEU A 9 -0.06 -3.91 -3.93
CA LEU A 9 0.44 -2.73 -4.63
C LEU A 9 1.22 -1.83 -3.67
N VAL A 10 2.53 -1.71 -3.88
CA VAL A 10 3.37 -0.87 -3.05
C VAL A 10 3.54 0.51 -3.67
N LEU A 11 3.29 1.54 -2.88
CA LEU A 11 3.49 2.91 -3.29
C LEU A 11 4.66 3.52 -2.55
N GLU A 12 5.79 3.60 -3.22
CA GLU A 12 7.02 4.10 -2.60
C GLU A 12 8.04 4.43 -3.69
N ASP A 13 8.65 5.60 -3.58
CA ASP A 13 9.62 6.08 -4.56
C ASP A 13 11.02 5.57 -4.22
N GLU A 14 11.30 5.41 -2.92
CA GLU A 14 12.59 4.90 -2.48
C GLU A 14 12.69 3.41 -2.72
N PRO A 15 13.55 2.98 -3.67
CA PRO A 15 13.67 1.58 -4.06
C PRO A 15 14.03 0.67 -2.90
N LEU A 16 14.79 1.18 -1.94
CA LEU A 16 15.18 0.37 -0.78
C LEU A 16 13.95 0.00 0.03
N ILE A 17 13.13 1.00 0.33
CA ILE A 17 11.90 0.79 1.07
C ILE A 17 10.92 -0.05 0.26
N ALA A 18 10.76 0.33 -1.00
CA ALA A 18 9.86 -0.37 -1.91
C ALA A 18 10.24 -1.84 -2.06
N MET A 19 11.52 -2.10 -2.32
CA MET A 19 12.01 -3.45 -2.48
C MET A 19 11.92 -4.23 -1.17
N ASN A 20 12.11 -3.54 -0.06
CA ASN A 20 12.04 -4.15 1.25
C ASN A 20 10.61 -4.61 1.55
N LEU A 21 9.65 -3.75 1.24
CA LEU A 21 8.25 -4.12 1.34
C LEU A 21 7.95 -5.26 0.39
N GLN A 22 8.47 -5.15 -0.83
CA GLN A 22 8.28 -6.16 -1.85
C GLN A 22 8.68 -7.54 -1.31
N TYR A 23 9.90 -7.65 -0.78
CA TYR A 23 10.37 -8.91 -0.24
C TYR A 23 9.54 -9.35 0.95
N ALA A 24 9.06 -8.37 1.72
CA ALA A 24 8.29 -8.65 2.93
C ALA A 24 6.97 -9.33 2.58
N PHE A 25 6.25 -8.77 1.63
CA PHE A 25 4.98 -9.33 1.20
C PHE A 25 5.18 -10.67 0.51
N GLU A 26 6.22 -10.76 -0.30
CA GLU A 26 6.55 -12.02 -0.99
C GLU A 26 6.86 -13.12 0.04
N ASP A 27 7.50 -12.71 1.13
CA ASP A 27 7.85 -13.65 2.20
C ASP A 27 6.59 -14.14 2.92
N GLU A 28 5.56 -13.29 2.94
CA GLU A 28 4.28 -13.67 3.54
C GLU A 28 3.44 -14.48 2.57
N GLY A 29 3.95 -14.67 1.36
CA GLY A 29 3.23 -15.43 0.36
C GLY A 29 2.27 -14.58 -0.45
N ALA A 30 2.78 -13.47 -0.97
CA ALA A 30 1.98 -12.58 -1.79
C ALA A 30 2.80 -12.08 -2.96
N GLU A 31 2.12 -11.56 -3.98
CA GLU A 31 2.79 -11.02 -5.15
C GLU A 31 2.72 -9.50 -5.11
N VAL A 32 3.85 -8.86 -5.34
CA VAL A 32 3.95 -7.41 -5.16
C VAL A 32 4.18 -6.68 -6.47
N VAL A 33 3.52 -5.54 -6.61
CA VAL A 33 3.83 -4.60 -7.68
C VAL A 33 4.38 -3.33 -7.05
N VAL A 34 5.53 -2.89 -7.51
CA VAL A 34 6.12 -1.67 -6.97
C VAL A 34 5.81 -0.48 -7.88
N ALA A 35 5.20 0.54 -7.31
CA ALA A 35 4.92 1.76 -8.03
C ALA A 35 5.41 2.96 -7.22
N ALA A 36 6.09 3.86 -7.89
CA ALA A 36 6.62 5.05 -7.25
C ALA A 36 5.70 6.23 -7.43
N THR A 37 4.80 6.14 -8.41
CA THR A 37 3.91 7.24 -8.69
C THR A 37 2.46 6.78 -8.68
N CYS A 38 1.55 7.74 -8.61
CA CYS A 38 0.14 7.44 -8.70
C CYS A 38 -0.18 6.88 -10.09
N GLU A 39 0.50 7.40 -11.09
CA GLU A 39 0.34 6.95 -12.47
C GLU A 39 0.66 5.46 -12.59
N GLN A 40 1.80 5.07 -12.01
CA GLN A 40 2.21 3.68 -11.98
C GLN A 40 1.20 2.83 -11.23
N ALA A 41 0.71 3.37 -10.12
CA ALA A 41 -0.26 2.69 -9.28
C ALA A 41 -1.56 2.45 -10.03
N LEU A 42 -2.08 3.52 -10.65
CA LEU A 42 -3.33 3.43 -11.38
C LEU A 42 -3.23 2.44 -12.53
N LYS A 43 -2.04 2.34 -13.11
CA LYS A 43 -1.79 1.41 -14.20
C LYS A 43 -1.88 -0.02 -13.68
N SER A 44 -1.15 -0.32 -12.62
CA SER A 44 -1.13 -1.66 -12.06
C SER A 44 -2.50 -2.01 -11.50
N LEU A 45 -3.18 -1.01 -10.95
CA LEU A 45 -4.51 -1.20 -10.39
C LEU A 45 -5.50 -1.65 -11.46
N ALA A 46 -5.33 -1.13 -12.67
CA ALA A 46 -6.22 -1.48 -13.77
C ALA A 46 -5.81 -2.80 -14.41
N ASP A 47 -4.51 -3.00 -14.55
CA ASP A 47 -3.97 -4.18 -15.21
C ASP A 47 -4.12 -5.42 -14.35
N ASN A 48 -3.92 -5.24 -13.05
CA ASN A 48 -3.97 -6.36 -12.11
C ASN A 48 -5.13 -6.19 -11.14
N PRO A 49 -5.52 -7.26 -10.45
CA PRO A 49 -6.56 -7.24 -9.46
C PRO A 49 -6.00 -7.09 -8.06
N ILE A 50 -5.72 -5.85 -7.69
CA ILE A 50 -5.10 -5.53 -6.42
C ILE A 50 -6.00 -5.92 -5.25
N ASP A 51 -5.47 -6.76 -4.38
CA ASP A 51 -6.20 -7.19 -3.19
C ASP A 51 -5.92 -6.27 -2.03
N VAL A 52 -4.70 -5.76 -1.97
CA VAL A 52 -4.28 -4.88 -0.89
C VAL A 52 -3.14 -3.98 -1.35
N ALA A 53 -3.01 -2.82 -0.73
CA ALA A 53 -1.97 -1.89 -1.11
C ALA A 53 -1.29 -1.28 0.11
N VAL A 54 -0.12 -0.71 -0.11
CA VAL A 54 0.63 -0.02 0.92
C VAL A 54 1.13 1.30 0.38
N LEU A 55 0.61 2.38 0.90
CA LEU A 55 0.92 3.69 0.35
C LEU A 55 1.84 4.46 1.26
N ASP A 56 3.13 4.42 0.93
CA ASP A 56 4.13 5.20 1.61
C ASP A 56 4.01 6.66 1.19
N VAL A 57 3.08 7.36 1.85
CA VAL A 57 2.64 8.71 1.48
C VAL A 57 3.78 9.64 1.07
N ASN A 58 4.89 9.59 1.80
CA ASN A 58 6.00 10.49 1.53
C ASN A 58 6.82 9.98 0.34
N LEU A 59 6.27 10.15 -0.86
CA LEU A 59 6.97 9.80 -2.09
C LEU A 59 7.98 10.90 -2.43
N GLY A 60 7.72 12.08 -1.90
CA GLY A 60 8.61 13.20 -2.06
C GLY A 60 8.07 14.42 -1.35
N PRO A 61 8.71 15.58 -1.48
CA PRO A 61 8.23 16.82 -0.88
C PRO A 61 6.80 17.16 -1.28
N LYS A 62 6.47 16.92 -2.54
CA LYS A 62 5.12 17.17 -3.04
C LYS A 62 4.49 15.88 -3.53
N SER A 63 5.33 14.90 -3.89
CA SER A 63 4.86 13.63 -4.37
C SER A 63 4.21 12.82 -3.24
N HIS A 64 2.98 12.41 -3.45
CA HIS A 64 2.24 11.65 -2.46
C HIS A 64 1.33 10.63 -3.13
N CYS A 65 1.11 9.52 -2.48
CA CYS A 65 0.13 8.55 -2.95
C CYS A 65 -1.27 9.06 -2.60
N GLY A 66 -1.84 9.86 -3.50
CA GLY A 66 -3.14 10.46 -3.23
C GLY A 66 -4.23 9.89 -4.11
N PRO A 67 -4.19 10.16 -5.42
CA PRO A 67 -5.12 9.56 -6.38
C PRO A 67 -5.13 8.04 -6.28
N VAL A 68 -4.06 7.48 -5.72
CA VAL A 68 -3.97 6.04 -5.49
C VAL A 68 -4.92 5.64 -4.38
N ALA A 69 -4.96 6.45 -3.33
CA ALA A 69 -5.83 6.20 -2.20
C ALA A 69 -7.28 6.26 -2.64
N ASP A 70 -7.59 7.29 -3.42
CA ASP A 70 -8.93 7.43 -3.99
C ASP A 70 -9.22 6.26 -4.89
N ALA A 71 -8.25 5.88 -5.71
CA ALA A 71 -8.37 4.75 -6.63
C ALA A 71 -8.72 3.47 -5.87
N LEU A 72 -7.98 3.22 -4.81
CA LEU A 72 -8.21 2.06 -3.97
C LEU A 72 -9.56 2.16 -3.30
N LYS A 73 -9.90 3.36 -2.85
CA LYS A 73 -11.20 3.63 -2.27
C LYS A 73 -12.32 3.37 -3.26
N GLN A 74 -12.07 3.65 -4.53
CA GLN A 74 -13.05 3.44 -5.58
C GLN A 74 -13.36 1.96 -5.75
N ARG A 75 -12.33 1.13 -5.57
CA ARG A 75 -12.49 -0.31 -5.71
C ARG A 75 -12.62 -1.01 -4.36
N ALA A 76 -12.75 -0.19 -3.31
CA ALA A 76 -12.90 -0.68 -1.94
C ALA A 76 -11.73 -1.60 -1.54
N ILE A 77 -10.54 -1.27 -2.02
CA ILE A 77 -9.36 -2.05 -1.69
C ILE A 77 -8.72 -1.52 -0.41
N PRO A 78 -8.36 -2.42 0.51
CA PRO A 78 -7.71 -2.06 1.75
C PRO A 78 -6.24 -1.73 1.56
N PHE A 79 -5.79 -0.73 2.27
CA PHE A 79 -4.41 -0.27 2.18
C PHE A 79 -4.00 0.46 3.44
N ILE A 80 -2.71 0.51 3.65
CA ILE A 80 -2.17 1.18 4.83
C ILE A 80 -1.24 2.30 4.39
N LEU A 81 -1.32 3.42 5.08
CA LEU A 81 -0.45 4.54 4.79
C LEU A 81 0.82 4.40 5.61
N HIS A 82 1.91 4.06 4.95
CA HIS A 82 3.17 3.88 5.64
C HIS A 82 4.05 5.11 5.43
N THR A 83 4.14 5.96 6.44
CA THR A 83 4.84 7.22 6.30
C THR A 83 5.13 7.83 7.67
N GLY A 84 6.21 8.57 7.77
CA GLY A 84 6.51 9.30 8.98
C GLY A 84 6.12 10.75 8.85
N ASP A 85 5.86 11.14 7.62
CA ASP A 85 5.42 12.48 7.31
C ASP A 85 3.89 12.50 7.26
N LEU A 86 3.28 13.04 8.31
CA LEU A 86 1.83 12.93 8.47
C LEU A 86 1.16 14.30 8.42
N ASP A 87 1.50 15.18 9.36
CA ASP A 87 0.86 16.50 9.46
C ASP A 87 1.07 17.31 8.18
N ARG A 88 2.20 17.06 7.53
CA ARG A 88 2.55 17.72 6.27
C ARG A 88 1.61 17.29 5.15
N HIS A 89 0.92 16.17 5.35
CA HIS A 89 -0.03 15.65 4.37
C HIS A 89 -1.34 15.30 5.06
N GLY A 90 -1.68 16.05 6.09
CA GLY A 90 -2.85 15.75 6.89
C GLY A 90 -4.14 15.77 6.09
N GLU A 91 -4.27 16.75 5.20
CA GLU A 91 -5.48 16.89 4.38
C GLU A 91 -5.68 15.64 3.51
N LEU A 92 -4.59 15.08 3.02
CA LEU A 92 -4.63 13.86 2.24
C LEU A 92 -5.15 12.71 3.10
N LEU A 93 -4.55 12.57 4.27
CA LEU A 93 -4.89 11.50 5.21
C LEU A 93 -6.34 11.59 5.64
N ARG A 94 -6.87 12.81 5.70
CA ARG A 94 -8.27 13.02 6.08
C ARG A 94 -9.21 12.40 5.05
N LYS A 95 -8.85 12.48 3.77
CA LYS A 95 -9.62 11.85 2.71
C LYS A 95 -9.55 10.34 2.85
N ILE A 96 -8.34 9.85 3.04
CA ILE A 96 -8.07 8.43 3.08
C ILE A 96 -8.72 7.79 4.31
N ASP A 97 -8.40 8.30 5.50
CA ASP A 97 -8.92 7.77 6.75
C ASP A 97 -8.77 6.25 6.80
N ALA A 98 -7.54 5.80 6.69
CA ALA A 98 -7.22 4.38 6.70
C ALA A 98 -6.07 4.12 7.66
N PRO A 99 -5.77 2.86 7.99
CA PRO A 99 -4.64 2.52 8.86
C PRO A 99 -3.34 3.17 8.41
N VAL A 100 -2.61 3.69 9.38
CA VAL A 100 -1.35 4.37 9.12
C VAL A 100 -0.23 3.70 9.92
N MET A 101 0.91 3.50 9.29
CA MET A 101 2.09 3.01 9.97
C MET A 101 3.20 4.04 9.86
N ALA A 102 3.45 4.72 10.97
CA ALA A 102 4.43 5.79 11.01
C ALA A 102 5.84 5.24 10.85
N LYS A 103 6.73 6.06 10.34
CA LYS A 103 8.12 5.67 10.19
C LYS A 103 8.90 6.07 11.43
N PRO A 104 9.92 5.27 11.82
CA PRO A 104 10.31 4.06 11.09
C PRO A 104 9.36 2.89 11.34
N ALA A 105 9.23 2.04 10.34
CA ALA A 105 8.38 0.85 10.42
C ALA A 105 9.07 -0.30 9.72
N ASP A 106 9.05 -1.47 10.35
CA ASP A 106 9.64 -2.65 9.74
C ASP A 106 8.70 -3.15 8.66
N THR A 107 9.27 -3.44 7.51
CA THR A 107 8.49 -3.78 6.34
C THR A 107 7.79 -5.13 6.49
N SER A 108 8.27 -5.98 7.40
CA SER A 108 7.63 -7.25 7.66
C SER A 108 6.38 -7.02 8.52
N ASP A 109 6.41 -5.96 9.32
CA ASP A 109 5.25 -5.55 10.10
C ASP A 109 4.24 -4.90 9.19
N VAL A 110 4.72 -4.02 8.32
CA VAL A 110 3.87 -3.34 7.36
C VAL A 110 3.16 -4.35 6.47
N ALA A 111 3.92 -5.33 5.99
CA ALA A 111 3.39 -6.38 5.12
C ALA A 111 2.27 -7.14 5.80
N LYS A 112 2.53 -7.63 7.00
CA LYS A 112 1.55 -8.43 7.73
C LYS A 112 0.31 -7.60 8.05
N ARG A 113 0.51 -6.39 8.56
CA ARG A 113 -0.60 -5.50 8.90
C ARG A 113 -1.51 -5.26 7.70
N ALA A 114 -0.91 -5.14 6.53
CA ALA A 114 -1.67 -4.93 5.30
C ALA A 114 -2.45 -6.19 4.92
N LEU A 115 -1.76 -7.32 4.91
CA LEU A 115 -2.36 -8.59 4.53
C LEU A 115 -3.46 -9.01 5.48
N GLU A 116 -3.39 -8.54 6.72
CA GLU A 116 -4.44 -8.80 7.70
C GLU A 116 -5.79 -8.26 7.22
N MET A 117 -5.76 -7.18 6.44
CA MET A 117 -6.97 -6.57 5.95
C MET A 117 -7.47 -7.25 4.68
N CYS A 118 -6.55 -7.90 3.97
CA CYS A 118 -6.89 -8.62 2.74
C CYS A 118 -5.67 -9.35 2.21
N GLY A 119 -5.59 -10.63 2.51
CA GLY A 119 -4.49 -11.44 2.05
C GLY A 119 -4.64 -12.87 2.51
N GLY A 120 -5.59 -13.57 1.91
CA GLY A 120 -5.93 -14.89 2.36
C GLY A 120 -7.03 -14.83 3.40
N ASP A 121 -6.84 -13.93 4.37
CA ASP A 121 -7.84 -13.61 5.38
C ASP A 121 -8.05 -14.77 6.34
N LYS A 122 -8.98 -14.58 7.26
CA LYS A 122 -9.28 -15.57 8.28
C LYS A 122 -10.75 -15.97 8.17
N GLU A 123 -11.15 -16.36 6.98
CA GLU A 123 -12.53 -16.71 6.71
C GLU A 123 -12.82 -18.12 7.23
N PRO A 124 -13.89 -18.28 8.03
CA PRO A 124 -14.34 -19.58 8.51
C PRO A 124 -14.84 -20.48 7.37
N ALA A 125 -13.92 -20.99 6.57
CA ALA A 125 -14.26 -21.80 5.42
C ALA A 125 -13.11 -22.73 5.06
N GLY A 1 -10.35 -19.10 1.07
CA GLY A 1 -9.13 -18.63 0.37
C GLY A 1 -9.34 -18.54 -1.13
N ALA A 2 -8.95 -17.41 -1.71
CA ALA A 2 -9.12 -17.20 -3.14
C ALA A 2 -7.94 -16.42 -3.71
N MET A 3 -7.77 -16.50 -5.03
CA MET A 3 -6.71 -15.79 -5.77
C MET A 3 -5.33 -16.42 -5.55
N GLY A 4 -5.17 -17.14 -4.46
CA GLY A 4 -3.88 -17.71 -4.11
C GLY A 4 -3.04 -16.70 -3.37
N MET A 5 -2.28 -15.91 -4.10
CA MET A 5 -1.45 -14.87 -3.53
C MET A 5 -2.09 -13.51 -3.72
N PRO A 6 -2.20 -12.71 -2.65
CA PRO A 6 -2.76 -11.37 -2.71
C PRO A 6 -1.88 -10.44 -3.55
N LYS A 7 -2.51 -9.64 -4.39
CA LYS A 7 -1.78 -8.65 -5.16
C LYS A 7 -1.57 -7.38 -4.35
N VAL A 8 -0.32 -7.16 -3.97
CA VAL A 8 0.05 -6.03 -3.16
C VAL A 8 0.67 -4.94 -4.01
N LEU A 9 0.03 -3.80 -4.04
CA LEU A 9 0.52 -2.67 -4.79
C LEU A 9 1.27 -1.71 -3.86
N VAL A 10 2.58 -1.64 -4.03
CA VAL A 10 3.42 -0.79 -3.20
C VAL A 10 3.61 0.57 -3.84
N LEU A 11 3.25 1.60 -3.09
CA LEU A 11 3.51 2.97 -3.47
C LEU A 11 4.70 3.48 -2.69
N GLU A 12 5.82 3.60 -3.37
CA GLU A 12 7.05 4.02 -2.73
C GLU A 12 8.07 4.42 -3.78
N ASP A 13 8.67 5.58 -3.58
CA ASP A 13 9.66 6.11 -4.50
C ASP A 13 11.05 5.71 -4.05
N GLU A 14 11.16 5.38 -2.76
CA GLU A 14 12.41 4.90 -2.18
C GLU A 14 12.57 3.40 -2.46
N PRO A 15 13.45 3.04 -3.40
CA PRO A 15 13.62 1.65 -3.84
C PRO A 15 14.01 0.71 -2.71
N LEU A 16 14.65 1.23 -1.67
CA LEU A 16 15.03 0.41 -0.54
C LEU A 16 13.79 -0.03 0.21
N ILE A 17 12.95 0.95 0.56
CA ILE A 17 11.70 0.68 1.25
C ILE A 17 10.78 -0.14 0.36
N ALA A 18 10.71 0.25 -0.91
CA ALA A 18 9.88 -0.45 -1.89
C ALA A 18 10.28 -1.92 -1.98
N MET A 19 11.57 -2.16 -2.18
CA MET A 19 12.12 -3.50 -2.27
C MET A 19 11.93 -4.25 -0.95
N ASN A 20 12.10 -3.54 0.15
CA ASN A 20 11.97 -4.13 1.47
C ASN A 20 10.53 -4.58 1.73
N LEU A 21 9.56 -3.76 1.34
CA LEU A 21 8.17 -4.14 1.40
C LEU A 21 7.89 -5.29 0.45
N GLN A 22 8.46 -5.18 -0.74
CA GLN A 22 8.32 -6.20 -1.77
C GLN A 22 8.73 -7.56 -1.22
N TYR A 23 9.91 -7.62 -0.61
CA TYR A 23 10.41 -8.85 -0.02
C TYR A 23 9.54 -9.31 1.14
N ALA A 24 8.97 -8.36 1.88
CA ALA A 24 8.16 -8.67 3.04
C ALA A 24 6.86 -9.35 2.64
N PHE A 25 6.16 -8.77 1.67
CA PHE A 25 4.91 -9.32 1.19
C PHE A 25 5.13 -10.66 0.48
N GLU A 26 6.18 -10.72 -0.33
CA GLU A 26 6.51 -11.95 -1.03
C GLU A 26 6.92 -13.05 -0.02
N ASP A 27 7.43 -12.62 1.13
CA ASP A 27 7.76 -13.56 2.21
C ASP A 27 6.52 -14.09 2.88
N GLU A 28 5.48 -13.26 2.95
CA GLU A 28 4.21 -13.66 3.56
C GLU A 28 3.37 -14.49 2.61
N GLY A 29 3.77 -14.51 1.34
CA GLY A 29 3.05 -15.28 0.35
C GLY A 29 2.11 -14.43 -0.47
N ALA A 30 2.64 -13.35 -1.03
CA ALA A 30 1.86 -12.45 -1.86
C ALA A 30 2.69 -11.99 -3.04
N GLU A 31 2.03 -11.40 -4.04
CA GLU A 31 2.73 -10.89 -5.21
C GLU A 31 2.70 -9.37 -5.19
N VAL A 32 3.85 -8.76 -5.37
CA VAL A 32 3.99 -7.33 -5.21
C VAL A 32 4.19 -6.61 -6.53
N VAL A 33 3.52 -5.47 -6.68
CA VAL A 33 3.76 -4.59 -7.79
C VAL A 33 4.32 -3.27 -7.25
N VAL A 34 5.48 -2.88 -7.74
CA VAL A 34 6.12 -1.68 -7.26
C VAL A 34 5.75 -0.47 -8.12
N ALA A 35 5.31 0.60 -7.47
CA ALA A 35 4.97 1.84 -8.15
C ALA A 35 5.46 3.04 -7.36
N ALA A 36 6.06 3.99 -8.06
CA ALA A 36 6.58 5.19 -7.42
C ALA A 36 5.64 6.37 -7.62
N THR A 37 4.67 6.20 -8.50
CA THR A 37 3.75 7.29 -8.83
C THR A 37 2.30 6.82 -8.75
N CYS A 38 1.38 7.76 -8.75
CA CYS A 38 -0.04 7.44 -8.78
C CYS A 38 -0.39 6.80 -10.12
N GLU A 39 0.26 7.25 -11.18
CA GLU A 39 0.06 6.67 -12.51
C GLU A 39 0.44 5.20 -12.52
N GLN A 40 1.65 4.90 -12.03
CA GLN A 40 2.14 3.53 -11.97
C GLN A 40 1.19 2.64 -11.19
N ALA A 41 0.60 3.20 -10.14
CA ALA A 41 -0.35 2.49 -9.32
C ALA A 41 -1.64 2.23 -10.07
N LEU A 42 -2.22 3.28 -10.63
CA LEU A 42 -3.44 3.18 -11.41
C LEU A 42 -3.26 2.23 -12.58
N LYS A 43 -2.07 2.21 -13.14
CA LYS A 43 -1.74 1.32 -14.25
C LYS A 43 -1.88 -0.13 -13.81
N SER A 44 -1.21 -0.47 -12.72
CA SER A 44 -1.26 -1.83 -12.20
C SER A 44 -2.68 -2.16 -11.73
N LEU A 45 -3.35 -1.18 -11.15
CA LEU A 45 -4.71 -1.34 -10.67
C LEU A 45 -5.65 -1.68 -11.83
N ALA A 46 -5.38 -1.08 -13.00
CA ALA A 46 -6.23 -1.29 -14.16
C ALA A 46 -5.93 -2.64 -14.84
N ASP A 47 -4.67 -3.03 -14.83
CA ASP A 47 -4.25 -4.23 -15.52
C ASP A 47 -4.42 -5.46 -14.64
N ASN A 48 -4.27 -5.26 -13.34
CA ASN A 48 -4.30 -6.36 -12.39
C ASN A 48 -5.38 -6.15 -11.32
N PRO A 49 -5.73 -7.23 -10.62
CA PRO A 49 -6.69 -7.18 -9.52
C PRO A 49 -5.97 -7.06 -8.18
N ILE A 50 -5.76 -5.83 -7.75
CA ILE A 50 -5.01 -5.56 -6.54
C ILE A 50 -5.84 -5.89 -5.29
N ASP A 51 -5.28 -6.75 -4.45
CA ASP A 51 -5.97 -7.21 -3.26
C ASP A 51 -5.69 -6.28 -2.08
N VAL A 52 -4.53 -5.64 -2.10
CA VAL A 52 -4.11 -4.77 -1.02
C VAL A 52 -2.96 -3.87 -1.47
N ALA A 53 -2.77 -2.76 -0.79
CA ALA A 53 -1.73 -1.83 -1.16
C ALA A 53 -1.02 -1.25 0.06
N VAL A 54 0.11 -0.61 -0.19
CA VAL A 54 0.86 0.07 0.85
C VAL A 54 1.41 1.37 0.29
N LEU A 55 0.91 2.48 0.79
CA LEU A 55 1.16 3.77 0.16
C LEU A 55 2.04 4.66 1.01
N ASP A 56 3.20 5.04 0.46
CA ASP A 56 4.01 6.09 1.04
C ASP A 56 3.51 7.43 0.54
N VAL A 57 3.51 8.41 1.43
CA VAL A 57 2.87 9.68 1.15
C VAL A 57 3.89 10.73 0.75
N ASN A 58 5.15 10.32 0.66
CA ASN A 58 6.23 11.21 0.28
C ASN A 58 6.97 10.65 -0.93
N LEU A 59 6.26 10.53 -2.04
CA LEU A 59 6.83 9.98 -3.26
C LEU A 59 7.76 11.00 -3.90
N GLY A 60 7.64 12.25 -3.48
CA GLY A 60 8.49 13.30 -3.97
C GLY A 60 8.18 14.62 -3.29
N PRO A 61 8.78 15.72 -3.76
CA PRO A 61 8.53 17.06 -3.21
C PRO A 61 7.04 17.37 -3.12
N LYS A 62 6.32 17.07 -4.18
CA LYS A 62 4.88 17.26 -4.22
C LYS A 62 4.18 15.92 -4.41
N SER A 63 4.88 14.99 -5.04
CA SER A 63 4.32 13.69 -5.35
C SER A 63 3.96 12.92 -4.08
N HIS A 64 2.72 12.50 -4.01
CA HIS A 64 2.20 11.77 -2.86
C HIS A 64 1.21 10.71 -3.32
N CYS A 65 1.01 9.68 -2.52
CA CYS A 65 -0.04 8.73 -2.79
C CYS A 65 -1.41 9.37 -2.52
N GLY A 66 -1.96 10.03 -3.54
CA GLY A 66 -3.25 10.68 -3.38
C GLY A 66 -4.32 10.02 -4.21
N PRO A 67 -4.30 10.19 -5.53
CA PRO A 67 -5.24 9.52 -6.44
C PRO A 67 -5.23 8.00 -6.24
N VAL A 68 -4.12 7.46 -5.75
CA VAL A 68 -4.01 6.03 -5.48
C VAL A 68 -4.89 5.66 -4.31
N ALA A 69 -4.86 6.50 -3.28
CA ALA A 69 -5.67 6.28 -2.09
C ALA A 69 -7.13 6.23 -2.47
N ASP A 70 -7.55 7.21 -3.26
CA ASP A 70 -8.92 7.28 -3.74
C ASP A 70 -9.22 6.09 -4.66
N ALA A 71 -8.27 5.76 -5.51
CA ALA A 71 -8.36 4.60 -6.40
C ALA A 71 -8.72 3.34 -5.62
N LEU A 72 -7.97 3.13 -4.54
CA LEU A 72 -8.17 1.98 -3.69
C LEU A 72 -9.46 2.09 -2.91
N LYS A 73 -9.73 3.29 -2.40
CA LYS A 73 -10.98 3.57 -1.70
C LYS A 73 -12.20 3.31 -2.59
N GLN A 74 -12.06 3.62 -3.87
CA GLN A 74 -13.13 3.39 -4.84
C GLN A 74 -13.43 1.91 -5.01
N ARG A 75 -12.38 1.10 -4.97
CA ARG A 75 -12.55 -0.33 -5.19
C ARG A 75 -12.61 -1.09 -3.87
N ALA A 76 -12.64 -0.34 -2.77
CA ALA A 76 -12.68 -0.91 -1.43
C ALA A 76 -11.46 -1.80 -1.16
N ILE A 77 -10.34 -1.47 -1.78
CA ILE A 77 -9.11 -2.20 -1.59
C ILE A 77 -8.42 -1.71 -0.32
N PRO A 78 -8.02 -2.64 0.56
CA PRO A 78 -7.34 -2.29 1.79
C PRO A 78 -5.92 -1.83 1.52
N PHE A 79 -5.46 -0.86 2.28
CA PHE A 79 -4.12 -0.35 2.12
C PHE A 79 -3.67 0.36 3.38
N ILE A 80 -2.37 0.45 3.54
CA ILE A 80 -1.80 1.12 4.70
C ILE A 80 -0.91 2.25 4.24
N LEU A 81 -0.97 3.37 4.91
CA LEU A 81 -0.10 4.48 4.60
C LEU A 81 1.18 4.33 5.41
N HIS A 82 2.25 4.00 4.72
CA HIS A 82 3.53 3.81 5.37
C HIS A 82 4.43 5.00 5.07
N THR A 83 4.28 6.03 5.87
CA THR A 83 4.95 7.29 5.66
C THR A 83 5.56 7.81 6.96
N GLY A 84 6.51 8.71 6.85
CA GLY A 84 7.02 9.41 8.02
C GLY A 84 6.52 10.84 8.05
N ASP A 85 5.69 11.16 7.06
CA ASP A 85 5.15 12.50 6.91
C ASP A 85 3.77 12.61 7.52
N LEU A 86 3.65 12.18 8.76
CA LEU A 86 2.38 12.17 9.46
C LEU A 86 1.87 13.59 9.67
N ASP A 87 2.75 14.50 10.03
CA ASP A 87 2.39 15.90 10.20
C ASP A 87 2.41 16.63 8.86
N ARG A 88 3.41 16.33 8.04
CA ARG A 88 3.57 16.97 6.74
C ARG A 88 2.34 16.77 5.87
N HIS A 89 1.80 15.56 5.86
CA HIS A 89 0.66 15.24 5.03
C HIS A 89 -0.53 14.79 5.87
N GLY A 90 -0.64 15.36 7.07
CA GLY A 90 -1.69 14.97 7.98
C GLY A 90 -3.07 15.19 7.40
N GLU A 91 -3.25 16.32 6.74
CA GLU A 91 -4.52 16.66 6.10
C GLU A 91 -4.90 15.59 5.07
N LEU A 92 -3.94 15.23 4.24
CA LEU A 92 -4.16 14.22 3.20
C LEU A 92 -4.54 12.89 3.84
N LEU A 93 -3.82 12.51 4.88
CA LEU A 93 -4.05 11.28 5.60
C LEU A 93 -5.47 11.23 6.17
N ARG A 94 -5.95 12.36 6.67
CA ARG A 94 -7.29 12.46 7.22
C ARG A 94 -8.34 12.24 6.13
N LYS A 95 -8.03 12.67 4.92
CA LYS A 95 -8.95 12.48 3.80
C LYS A 95 -8.94 11.05 3.31
N ILE A 96 -7.77 10.41 3.37
CA ILE A 96 -7.64 9.02 3.01
C ILE A 96 -8.46 8.14 3.95
N ASP A 97 -8.22 8.31 5.25
CA ASP A 97 -8.88 7.52 6.29
C ASP A 97 -8.60 6.03 6.09
N ALA A 98 -7.39 5.64 6.47
CA ALA A 98 -6.96 4.25 6.36
C ALA A 98 -5.82 4.02 7.32
N PRO A 99 -5.50 2.75 7.64
CA PRO A 99 -4.44 2.43 8.59
C PRO A 99 -3.09 3.00 8.17
N VAL A 100 -2.38 3.56 9.12
CA VAL A 100 -1.10 4.18 8.88
C VAL A 100 0.01 3.48 9.66
N MET A 101 1.11 3.19 8.98
CA MET A 101 2.30 2.65 9.62
C MET A 101 3.41 3.68 9.53
N ALA A 102 3.70 4.32 10.65
CA ALA A 102 4.68 5.39 10.69
C ALA A 102 6.08 4.89 10.38
N LYS A 103 6.87 5.73 9.72
CA LYS A 103 8.27 5.42 9.48
C LYS A 103 9.12 5.96 10.63
N PRO A 104 10.16 5.22 11.04
CA PRO A 104 10.54 3.94 10.42
C PRO A 104 9.62 2.79 10.80
N ALA A 105 9.59 1.78 9.94
CA ALA A 105 8.78 0.58 10.18
C ALA A 105 9.40 -0.60 9.49
N ASP A 106 9.47 -1.73 10.18
CA ASP A 106 9.94 -2.95 9.56
C ASP A 106 8.86 -3.42 8.60
N THR A 107 9.27 -3.72 7.39
CA THR A 107 8.34 -4.00 6.32
C THR A 107 7.51 -5.25 6.57
N SER A 108 7.96 -6.12 7.47
CA SER A 108 7.20 -7.31 7.80
C SER A 108 5.97 -6.91 8.61
N ASP A 109 6.13 -5.94 9.51
CA ASP A 109 5.01 -5.40 10.28
C ASP A 109 4.00 -4.77 9.34
N VAL A 110 4.52 -3.97 8.43
CA VAL A 110 3.70 -3.28 7.45
C VAL A 110 2.96 -4.29 6.57
N ALA A 111 3.69 -5.31 6.12
CA ALA A 111 3.15 -6.34 5.25
C ALA A 111 2.03 -7.12 5.95
N LYS A 112 2.32 -7.58 7.15
CA LYS A 112 1.38 -8.38 7.93
C LYS A 112 0.09 -7.62 8.18
N ARG A 113 0.20 -6.35 8.54
CA ARG A 113 -0.97 -5.53 8.81
C ARG A 113 -1.77 -5.26 7.54
N ALA A 114 -1.07 -5.19 6.41
CA ALA A 114 -1.73 -4.95 5.14
C ALA A 114 -2.45 -6.21 4.66
N LEU A 115 -1.75 -7.33 4.70
CA LEU A 115 -2.29 -8.59 4.23
C LEU A 115 -3.45 -9.09 5.08
N GLU A 116 -3.43 -8.79 6.38
CA GLU A 116 -4.51 -9.23 7.25
C GLU A 116 -5.79 -8.46 6.96
N MET A 117 -5.67 -7.29 6.35
CA MET A 117 -6.82 -6.53 5.92
C MET A 117 -7.38 -7.10 4.62
N CYS A 118 -6.59 -7.94 3.96
CA CYS A 118 -7.03 -8.64 2.76
C CYS A 118 -7.62 -9.99 3.16
N GLY A 119 -6.94 -10.66 4.09
CA GLY A 119 -7.43 -11.92 4.60
C GLY A 119 -7.36 -11.95 6.11
N GLY A 120 -6.39 -12.68 6.64
CA GLY A 120 -6.17 -12.71 8.07
C GLY A 120 -7.10 -13.66 8.80
N ASP A 121 -8.29 -13.86 8.24
CA ASP A 121 -9.31 -14.74 8.83
C ASP A 121 -9.84 -14.13 10.13
N LYS A 122 -9.59 -12.84 10.31
CA LYS A 122 -9.98 -12.14 11.53
C LYS A 122 -9.91 -10.63 11.33
N GLU A 123 -10.93 -9.93 11.81
CA GLU A 123 -10.95 -8.48 11.78
C GLU A 123 -10.69 -7.93 13.18
N PRO A 124 -9.85 -6.88 13.28
CA PRO A 124 -9.54 -6.25 14.57
C PRO A 124 -10.70 -5.41 15.09
N ALA A 125 -11.06 -5.63 16.35
CA ALA A 125 -12.14 -4.89 16.97
C ALA A 125 -11.89 -4.75 18.46
N GLY A 1 -12.07 -21.69 -4.64
CA GLY A 1 -10.59 -21.66 -4.65
C GLY A 1 -10.05 -20.47 -5.42
N ALA A 2 -9.23 -20.75 -6.42
CA ALA A 2 -8.61 -19.71 -7.26
C ALA A 2 -7.72 -18.79 -6.43
N MET A 3 -7.08 -19.35 -5.42
CA MET A 3 -6.18 -18.58 -4.58
C MET A 3 -4.75 -18.74 -5.07
N GLY A 4 -4.03 -17.64 -5.15
CA GLY A 4 -2.66 -17.66 -5.60
C GLY A 4 -1.91 -16.41 -5.23
N MET A 5 -1.78 -16.18 -3.93
CA MET A 5 -1.08 -15.03 -3.37
C MET A 5 -1.81 -13.71 -3.65
N PRO A 6 -1.98 -12.89 -2.60
CA PRO A 6 -2.59 -11.56 -2.72
C PRO A 6 -1.76 -10.64 -3.60
N LYS A 7 -2.45 -9.87 -4.43
CA LYS A 7 -1.79 -8.92 -5.31
C LYS A 7 -1.61 -7.60 -4.58
N VAL A 8 -0.38 -7.32 -4.18
CA VAL A 8 -0.08 -6.17 -3.36
C VAL A 8 0.50 -5.03 -4.21
N LEU A 9 0.01 -3.83 -3.97
CA LEU A 9 0.50 -2.66 -4.68
C LEU A 9 1.28 -1.76 -3.73
N VAL A 10 2.59 -1.67 -3.96
CA VAL A 10 3.45 -0.82 -3.15
C VAL A 10 3.62 0.56 -3.79
N LEU A 11 3.26 1.58 -3.03
CA LEU A 11 3.51 2.96 -3.39
C LEU A 11 4.69 3.46 -2.59
N GLU A 12 5.84 3.51 -3.24
CA GLU A 12 7.08 3.84 -2.57
C GLU A 12 8.11 4.31 -3.57
N ASP A 13 8.58 5.54 -3.39
CA ASP A 13 9.57 6.11 -4.29
C ASP A 13 10.97 5.76 -3.81
N GLU A 14 11.08 5.34 -2.54
CA GLU A 14 12.36 4.86 -2.00
C GLU A 14 12.54 3.39 -2.38
N PRO A 15 13.39 3.11 -3.39
CA PRO A 15 13.55 1.75 -3.93
C PRO A 15 13.99 0.75 -2.88
N LEU A 16 14.72 1.20 -1.86
CA LEU A 16 15.18 0.32 -0.82
C LEU A 16 13.98 -0.19 -0.01
N ILE A 17 13.14 0.74 0.44
CA ILE A 17 11.93 0.40 1.17
C ILE A 17 10.97 -0.38 0.28
N ALA A 18 10.84 0.08 -0.96
CA ALA A 18 9.96 -0.58 -1.93
C ALA A 18 10.37 -2.03 -2.12
N MET A 19 11.67 -2.25 -2.30
CA MET A 19 12.21 -3.57 -2.45
C MET A 19 12.03 -4.40 -1.18
N ASN A 20 12.19 -3.74 -0.04
CA ASN A 20 12.05 -4.38 1.25
C ASN A 20 10.61 -4.82 1.50
N LEU A 21 9.68 -3.92 1.23
CA LEU A 21 8.26 -4.24 1.32
C LEU A 21 7.93 -5.37 0.36
N GLN A 22 8.43 -5.25 -0.86
CA GLN A 22 8.23 -6.26 -1.89
C GLN A 22 8.61 -7.64 -1.36
N TYR A 23 9.81 -7.74 -0.79
CA TYR A 23 10.28 -9.00 -0.25
C TYR A 23 9.50 -9.41 0.98
N ALA A 24 9.04 -8.42 1.75
CA ALA A 24 8.29 -8.69 2.97
C ALA A 24 6.93 -9.31 2.66
N PHE A 25 6.26 -8.76 1.65
CA PHE A 25 4.97 -9.28 1.23
C PHE A 25 5.12 -10.65 0.59
N GLU A 26 6.13 -10.81 -0.26
CA GLU A 26 6.41 -12.10 -0.87
C GLU A 26 6.75 -13.13 0.19
N ASP A 27 7.38 -12.67 1.27
CA ASP A 27 7.71 -13.53 2.40
C ASP A 27 6.44 -14.02 3.09
N GLU A 28 5.43 -13.17 3.14
CA GLU A 28 4.15 -13.53 3.72
C GLU A 28 3.28 -14.27 2.71
N GLY A 29 3.87 -14.55 1.56
CA GLY A 29 3.16 -15.30 0.53
C GLY A 29 2.25 -14.42 -0.30
N ALA A 30 2.82 -13.38 -0.91
CA ALA A 30 2.04 -12.51 -1.78
C ALA A 30 2.86 -12.11 -3.01
N GLU A 31 2.19 -11.47 -3.97
CA GLU A 31 2.84 -10.99 -5.18
C GLU A 31 2.76 -9.47 -5.21
N VAL A 32 3.88 -8.82 -5.49
CA VAL A 32 3.99 -7.38 -5.29
C VAL A 32 4.23 -6.61 -6.58
N VAL A 33 3.53 -5.49 -6.72
CA VAL A 33 3.80 -4.53 -7.78
C VAL A 33 4.38 -3.26 -7.15
N VAL A 34 5.42 -2.72 -7.75
CA VAL A 34 6.03 -1.51 -7.22
C VAL A 34 5.69 -0.30 -8.08
N ALA A 35 5.19 0.75 -7.45
CA ALA A 35 4.90 2.00 -8.12
C ALA A 35 5.43 3.18 -7.33
N ALA A 36 6.07 4.10 -8.02
CA ALA A 36 6.60 5.30 -7.37
C ALA A 36 5.73 6.50 -7.64
N THR A 37 4.74 6.32 -8.50
CA THR A 37 3.85 7.39 -8.88
C THR A 37 2.40 6.93 -8.80
N CYS A 38 1.48 7.87 -8.80
CA CYS A 38 0.07 7.52 -8.80
C CYS A 38 -0.31 6.90 -10.13
N GLU A 39 0.34 7.34 -11.21
CA GLU A 39 0.07 6.80 -12.53
C GLU A 39 0.53 5.35 -12.63
N GLN A 40 1.68 5.03 -12.04
CA GLN A 40 2.13 3.64 -11.98
C GLN A 40 1.15 2.79 -11.20
N ALA A 41 0.59 3.38 -10.15
CA ALA A 41 -0.36 2.70 -9.31
C ALA A 41 -1.65 2.42 -10.04
N LEU A 42 -2.23 3.45 -10.62
CA LEU A 42 -3.47 3.33 -11.38
C LEU A 42 -3.30 2.36 -12.53
N LYS A 43 -2.12 2.32 -13.11
CA LYS A 43 -1.82 1.37 -14.18
C LYS A 43 -1.90 -0.05 -13.64
N SER A 44 -1.24 -0.30 -12.53
CA SER A 44 -1.23 -1.60 -11.91
C SER A 44 -2.62 -1.97 -11.37
N LEU A 45 -3.40 -0.95 -11.02
CA LEU A 45 -4.75 -1.15 -10.53
C LEU A 45 -5.69 -1.59 -11.65
N ALA A 46 -5.45 -1.06 -12.85
CA ALA A 46 -6.27 -1.41 -14.01
C ALA A 46 -5.74 -2.67 -14.68
N ASP A 47 -4.42 -2.84 -14.63
CA ASP A 47 -3.77 -3.97 -15.30
C ASP A 47 -3.81 -5.22 -14.45
N ASN A 48 -3.86 -5.05 -13.13
CA ASN A 48 -3.88 -6.18 -12.21
C ASN A 48 -4.99 -6.00 -11.18
N PRO A 49 -5.41 -7.09 -10.53
CA PRO A 49 -6.45 -7.06 -9.52
C PRO A 49 -5.85 -6.95 -8.11
N ILE A 50 -5.67 -5.72 -7.68
CA ILE A 50 -5.03 -5.44 -6.41
C ILE A 50 -5.88 -5.89 -5.23
N ASP A 51 -5.30 -6.75 -4.38
CA ASP A 51 -5.96 -7.24 -3.18
C ASP A 51 -5.70 -6.28 -2.03
N VAL A 52 -4.52 -5.70 -2.01
CA VAL A 52 -4.11 -4.83 -0.92
C VAL A 52 -2.96 -3.92 -1.38
N ALA A 53 -2.77 -2.80 -0.69
CA ALA A 53 -1.74 -1.86 -1.08
C ALA A 53 -1.04 -1.24 0.14
N VAL A 54 0.09 -0.60 -0.11
CA VAL A 54 0.84 0.10 0.91
C VAL A 54 1.37 1.40 0.32
N LEU A 55 0.86 2.52 0.81
CA LEU A 55 1.09 3.79 0.15
C LEU A 55 1.93 4.75 1.00
N ASP A 56 3.06 5.18 0.45
CA ASP A 56 3.81 6.27 1.08
C ASP A 56 3.17 7.59 0.71
N VAL A 57 2.56 8.20 1.69
CA VAL A 57 1.89 9.47 1.55
C VAL A 57 2.84 10.58 1.09
N ASN A 58 4.15 10.37 1.25
CA ASN A 58 5.13 11.36 0.85
C ASN A 58 6.13 10.76 -0.13
N LEU A 59 5.73 10.66 -1.39
CA LEU A 59 6.59 10.12 -2.44
C LEU A 59 7.67 11.13 -2.80
N GLY A 60 7.32 12.41 -2.70
CA GLY A 60 8.24 13.47 -3.00
C GLY A 60 7.74 14.80 -2.46
N PRO A 61 8.38 15.93 -2.84
CA PRO A 61 7.97 17.25 -2.41
C PRO A 61 6.52 17.58 -2.78
N LYS A 62 6.10 17.13 -3.95
CA LYS A 62 4.71 17.27 -4.36
C LYS A 62 4.07 15.89 -4.46
N SER A 63 4.86 14.91 -4.86
CA SER A 63 4.37 13.57 -5.10
C SER A 63 3.85 12.93 -3.81
N HIS A 64 2.61 12.49 -3.86
CA HIS A 64 1.96 11.85 -2.72
C HIS A 64 1.03 10.76 -3.21
N CYS A 65 0.84 9.72 -2.42
CA CYS A 65 -0.16 8.73 -2.73
C CYS A 65 -1.56 9.32 -2.51
N GLY A 66 -2.10 9.98 -3.53
CA GLY A 66 -3.41 10.60 -3.39
C GLY A 66 -4.43 9.94 -4.29
N PRO A 67 -4.34 10.15 -5.62
CA PRO A 67 -5.20 9.46 -6.58
C PRO A 67 -5.19 7.96 -6.39
N VAL A 68 -4.10 7.45 -5.82
CA VAL A 68 -3.98 6.02 -5.52
C VAL A 68 -4.89 5.64 -4.37
N ALA A 69 -4.88 6.47 -3.35
CA ALA A 69 -5.69 6.25 -2.16
C ALA A 69 -7.15 6.24 -2.52
N ASP A 70 -7.58 7.26 -3.26
CA ASP A 70 -8.95 7.34 -3.74
C ASP A 70 -9.26 6.17 -4.65
N ALA A 71 -8.31 5.79 -5.50
CA ALA A 71 -8.47 4.66 -6.40
C ALA A 71 -8.77 3.39 -5.64
N LEU A 72 -7.97 3.12 -4.62
CA LEU A 72 -8.15 1.96 -3.78
C LEU A 72 -9.46 2.06 -3.02
N LYS A 73 -9.74 3.26 -2.51
CA LYS A 73 -10.99 3.54 -1.81
C LYS A 73 -12.20 3.33 -2.73
N GLN A 74 -12.03 3.63 -4.01
CA GLN A 74 -13.09 3.43 -4.99
C GLN A 74 -13.32 1.94 -5.27
N ARG A 75 -12.25 1.17 -5.29
CA ARG A 75 -12.35 -0.27 -5.56
C ARG A 75 -12.55 -1.06 -4.27
N ALA A 76 -12.63 -0.33 -3.16
CA ALA A 76 -12.80 -0.91 -1.83
C ALA A 76 -11.64 -1.83 -1.47
N ILE A 77 -10.44 -1.45 -1.89
CA ILE A 77 -9.24 -2.20 -1.60
C ILE A 77 -8.61 -1.70 -0.30
N PRO A 78 -8.21 -2.62 0.58
CA PRO A 78 -7.53 -2.27 1.81
C PRO A 78 -6.09 -1.89 1.57
N PHE A 79 -5.62 -0.89 2.29
CA PHE A 79 -4.25 -0.43 2.16
C PHE A 79 -3.81 0.30 3.41
N ILE A 80 -2.51 0.43 3.56
CA ILE A 80 -1.94 1.10 4.71
C ILE A 80 -1.00 2.21 4.24
N LEU A 81 -1.02 3.33 4.94
CA LEU A 81 -0.15 4.43 4.59
C LEU A 81 1.18 4.30 5.32
N HIS A 82 2.22 3.99 4.59
CA HIS A 82 3.55 3.84 5.15
C HIS A 82 4.43 5.00 4.70
N THR A 83 4.36 6.09 5.44
CA THR A 83 5.03 7.32 5.07
C THR A 83 5.91 7.84 6.20
N GLY A 84 6.86 8.70 5.86
CA GLY A 84 7.73 9.28 6.85
C GLY A 84 7.34 10.72 7.18
N ASP A 85 6.15 11.12 6.79
CA ASP A 85 5.64 12.44 7.12
C ASP A 85 4.12 12.43 7.26
N LEU A 86 3.64 12.66 8.47
CA LEU A 86 2.21 12.70 8.74
C LEU A 86 1.76 14.12 9.04
N ASP A 87 2.71 15.03 9.13
CA ASP A 87 2.42 16.40 9.51
C ASP A 87 1.94 17.21 8.32
N ARG A 88 2.73 17.21 7.25
CA ARG A 88 2.44 18.03 6.10
C ARG A 88 1.39 17.36 5.22
N HIS A 89 0.98 16.17 5.60
CA HIS A 89 0.00 15.43 4.83
C HIS A 89 -1.25 15.15 5.65
N GLY A 90 -1.41 15.89 6.75
CA GLY A 90 -2.56 15.68 7.61
C GLY A 90 -3.88 15.82 6.86
N GLU A 91 -3.97 16.86 6.04
CA GLU A 91 -5.16 17.08 5.23
C GLU A 91 -5.38 15.93 4.25
N LEU A 92 -4.29 15.49 3.63
CA LEU A 92 -4.34 14.40 2.67
C LEU A 92 -4.79 13.10 3.35
N LEU A 93 -4.28 12.88 4.57
CA LEU A 93 -4.62 11.70 5.35
C LEU A 93 -6.12 11.63 5.65
N ARG A 94 -6.72 12.79 5.85
CA ARG A 94 -8.15 12.86 6.13
C ARG A 94 -8.96 12.55 4.87
N LYS A 95 -8.35 12.81 3.72
CA LYS A 95 -8.98 12.49 2.44
C LYS A 95 -8.86 10.99 2.16
N ILE A 96 -7.84 10.38 2.74
CA ILE A 96 -7.62 8.95 2.60
C ILE A 96 -8.47 8.18 3.62
N ASP A 97 -8.19 8.41 4.90
CA ASP A 97 -8.83 7.70 5.99
C ASP A 97 -8.55 6.20 5.91
N ALA A 98 -7.40 5.79 6.43
CA ALA A 98 -6.98 4.41 6.41
C ALA A 98 -5.84 4.20 7.41
N PRO A 99 -5.51 2.93 7.74
CA PRO A 99 -4.43 2.62 8.69
C PRO A 99 -3.08 3.17 8.25
N VAL A 100 -2.32 3.67 9.21
CA VAL A 100 -1.03 4.28 8.94
C VAL A 100 0.10 3.55 9.66
N MET A 101 1.18 3.28 8.93
CA MET A 101 2.41 2.74 9.50
C MET A 101 3.54 3.71 9.20
N ALA A 102 3.78 4.64 10.12
CA ALA A 102 4.74 5.71 9.91
C ALA A 102 6.18 5.17 9.84
N LYS A 103 7.04 5.93 9.16
CA LYS A 103 8.45 5.58 9.05
C LYS A 103 9.21 6.21 10.20
N PRO A 104 10.21 5.51 10.75
CA PRO A 104 10.63 4.18 10.28
C PRO A 104 9.61 3.09 10.63
N ALA A 105 9.48 2.12 9.74
CA ALA A 105 8.58 0.99 9.94
C ALA A 105 9.21 -0.27 9.39
N ASP A 106 9.15 -1.35 10.16
CA ASP A 106 9.65 -2.63 9.69
C ASP A 106 8.67 -3.20 8.67
N THR A 107 9.22 -3.57 7.52
CA THR A 107 8.42 -3.95 6.39
C THR A 107 7.61 -5.22 6.63
N SER A 108 8.02 -6.04 7.58
CA SER A 108 7.28 -7.24 7.90
C SER A 108 6.00 -6.86 8.65
N ASP A 109 6.12 -5.88 9.56
CA ASP A 109 4.96 -5.39 10.31
C ASP A 109 4.00 -4.70 9.37
N VAL A 110 4.56 -3.93 8.44
CA VAL A 110 3.75 -3.24 7.45
C VAL A 110 3.02 -4.24 6.56
N ALA A 111 3.72 -5.29 6.16
CA ALA A 111 3.17 -6.31 5.27
C ALA A 111 2.05 -7.10 5.95
N LYS A 112 2.31 -7.55 7.17
CA LYS A 112 1.35 -8.36 7.91
C LYS A 112 0.05 -7.59 8.14
N ARG A 113 0.16 -6.34 8.57
CA ARG A 113 -1.01 -5.52 8.84
C ARG A 113 -1.78 -5.20 7.57
N ALA A 114 -1.08 -5.21 6.44
CA ALA A 114 -1.72 -4.98 5.16
C ALA A 114 -2.44 -6.24 4.68
N LEU A 115 -1.72 -7.34 4.67
CA LEU A 115 -2.24 -8.61 4.17
C LEU A 115 -3.40 -9.14 4.99
N GLU A 116 -3.47 -8.80 6.26
CA GLU A 116 -4.57 -9.24 7.10
C GLU A 116 -5.87 -8.59 6.67
N MET A 117 -5.78 -7.37 6.17
CA MET A 117 -6.96 -6.62 5.78
C MET A 117 -7.58 -7.17 4.51
N CYS A 118 -6.76 -7.75 3.64
CA CYS A 118 -7.27 -8.34 2.41
C CYS A 118 -7.70 -9.79 2.66
N GLY A 119 -7.57 -10.24 3.90
CA GLY A 119 -8.09 -11.54 4.28
C GLY A 119 -9.60 -11.55 4.27
N GLY A 120 -10.17 -10.36 4.36
CA GLY A 120 -11.60 -10.19 4.27
C GLY A 120 -11.97 -9.01 3.40
N ASP A 121 -12.89 -8.19 3.86
CA ASP A 121 -13.27 -6.98 3.14
C ASP A 121 -13.89 -5.98 4.12
N LYS A 122 -14.69 -5.05 3.62
CA LYS A 122 -15.37 -4.08 4.47
C LYS A 122 -16.20 -4.78 5.53
N GLU A 123 -15.77 -4.65 6.78
CA GLU A 123 -16.46 -5.27 7.90
C GLU A 123 -17.75 -4.53 8.21
N PRO A 124 -18.83 -5.28 8.49
CA PRO A 124 -20.11 -4.68 8.87
C PRO A 124 -20.08 -4.11 10.28
N ALA A 125 -20.98 -3.19 10.57
CA ALA A 125 -21.06 -2.60 11.89
C ALA A 125 -22.23 -3.18 12.66
N GLY A 1 0.87 -14.42 -10.81
CA GLY A 1 -0.09 -15.30 -10.11
C GLY A 1 -0.89 -14.58 -9.04
N ALA A 2 -1.77 -13.69 -9.47
CA ALA A 2 -2.58 -12.92 -8.55
C ALA A 2 -3.83 -13.70 -8.14
N MET A 3 -3.61 -14.90 -7.63
CA MET A 3 -4.70 -15.75 -7.19
C MET A 3 -4.23 -16.58 -6.01
N GLY A 4 -4.97 -16.53 -4.91
CA GLY A 4 -4.54 -17.17 -3.69
C GLY A 4 -3.57 -16.30 -2.93
N MET A 5 -2.49 -15.93 -3.61
CA MET A 5 -1.55 -14.96 -3.09
C MET A 5 -2.09 -13.57 -3.37
N PRO A 6 -2.23 -12.73 -2.33
CA PRO A 6 -2.79 -11.39 -2.46
C PRO A 6 -1.93 -10.51 -3.36
N LYS A 7 -2.58 -9.80 -4.25
CA LYS A 7 -1.87 -8.91 -5.16
C LYS A 7 -1.69 -7.55 -4.49
N VAL A 8 -0.46 -7.28 -4.10
CA VAL A 8 -0.14 -6.11 -3.30
C VAL A 8 0.43 -5.00 -4.17
N LEU A 9 -0.10 -3.79 -4.01
CA LEU A 9 0.40 -2.64 -4.73
C LEU A 9 1.20 -1.74 -3.79
N VAL A 10 2.50 -1.67 -4.00
CA VAL A 10 3.36 -0.83 -3.18
C VAL A 10 3.54 0.55 -3.79
N LEU A 11 3.19 1.55 -3.01
CA LEU A 11 3.45 2.94 -3.36
C LEU A 11 4.63 3.42 -2.55
N GLU A 12 5.77 3.56 -3.18
CA GLU A 12 6.99 3.93 -2.49
C GLU A 12 8.02 4.47 -3.47
N ASP A 13 8.50 5.67 -3.19
CA ASP A 13 9.50 6.31 -4.03
C ASP A 13 10.90 5.95 -3.54
N GLU A 14 10.98 5.38 -2.35
CA GLU A 14 12.23 4.87 -1.82
C GLU A 14 12.40 3.40 -2.22
N PRO A 15 13.28 3.12 -3.21
CA PRO A 15 13.44 1.78 -3.77
C PRO A 15 13.87 0.75 -2.72
N LEU A 16 14.64 1.19 -1.73
CA LEU A 16 15.04 0.30 -0.65
C LEU A 16 13.80 -0.21 0.09
N ILE A 17 12.93 0.72 0.46
CA ILE A 17 11.70 0.39 1.15
C ILE A 17 10.76 -0.37 0.22
N ALA A 18 10.64 0.09 -1.02
CA ALA A 18 9.80 -0.56 -2.01
C ALA A 18 10.21 -2.02 -2.18
N MET A 19 11.49 -2.24 -2.40
CA MET A 19 12.05 -3.57 -2.54
C MET A 19 11.84 -4.40 -1.28
N ASN A 20 12.08 -3.78 -0.12
CA ASN A 20 11.96 -4.47 1.15
C ASN A 20 10.51 -4.84 1.44
N LEU A 21 9.58 -3.95 1.10
CA LEU A 21 8.18 -4.25 1.21
C LEU A 21 7.82 -5.39 0.28
N GLN A 22 8.31 -5.31 -0.94
CA GLN A 22 8.06 -6.32 -1.95
C GLN A 22 8.47 -7.69 -1.42
N TYR A 23 9.70 -7.81 -0.93
CA TYR A 23 10.19 -9.06 -0.36
C TYR A 23 9.41 -9.44 0.89
N ALA A 24 8.94 -8.44 1.62
CA ALA A 24 8.21 -8.69 2.86
C ALA A 24 6.86 -9.34 2.58
N PHE A 25 6.15 -8.81 1.60
CA PHE A 25 4.86 -9.36 1.21
C PHE A 25 5.04 -10.72 0.55
N GLU A 26 6.07 -10.84 -0.30
CA GLU A 26 6.37 -12.11 -0.95
C GLU A 26 6.76 -13.15 0.08
N ASP A 27 7.40 -12.71 1.17
CA ASP A 27 7.77 -13.59 2.27
C ASP A 27 6.53 -14.10 2.98
N GLU A 28 5.49 -13.27 3.02
CA GLU A 28 4.23 -13.63 3.66
C GLU A 28 3.34 -14.43 2.70
N GLY A 29 3.85 -14.67 1.49
CA GLY A 29 3.10 -15.44 0.52
C GLY A 29 2.13 -14.60 -0.28
N ALA A 30 2.64 -13.50 -0.83
CA ALA A 30 1.82 -12.61 -1.66
C ALA A 30 2.61 -12.17 -2.89
N GLU A 31 1.92 -11.59 -3.85
CA GLU A 31 2.56 -11.12 -5.08
C GLU A 31 2.48 -9.60 -5.14
N VAL A 32 3.61 -8.96 -5.44
CA VAL A 32 3.71 -7.51 -5.26
C VAL A 32 4.04 -6.77 -6.55
N VAL A 33 3.52 -5.55 -6.64
CA VAL A 33 3.92 -4.61 -7.69
C VAL A 33 4.47 -3.35 -7.02
N VAL A 34 5.50 -2.76 -7.63
CA VAL A 34 6.11 -1.56 -7.06
C VAL A 34 5.84 -0.34 -7.94
N ALA A 35 5.30 0.70 -7.32
CA ALA A 35 5.02 1.95 -8.01
C ALA A 35 5.47 3.13 -7.15
N ALA A 36 5.99 4.16 -7.79
CA ALA A 36 6.47 5.33 -7.06
C ALA A 36 5.60 6.55 -7.33
N THR A 37 4.62 6.38 -8.21
CA THR A 37 3.76 7.50 -8.58
C THR A 37 2.30 7.07 -8.64
N CYS A 38 1.41 8.03 -8.78
CA CYS A 38 0.01 7.74 -9.00
C CYS A 38 -0.16 6.94 -10.27
N GLU A 39 0.46 7.45 -11.32
CA GLU A 39 0.42 6.85 -12.64
C GLU A 39 0.86 5.39 -12.61
N GLN A 40 2.02 5.13 -12.00
CA GLN A 40 2.52 3.77 -11.88
C GLN A 40 1.53 2.88 -11.13
N ALA A 41 0.91 3.45 -10.11
CA ALA A 41 -0.03 2.72 -9.29
C ALA A 41 -1.29 2.40 -10.07
N LEU A 42 -1.87 3.43 -10.68
CA LEU A 42 -3.11 3.29 -11.43
C LEU A 42 -2.91 2.37 -12.62
N LYS A 43 -1.68 2.31 -13.13
CA LYS A 43 -1.35 1.40 -14.21
C LYS A 43 -1.43 -0.04 -13.72
N SER A 44 -0.76 -0.31 -12.61
CA SER A 44 -0.77 -1.64 -12.02
C SER A 44 -2.16 -2.01 -11.54
N LEU A 45 -2.90 -1.03 -11.05
CA LEU A 45 -4.27 -1.24 -10.60
C LEU A 45 -5.15 -1.72 -11.76
N ALA A 46 -4.84 -1.25 -12.96
CA ALA A 46 -5.57 -1.67 -14.14
C ALA A 46 -5.01 -2.97 -14.71
N ASP A 47 -3.70 -3.14 -14.59
CA ASP A 47 -3.02 -4.31 -15.13
C ASP A 47 -3.25 -5.54 -14.26
N ASN A 48 -3.27 -5.33 -12.95
CA ASN A 48 -3.43 -6.41 -11.99
C ASN A 48 -4.62 -6.14 -11.10
N PRO A 49 -5.16 -7.19 -10.47
CA PRO A 49 -6.27 -7.08 -9.55
C PRO A 49 -5.78 -6.94 -8.11
N ILE A 50 -5.50 -5.71 -7.72
CA ILE A 50 -4.93 -5.42 -6.42
C ILE A 50 -5.88 -5.82 -5.29
N ASP A 51 -5.38 -6.68 -4.41
CA ASP A 51 -6.15 -7.14 -3.26
C ASP A 51 -5.86 -6.26 -2.06
N VAL A 52 -4.65 -5.71 -2.01
CA VAL A 52 -4.23 -4.85 -0.91
C VAL A 52 -3.07 -3.97 -1.36
N ALA A 53 -2.87 -2.85 -0.69
CA ALA A 53 -1.81 -1.92 -1.08
C ALA A 53 -1.13 -1.31 0.13
N VAL A 54 -0.01 -0.64 -0.14
CA VAL A 54 0.76 0.07 0.88
C VAL A 54 1.25 1.38 0.32
N LEU A 55 0.74 2.49 0.82
CA LEU A 55 0.96 3.77 0.19
C LEU A 55 1.82 4.70 1.03
N ASP A 56 2.99 5.05 0.49
CA ASP A 56 3.81 6.10 1.08
C ASP A 56 3.23 7.45 0.71
N VAL A 57 3.13 8.33 1.68
CA VAL A 57 2.42 9.57 1.51
C VAL A 57 3.37 10.70 1.12
N ASN A 58 4.66 10.43 1.21
CA ASN A 58 5.67 11.45 0.92
C ASN A 58 6.52 11.03 -0.27
N LEU A 59 5.84 10.72 -1.39
CA LEU A 59 6.51 10.30 -2.61
C LEU A 59 7.48 11.38 -3.09
N GLY A 60 7.04 12.62 -3.02
CA GLY A 60 7.87 13.75 -3.39
C GLY A 60 7.34 15.03 -2.80
N PRO A 61 7.91 16.18 -3.17
CA PRO A 61 7.46 17.49 -2.68
C PRO A 61 5.97 17.71 -2.87
N LYS A 62 5.48 17.34 -4.05
CA LYS A 62 4.06 17.43 -4.33
C LYS A 62 3.44 16.04 -4.50
N SER A 63 4.26 15.09 -4.95
CA SER A 63 3.79 13.75 -5.19
C SER A 63 3.43 13.05 -3.89
N HIS A 64 2.20 12.57 -3.83
CA HIS A 64 1.69 11.87 -2.66
C HIS A 64 0.75 10.77 -3.12
N CYS A 65 0.64 9.70 -2.34
CA CYS A 65 -0.35 8.68 -2.60
C CYS A 65 -1.76 9.26 -2.33
N GLY A 66 -2.33 9.90 -3.35
CA GLY A 66 -3.66 10.47 -3.20
C GLY A 66 -4.64 9.86 -4.19
N PRO A 67 -4.46 10.11 -5.50
CA PRO A 67 -5.27 9.47 -6.53
C PRO A 67 -5.26 7.95 -6.40
N VAL A 68 -4.16 7.43 -5.85
CA VAL A 68 -4.02 6.00 -5.60
C VAL A 68 -4.93 5.57 -4.45
N ALA A 69 -4.94 6.38 -3.40
CA ALA A 69 -5.76 6.12 -2.25
C ALA A 69 -7.23 6.12 -2.64
N ASP A 70 -7.61 7.13 -3.42
CA ASP A 70 -8.97 7.23 -3.95
C ASP A 70 -9.27 6.04 -4.84
N ALA A 71 -8.32 5.69 -5.69
CA ALA A 71 -8.44 4.55 -6.59
C ALA A 71 -8.77 3.28 -5.82
N LEU A 72 -7.99 3.04 -4.77
CA LEU A 72 -8.19 1.88 -3.92
C LEU A 72 -9.51 1.98 -3.18
N LYS A 73 -9.81 3.17 -2.68
CA LYS A 73 -11.03 3.43 -1.97
C LYS A 73 -12.25 3.20 -2.87
N GLN A 74 -12.09 3.47 -4.16
CA GLN A 74 -13.17 3.28 -5.12
C GLN A 74 -13.43 1.80 -5.37
N ARG A 75 -12.39 0.99 -5.32
CA ARG A 75 -12.53 -0.45 -5.52
C ARG A 75 -12.70 -1.17 -4.18
N ALA A 76 -12.71 -0.38 -3.10
CA ALA A 76 -12.84 -0.90 -1.74
C ALA A 76 -11.66 -1.80 -1.37
N ILE A 77 -10.49 -1.46 -1.88
CA ILE A 77 -9.27 -2.21 -1.59
C ILE A 77 -8.62 -1.69 -0.32
N PRO A 78 -8.21 -2.60 0.57
CA PRO A 78 -7.52 -2.22 1.80
C PRO A 78 -6.06 -1.83 1.54
N PHE A 79 -5.60 -0.85 2.28
CA PHE A 79 -4.24 -0.38 2.16
C PHE A 79 -3.81 0.37 3.40
N ILE A 80 -2.52 0.46 3.60
CA ILE A 80 -1.96 1.16 4.75
C ILE A 80 -1.02 2.24 4.29
N LEU A 81 -1.05 3.39 4.94
CA LEU A 81 -0.19 4.49 4.59
C LEU A 81 1.12 4.36 5.35
N HIS A 82 2.17 4.06 4.64
CA HIS A 82 3.48 3.89 5.25
C HIS A 82 4.32 5.12 4.98
N THR A 83 4.24 6.08 5.90
CA THR A 83 4.89 7.37 5.74
C THR A 83 5.51 7.82 7.06
N GLY A 84 6.43 8.77 6.99
CA GLY A 84 7.02 9.34 8.20
C GLY A 84 6.68 10.80 8.34
N ASP A 85 5.79 11.28 7.49
CA ASP A 85 5.36 12.68 7.53
C ASP A 85 3.86 12.79 7.72
N LEU A 86 3.39 12.25 8.83
CA LEU A 86 1.97 12.28 9.17
C LEU A 86 1.53 13.71 9.47
N ASP A 87 2.38 14.42 10.20
CA ASP A 87 2.07 15.78 10.64
C ASP A 87 2.06 16.75 9.47
N ARG A 88 2.70 16.36 8.38
CA ARG A 88 2.76 17.18 7.18
C ARG A 88 1.59 16.87 6.25
N HIS A 89 1.04 15.69 6.41
CA HIS A 89 -0.03 15.22 5.52
C HIS A 89 -1.26 14.79 6.30
N GLY A 90 -1.47 15.40 7.46
CA GLY A 90 -2.58 15.02 8.32
C GLY A 90 -3.91 15.17 7.63
N GLU A 91 -4.05 16.22 6.83
CA GLU A 91 -5.28 16.46 6.09
C GLU A 91 -5.50 15.39 5.03
N LEU A 92 -4.44 15.07 4.30
CA LEU A 92 -4.51 14.05 3.26
C LEU A 92 -4.88 12.70 3.86
N LEU A 93 -4.32 12.42 5.03
CA LEU A 93 -4.59 11.17 5.72
C LEU A 93 -6.07 11.05 6.08
N ARG A 94 -6.71 12.19 6.35
CA ARG A 94 -8.13 12.21 6.65
C ARG A 94 -8.94 11.98 5.37
N LYS A 95 -8.46 12.55 4.26
CA LYS A 95 -9.05 12.33 2.95
C LYS A 95 -9.04 10.85 2.62
N ILE A 96 -7.91 10.22 2.92
CA ILE A 96 -7.70 8.81 2.66
C ILE A 96 -8.52 7.95 3.63
N ASP A 97 -8.27 8.14 4.93
CA ASP A 97 -8.90 7.34 5.98
C ASP A 97 -8.51 5.87 5.85
N ALA A 98 -7.35 5.55 6.38
CA ALA A 98 -6.82 4.19 6.39
C ALA A 98 -5.69 4.11 7.41
N PRO A 99 -5.32 2.89 7.84
CA PRO A 99 -4.25 2.70 8.82
C PRO A 99 -2.91 3.28 8.37
N VAL A 100 -2.13 3.78 9.31
CA VAL A 100 -0.86 4.42 9.00
C VAL A 100 0.28 3.73 9.74
N MET A 101 1.35 3.42 9.03
CA MET A 101 2.57 2.86 9.62
C MET A 101 3.70 3.86 9.47
N ALA A 102 4.06 4.50 10.57
CA ALA A 102 5.05 5.57 10.57
C ALA A 102 6.44 5.05 10.23
N LYS A 103 7.22 5.88 9.56
CA LYS A 103 8.60 5.54 9.22
C LYS A 103 9.55 6.06 10.30
N PRO A 104 10.64 5.32 10.57
CA PRO A 104 10.96 4.06 9.90
C PRO A 104 10.08 2.91 10.38
N ALA A 105 9.72 2.04 9.46
CA ALA A 105 8.90 0.89 9.77
C ALA A 105 9.49 -0.35 9.13
N ASP A 106 9.54 -1.43 9.89
CA ASP A 106 10.01 -2.69 9.35
C ASP A 106 8.99 -3.21 8.37
N THR A 107 9.44 -3.51 7.18
CA THR A 107 8.56 -3.87 6.09
C THR A 107 7.77 -5.14 6.36
N SER A 108 8.25 -5.97 7.29
CA SER A 108 7.51 -7.17 7.66
C SER A 108 6.26 -6.80 8.44
N ASP A 109 6.40 -5.80 9.32
CA ASP A 109 5.27 -5.33 10.12
C ASP A 109 4.26 -4.63 9.23
N VAL A 110 4.77 -3.88 8.28
CA VAL A 110 3.93 -3.19 7.31
C VAL A 110 3.18 -4.21 6.45
N ALA A 111 3.91 -5.21 5.97
CA ALA A 111 3.35 -6.25 5.12
C ALA A 111 2.27 -7.03 5.84
N LYS A 112 2.58 -7.49 7.04
CA LYS A 112 1.65 -8.29 7.82
C LYS A 112 0.34 -7.54 8.05
N ARG A 113 0.43 -6.31 8.55
CA ARG A 113 -0.75 -5.52 8.86
C ARG A 113 -1.60 -5.27 7.61
N ALA A 114 -0.94 -5.01 6.49
CA ALA A 114 -1.65 -4.80 5.24
C ALA A 114 -2.39 -6.07 4.83
N LEU A 115 -1.68 -7.19 4.89
CA LEU A 115 -2.25 -8.48 4.52
C LEU A 115 -3.34 -8.92 5.50
N GLU A 116 -3.28 -8.42 6.74
CA GLU A 116 -4.32 -8.68 7.73
C GLU A 116 -5.66 -8.14 7.25
N MET A 117 -5.63 -6.98 6.61
CA MET A 117 -6.84 -6.35 6.10
C MET A 117 -7.28 -6.99 4.80
N CYS A 118 -6.41 -7.82 4.23
CA CYS A 118 -6.69 -8.50 2.99
C CYS A 118 -7.38 -9.83 3.26
N GLY A 119 -7.94 -9.96 4.45
CA GLY A 119 -8.70 -11.15 4.79
C GLY A 119 -10.03 -11.19 4.08
N GLY A 120 -10.02 -11.71 2.87
CA GLY A 120 -11.21 -11.73 2.06
C GLY A 120 -11.52 -10.36 1.49
N ASP A 121 -12.32 -9.60 2.22
CA ASP A 121 -12.68 -8.25 1.81
C ASP A 121 -13.05 -7.42 3.03
N LYS A 122 -12.52 -7.82 4.18
CA LYS A 122 -12.89 -7.18 5.43
C LYS A 122 -11.67 -7.02 6.33
N GLU A 123 -11.49 -5.80 6.84
CA GLU A 123 -10.47 -5.52 7.83
C GLU A 123 -10.84 -6.21 9.15
N PRO A 124 -9.86 -6.78 9.86
CA PRO A 124 -10.10 -7.45 11.14
C PRO A 124 -10.51 -6.48 12.25
N ALA A 125 -11.81 -6.24 12.37
CA ALA A 125 -12.32 -5.33 13.38
C ALA A 125 -12.82 -6.10 14.59
N GLY A 1 -7.65 -12.44 -2.84
CA GLY A 1 -8.54 -13.22 -3.74
C GLY A 1 -8.08 -14.65 -3.86
N ALA A 2 -8.89 -15.47 -4.52
CA ALA A 2 -8.52 -16.86 -4.76
C ALA A 2 -7.58 -16.97 -5.96
N MET A 3 -6.54 -16.15 -5.95
CA MET A 3 -5.60 -16.08 -7.05
C MET A 3 -4.31 -16.81 -6.70
N GLY A 4 -4.24 -17.27 -5.47
CA GLY A 4 -3.04 -17.91 -4.98
C GLY A 4 -2.22 -16.99 -4.10
N MET A 5 -1.93 -15.81 -4.64
CA MET A 5 -1.23 -14.78 -3.91
C MET A 5 -2.04 -13.49 -3.92
N PRO A 6 -2.08 -12.75 -2.80
CA PRO A 6 -2.71 -11.45 -2.77
C PRO A 6 -1.92 -10.46 -3.61
N LYS A 7 -2.64 -9.68 -4.40
CA LYS A 7 -2.00 -8.71 -5.27
C LYS A 7 -1.71 -7.43 -4.50
N VAL A 8 -0.46 -7.23 -4.15
CA VAL A 8 -0.06 -6.11 -3.31
C VAL A 8 0.53 -4.99 -4.16
N LEU A 9 0.03 -3.78 -3.95
CA LEU A 9 0.55 -2.61 -4.65
C LEU A 9 1.35 -1.73 -3.68
N VAL A 10 2.63 -1.54 -3.98
CA VAL A 10 3.48 -0.69 -3.15
C VAL A 10 3.66 0.68 -3.77
N LEU A 11 3.33 1.70 -3.00
CA LEU A 11 3.58 3.08 -3.37
C LEU A 11 4.77 3.60 -2.59
N GLU A 12 5.89 3.74 -3.27
CA GLU A 12 7.13 4.15 -2.62
C GLU A 12 8.15 4.53 -3.69
N ASP A 13 8.74 5.71 -3.53
CA ASP A 13 9.71 6.20 -4.49
C ASP A 13 11.09 5.65 -4.16
N GLU A 14 11.32 5.37 -2.87
CA GLU A 14 12.56 4.74 -2.43
C GLU A 14 12.57 3.26 -2.80
N PRO A 15 13.41 2.88 -3.76
CA PRO A 15 13.49 1.49 -4.22
C PRO A 15 13.88 0.52 -3.12
N LEU A 16 14.66 0.99 -2.15
CA LEU A 16 15.06 0.14 -1.03
C LEU A 16 13.86 -0.22 -0.19
N ILE A 17 13.11 0.78 0.24
CA ILE A 17 11.90 0.57 1.02
C ILE A 17 10.88 -0.22 0.21
N ALA A 18 10.76 0.15 -1.06
CA ALA A 18 9.84 -0.53 -1.98
C ALA A 18 10.19 -2.01 -2.08
N MET A 19 11.46 -2.28 -2.35
CA MET A 19 11.96 -3.64 -2.48
C MET A 19 11.86 -4.40 -1.16
N ASN A 20 12.13 -3.70 -0.07
CA ASN A 20 12.06 -4.27 1.26
C ASN A 20 10.64 -4.68 1.61
N LEU A 21 9.68 -3.81 1.30
CA LEU A 21 8.28 -4.14 1.45
C LEU A 21 7.92 -5.29 0.55
N GLN A 22 8.39 -5.23 -0.69
CA GLN A 22 8.14 -6.27 -1.66
C GLN A 22 8.54 -7.64 -1.10
N TYR A 23 9.77 -7.72 -0.60
CA TYR A 23 10.28 -8.97 -0.05
C TYR A 23 9.48 -9.41 1.17
N ALA A 24 8.96 -8.43 1.91
CA ALA A 24 8.16 -8.71 3.09
C ALA A 24 6.83 -9.36 2.72
N PHE A 25 6.21 -8.84 1.67
CA PHE A 25 4.94 -9.38 1.20
C PHE A 25 5.13 -10.74 0.55
N GLU A 26 6.18 -10.88 -0.25
CA GLU A 26 6.49 -12.16 -0.87
C GLU A 26 6.86 -13.18 0.20
N ASP A 27 7.40 -12.68 1.31
CA ASP A 27 7.76 -13.53 2.45
C ASP A 27 6.50 -14.05 3.14
N GLU A 28 5.44 -13.25 3.12
CA GLU A 28 4.16 -13.66 3.67
C GLU A 28 3.37 -14.48 2.65
N GLY A 29 3.96 -14.62 1.46
CA GLY A 29 3.30 -15.35 0.40
C GLY A 29 2.35 -14.49 -0.39
N ALA A 30 2.89 -13.47 -1.04
CA ALA A 30 2.08 -12.61 -1.90
C ALA A 30 2.86 -12.13 -3.11
N GLU A 31 2.18 -11.47 -4.03
CA GLU A 31 2.80 -10.92 -5.22
C GLU A 31 2.70 -9.39 -5.18
N VAL A 32 3.78 -8.72 -5.54
CA VAL A 32 3.88 -7.28 -5.33
C VAL A 32 4.07 -6.52 -6.64
N VAL A 33 3.52 -5.33 -6.70
CA VAL A 33 3.78 -4.39 -7.77
C VAL A 33 4.40 -3.13 -7.18
N VAL A 34 5.55 -2.72 -7.69
CA VAL A 34 6.22 -1.54 -7.19
C VAL A 34 5.90 -0.33 -8.05
N ALA A 35 5.39 0.72 -7.41
CA ALA A 35 5.10 1.97 -8.10
C ALA A 35 5.61 3.15 -7.29
N ALA A 36 6.26 4.09 -7.96
CA ALA A 36 6.77 5.27 -7.28
C ALA A 36 5.86 6.46 -7.51
N THR A 37 4.91 6.30 -8.41
CA THR A 37 4.02 7.39 -8.77
C THR A 37 2.56 6.93 -8.71
N CYS A 38 1.65 7.88 -8.62
CA CYS A 38 0.24 7.56 -8.69
C CYS A 38 -0.10 6.98 -10.07
N GLU A 39 0.57 7.50 -11.10
CA GLU A 39 0.38 7.01 -12.45
C GLU A 39 0.74 5.54 -12.57
N GLN A 40 1.91 5.16 -12.04
CA GLN A 40 2.32 3.76 -12.02
C GLN A 40 1.30 2.91 -11.27
N ALA A 41 0.83 3.46 -10.16
CA ALA A 41 -0.12 2.77 -9.32
C ALA A 41 -1.43 2.51 -10.05
N LEU A 42 -1.99 3.57 -10.63
CA LEU A 42 -3.26 3.49 -11.33
C LEU A 42 -3.16 2.54 -12.51
N LYS A 43 -1.98 2.48 -13.12
CA LYS A 43 -1.76 1.57 -14.23
C LYS A 43 -1.90 0.13 -13.77
N SER A 44 -1.21 -0.20 -12.70
CA SER A 44 -1.27 -1.54 -12.13
C SER A 44 -2.64 -1.81 -11.53
N LEU A 45 -3.24 -0.77 -10.96
CA LEU A 45 -4.58 -0.84 -10.38
C LEU A 45 -5.57 -1.30 -11.45
N ALA A 46 -5.41 -0.81 -12.66
CA ALA A 46 -6.29 -1.16 -13.75
C ALA A 46 -5.93 -2.52 -14.36
N ASP A 47 -4.63 -2.80 -14.46
CA ASP A 47 -4.16 -4.01 -15.12
C ASP A 47 -4.35 -5.24 -14.23
N ASN A 48 -4.12 -5.07 -12.94
CA ASN A 48 -4.16 -6.18 -12.00
C ASN A 48 -5.31 -6.01 -11.01
N PRO A 49 -5.69 -7.09 -10.31
CA PRO A 49 -6.74 -7.07 -9.32
C PRO A 49 -6.16 -6.88 -7.92
N ILE A 50 -5.78 -5.66 -7.62
CA ILE A 50 -5.11 -5.32 -6.38
C ILE A 50 -5.95 -5.73 -5.16
N ASP A 51 -5.38 -6.60 -4.34
CA ASP A 51 -6.05 -7.09 -3.15
C ASP A 51 -5.73 -6.20 -1.95
N VAL A 52 -4.55 -5.62 -1.97
CA VAL A 52 -4.09 -4.79 -0.86
C VAL A 52 -2.96 -3.88 -1.32
N ALA A 53 -2.77 -2.77 -0.61
CA ALA A 53 -1.74 -1.83 -1.00
C ALA A 53 -1.05 -1.20 0.21
N VAL A 54 0.12 -0.66 -0.04
CA VAL A 54 0.87 0.08 0.96
C VAL A 54 1.37 1.38 0.36
N LEU A 55 0.83 2.49 0.84
CA LEU A 55 1.05 3.77 0.20
C LEU A 55 1.90 4.69 1.07
N ASP A 56 3.07 5.06 0.55
CA ASP A 56 3.87 6.11 1.16
C ASP A 56 3.33 7.45 0.73
N VAL A 57 3.10 8.32 1.69
CA VAL A 57 2.42 9.57 1.42
C VAL A 57 3.41 10.67 1.02
N ASN A 58 4.58 10.66 1.62
CA ASN A 58 5.58 11.67 1.34
C ASN A 58 6.50 11.26 0.19
N LEU A 59 5.90 11.04 -0.98
CA LEU A 59 6.65 10.68 -2.18
C LEU A 59 7.58 11.82 -2.57
N GLY A 60 7.15 13.03 -2.29
CA GLY A 60 7.95 14.20 -2.55
C GLY A 60 7.39 15.41 -1.82
N PRO A 61 7.90 16.61 -2.09
CA PRO A 61 7.42 17.83 -1.46
C PRO A 61 5.92 18.06 -1.67
N LYS A 62 5.43 17.70 -2.84
CA LYS A 62 4.01 17.81 -3.15
C LYS A 62 3.43 16.50 -3.65
N SER A 63 4.30 15.63 -4.18
CA SER A 63 3.86 14.35 -4.69
C SER A 63 3.49 13.41 -3.55
N HIS A 64 2.28 12.88 -3.62
CA HIS A 64 1.76 12.02 -2.57
C HIS A 64 0.89 10.92 -3.16
N CYS A 65 0.77 9.81 -2.45
CA CYS A 65 -0.18 8.78 -2.83
C CYS A 65 -1.62 9.28 -2.60
N GLY A 66 -2.18 9.95 -3.60
CA GLY A 66 -3.53 10.49 -3.47
C GLY A 66 -4.52 9.79 -4.37
N PRO A 67 -4.43 10.00 -5.69
CA PRO A 67 -5.27 9.29 -6.66
C PRO A 67 -5.24 7.78 -6.45
N VAL A 68 -4.13 7.30 -5.90
CA VAL A 68 -3.98 5.89 -5.60
C VAL A 68 -4.90 5.49 -4.47
N ALA A 69 -4.92 6.32 -3.44
CA ALA A 69 -5.75 6.09 -2.28
C ALA A 69 -7.22 6.07 -2.68
N ASP A 70 -7.61 7.03 -3.50
CA ASP A 70 -8.98 7.08 -4.01
C ASP A 70 -9.26 5.87 -4.88
N ALA A 71 -8.29 5.50 -5.72
CA ALA A 71 -8.40 4.32 -6.58
C ALA A 71 -8.73 3.09 -5.76
N LEU A 72 -8.00 2.93 -4.67
CA LEU A 72 -8.20 1.83 -3.74
C LEU A 72 -9.54 1.95 -3.04
N LYS A 73 -9.82 3.16 -2.55
CA LYS A 73 -11.08 3.48 -1.89
C LYS A 73 -12.27 3.18 -2.80
N GLN A 74 -12.11 3.43 -4.09
CA GLN A 74 -13.16 3.18 -5.08
C GLN A 74 -13.54 1.71 -5.13
N ARG A 75 -12.55 0.84 -5.12
CA ARG A 75 -12.80 -0.60 -5.20
C ARG A 75 -12.85 -1.23 -3.81
N ALA A 76 -12.81 -0.38 -2.78
CA ALA A 76 -12.86 -0.82 -1.39
C ALA A 76 -11.67 -1.73 -1.06
N ILE A 77 -10.53 -1.45 -1.68
CA ILE A 77 -9.34 -2.23 -1.45
C ILE A 77 -8.66 -1.78 -0.16
N PRO A 78 -8.26 -2.73 0.70
CA PRO A 78 -7.58 -2.42 1.93
C PRO A 78 -6.15 -2.00 1.67
N PHE A 79 -5.71 -0.96 2.36
CA PHE A 79 -4.37 -0.45 2.20
C PHE A 79 -3.93 0.30 3.44
N ILE A 80 -2.64 0.42 3.59
CA ILE A 80 -2.07 1.12 4.73
C ILE A 80 -1.15 2.23 4.24
N LEU A 81 -1.18 3.36 4.92
CA LEU A 81 -0.28 4.44 4.58
C LEU A 81 1.01 4.27 5.37
N HIS A 82 2.06 3.90 4.68
CA HIS A 82 3.36 3.73 5.31
C HIS A 82 4.23 4.95 5.00
N THR A 83 3.97 6.01 5.74
CA THR A 83 4.56 7.31 5.49
C THR A 83 5.41 7.76 6.68
N GLY A 84 6.33 8.68 6.42
CA GLY A 84 7.16 9.22 7.48
C GLY A 84 6.67 10.57 7.96
N ASP A 85 5.60 11.06 7.33
CA ASP A 85 4.96 12.29 7.75
C ASP A 85 3.47 12.08 7.93
N LEU A 86 3.00 12.33 9.14
CA LEU A 86 1.58 12.32 9.44
C LEU A 86 1.11 13.71 9.82
N ASP A 87 2.06 14.63 9.96
CA ASP A 87 1.77 15.99 10.38
C ASP A 87 1.34 16.87 9.21
N ARG A 88 2.23 17.02 8.24
CA ARG A 88 1.99 17.92 7.12
C ARG A 88 0.89 17.36 6.23
N HIS A 89 0.90 16.06 6.02
CA HIS A 89 -0.10 15.41 5.18
C HIS A 89 -1.28 14.92 6.01
N GLY A 90 -1.46 15.52 7.19
CA GLY A 90 -2.53 15.09 8.09
C GLY A 90 -3.90 15.23 7.47
N GLU A 91 -4.13 16.34 6.77
CA GLU A 91 -5.40 16.57 6.10
C GLU A 91 -5.67 15.46 5.08
N LEU A 92 -4.66 15.13 4.30
CA LEU A 92 -4.75 14.08 3.30
C LEU A 92 -5.13 12.75 3.95
N LEU A 93 -4.47 12.46 5.06
CA LEU A 93 -4.71 11.22 5.80
C LEU A 93 -6.15 11.15 6.30
N ARG A 94 -6.73 12.32 6.60
CA ARG A 94 -8.12 12.38 7.05
C ARG A 94 -9.07 12.06 5.91
N LYS A 95 -8.68 12.44 4.69
CA LYS A 95 -9.49 12.20 3.51
C LYS A 95 -9.39 10.74 3.09
N ILE A 96 -8.19 10.19 3.19
CA ILE A 96 -7.96 8.79 2.90
C ILE A 96 -8.69 7.91 3.91
N ASP A 97 -8.44 8.19 5.19
CA ASP A 97 -9.06 7.47 6.30
C ASP A 97 -8.79 5.97 6.20
N ALA A 98 -7.56 5.60 6.51
CA ALA A 98 -7.13 4.21 6.48
C ALA A 98 -6.00 4.02 7.47
N PRO A 99 -5.67 2.76 7.85
CA PRO A 99 -4.56 2.48 8.76
C PRO A 99 -3.24 3.07 8.29
N VAL A 100 -2.46 3.57 9.24
CA VAL A 100 -1.19 4.20 8.94
C VAL A 100 -0.06 3.49 9.68
N MET A 101 1.06 3.32 9.01
CA MET A 101 2.28 2.77 9.62
C MET A 101 3.39 3.79 9.48
N ALA A 102 3.58 4.59 10.52
CA ALA A 102 4.58 5.66 10.53
C ALA A 102 5.99 5.10 10.38
N LYS A 103 6.84 5.88 9.72
CA LYS A 103 8.23 5.49 9.52
C LYS A 103 9.10 6.04 10.65
N PRO A 104 10.16 5.31 11.02
CA PRO A 104 10.54 4.04 10.40
C PRO A 104 9.59 2.90 10.77
N ALA A 105 9.48 1.92 9.88
CA ALA A 105 8.63 0.78 10.10
C ALA A 105 9.20 -0.45 9.42
N ASP A 106 9.31 -1.53 10.18
CA ASP A 106 9.80 -2.79 9.64
C ASP A 106 8.80 -3.32 8.63
N THR A 107 9.30 -3.65 7.45
CA THR A 107 8.46 -3.98 6.33
C THR A 107 7.63 -5.24 6.56
N SER A 108 8.11 -6.11 7.42
CA SER A 108 7.36 -7.32 7.77
C SER A 108 6.09 -6.92 8.54
N ASP A 109 6.24 -5.97 9.45
CA ASP A 109 5.09 -5.47 10.23
C ASP A 109 4.11 -4.77 9.31
N VAL A 110 4.65 -4.01 8.38
CA VAL A 110 3.81 -3.30 7.42
C VAL A 110 3.06 -4.28 6.53
N ALA A 111 3.76 -5.33 6.10
CA ALA A 111 3.18 -6.34 5.22
C ALA A 111 2.07 -7.11 5.92
N LYS A 112 2.35 -7.57 7.13
CA LYS A 112 1.38 -8.33 7.92
C LYS A 112 0.12 -7.50 8.18
N ARG A 113 0.33 -6.25 8.59
CA ARG A 113 -0.79 -5.35 8.89
C ARG A 113 -1.62 -5.08 7.65
N ALA A 114 -1.00 -5.15 6.49
CA ALA A 114 -1.69 -4.93 5.23
C ALA A 114 -2.48 -6.18 4.83
N LEU A 115 -1.82 -7.32 4.82
CA LEU A 115 -2.42 -8.57 4.39
C LEU A 115 -3.56 -9.02 5.33
N GLU A 116 -3.47 -8.65 6.61
CA GLU A 116 -4.50 -9.06 7.56
C GLU A 116 -5.83 -8.37 7.27
N MET A 117 -5.76 -7.21 6.63
CA MET A 117 -6.95 -6.47 6.24
C MET A 117 -7.55 -7.03 4.96
N CYS A 118 -6.76 -7.84 4.28
CA CYS A 118 -7.14 -8.34 2.97
C CYS A 118 -7.62 -9.79 3.04
N GLY A 119 -6.78 -10.66 3.58
CA GLY A 119 -7.12 -12.07 3.64
C GLY A 119 -6.97 -12.66 5.02
N GLY A 120 -6.90 -11.80 6.02
CA GLY A 120 -6.75 -12.26 7.39
C GLY A 120 -8.07 -12.75 7.96
N ASP A 121 -9.15 -12.23 7.41
CA ASP A 121 -10.49 -12.63 7.83
C ASP A 121 -10.99 -13.73 6.92
N LYS A 122 -10.92 -14.96 7.40
CA LYS A 122 -11.37 -16.10 6.62
C LYS A 122 -12.07 -17.10 7.51
N GLU A 123 -13.24 -17.55 7.08
CA GLU A 123 -14.01 -18.52 7.84
C GLU A 123 -13.45 -19.92 7.60
N PRO A 124 -12.99 -20.59 8.66
CA PRO A 124 -12.38 -21.93 8.57
C PRO A 124 -13.41 -23.00 8.24
N ALA A 125 -13.85 -23.03 7.00
CA ALA A 125 -14.84 -23.99 6.54
C ALA A 125 -14.60 -24.32 5.07
N GLY A 1 -0.53 -17.29 0.47
CA GLY A 1 -1.83 -17.36 1.17
C GLY A 1 -2.43 -18.75 1.17
N ALA A 2 -3.70 -18.85 1.49
CA ALA A 2 -4.39 -20.12 1.58
C ALA A 2 -5.01 -20.51 0.24
N MET A 3 -5.76 -19.58 -0.35
CA MET A 3 -6.39 -19.81 -1.64
C MET A 3 -5.38 -19.64 -2.75
N GLY A 4 -4.37 -18.85 -2.46
CA GLY A 4 -3.32 -18.59 -3.41
C GLY A 4 -2.34 -17.56 -2.88
N MET A 5 -2.37 -16.38 -3.46
CA MET A 5 -1.50 -15.30 -3.02
C MET A 5 -2.17 -13.95 -3.30
N PRO A 6 -2.07 -13.01 -2.35
CA PRO A 6 -2.64 -11.68 -2.51
C PRO A 6 -1.85 -10.82 -3.49
N LYS A 7 -2.57 -10.01 -4.25
CA LYS A 7 -1.94 -9.07 -5.17
C LYS A 7 -1.71 -7.74 -4.44
N VAL A 8 -0.46 -7.48 -4.11
CA VAL A 8 -0.10 -6.32 -3.31
C VAL A 8 0.45 -5.20 -4.19
N LEU A 9 0.01 -3.98 -3.90
CA LEU A 9 0.46 -2.80 -4.62
C LEU A 9 1.24 -1.88 -3.68
N VAL A 10 2.54 -1.77 -3.90
CA VAL A 10 3.39 -0.90 -3.09
C VAL A 10 3.56 0.45 -3.75
N LEU A 11 3.31 1.49 -2.98
CA LEU A 11 3.50 2.86 -3.41
C LEU A 11 4.70 3.43 -2.69
N GLU A 12 5.84 3.48 -3.35
CA GLU A 12 7.06 3.95 -2.72
C GLU A 12 8.11 4.28 -3.78
N ASP A 13 8.75 5.42 -3.62
CA ASP A 13 9.74 5.90 -4.57
C ASP A 13 11.13 5.53 -4.10
N GLU A 14 11.28 5.34 -2.78
CA GLU A 14 12.54 4.89 -2.22
C GLU A 14 12.72 3.40 -2.49
N PRO A 15 13.66 3.06 -3.39
CA PRO A 15 13.82 1.68 -3.88
C PRO A 15 14.10 0.68 -2.78
N LEU A 16 14.84 1.08 -1.75
CA LEU A 16 15.15 0.17 -0.66
C LEU A 16 13.87 -0.20 0.07
N ILE A 17 13.10 0.81 0.45
CA ILE A 17 11.87 0.61 1.20
C ILE A 17 10.89 -0.21 0.36
N ALA A 18 10.75 0.19 -0.89
CA ALA A 18 9.89 -0.50 -1.83
C ALA A 18 10.32 -1.96 -2.00
N MET A 19 11.62 -2.15 -2.15
CA MET A 19 12.21 -3.48 -2.28
C MET A 19 12.00 -4.30 -1.02
N ASN A 20 12.24 -3.66 0.12
CA ASN A 20 12.14 -4.32 1.41
C ASN A 20 10.71 -4.76 1.70
N LEU A 21 9.76 -3.88 1.38
CA LEU A 21 8.35 -4.22 1.49
C LEU A 21 8.01 -5.32 0.50
N GLN A 22 8.52 -5.20 -0.71
CA GLN A 22 8.32 -6.21 -1.75
C GLN A 22 8.73 -7.58 -1.23
N TYR A 23 9.93 -7.67 -0.67
CA TYR A 23 10.42 -8.93 -0.11
C TYR A 23 9.55 -9.39 1.05
N ALA A 24 9.05 -8.44 1.83
CA ALA A 24 8.26 -8.76 3.01
C ALA A 24 6.94 -9.39 2.62
N PHE A 25 6.27 -8.80 1.65
CA PHE A 25 5.01 -9.33 1.16
C PHE A 25 5.22 -10.67 0.45
N GLU A 26 6.29 -10.75 -0.34
CA GLU A 26 6.63 -12.01 -1.01
C GLU A 26 6.92 -13.10 0.02
N ASP A 27 7.54 -12.72 1.12
CA ASP A 27 7.84 -13.66 2.19
C ASP A 27 6.57 -14.20 2.83
N GLU A 28 5.54 -13.36 2.87
CA GLU A 28 4.25 -13.76 3.42
C GLU A 28 3.45 -14.57 2.39
N GLY A 29 4.04 -14.72 1.20
CA GLY A 29 3.39 -15.48 0.15
C GLY A 29 2.44 -14.62 -0.66
N ALA A 30 2.92 -13.48 -1.12
CA ALA A 30 2.11 -12.56 -1.92
C ALA A 30 2.90 -12.02 -3.09
N GLU A 31 2.20 -11.54 -4.11
CA GLU A 31 2.84 -10.95 -5.27
C GLU A 31 2.83 -9.44 -5.13
N VAL A 32 3.92 -8.79 -5.49
CA VAL A 32 4.05 -7.36 -5.25
C VAL A 32 4.27 -6.59 -6.54
N VAL A 33 3.51 -5.51 -6.69
CA VAL A 33 3.74 -4.54 -7.75
C VAL A 33 4.31 -3.28 -7.12
N VAL A 34 5.33 -2.70 -7.73
CA VAL A 34 5.95 -1.51 -7.16
C VAL A 34 5.67 -0.28 -8.03
N ALA A 35 5.09 0.74 -7.42
CA ALA A 35 4.81 1.99 -8.11
C ALA A 35 5.39 3.15 -7.33
N ALA A 36 6.04 4.06 -8.04
CA ALA A 36 6.63 5.22 -7.41
C ALA A 36 5.76 6.47 -7.60
N THR A 37 4.77 6.35 -8.48
CA THR A 37 3.89 7.47 -8.77
C THR A 37 2.45 7.03 -8.64
N CYS A 38 1.53 7.99 -8.75
CA CYS A 38 0.12 7.65 -8.77
C CYS A 38 -0.23 7.03 -10.12
N GLU A 39 0.47 7.47 -11.17
CA GLU A 39 0.27 6.95 -12.51
C GLU A 39 0.58 5.46 -12.57
N GLN A 40 1.75 5.09 -12.06
CA GLN A 40 2.18 3.70 -11.98
C GLN A 40 1.14 2.88 -11.21
N ALA A 41 0.66 3.44 -10.12
CA ALA A 41 -0.32 2.79 -9.28
C ALA A 41 -1.61 2.52 -10.04
N LEU A 42 -2.16 3.58 -10.65
CA LEU A 42 -3.39 3.47 -11.40
C LEU A 42 -3.26 2.48 -12.55
N LYS A 43 -2.04 2.33 -13.07
CA LYS A 43 -1.77 1.37 -14.12
C LYS A 43 -1.97 -0.04 -13.59
N SER A 44 -1.26 -0.38 -12.52
CA SER A 44 -1.36 -1.70 -11.91
C SER A 44 -2.77 -1.92 -11.36
N LEU A 45 -3.37 -0.85 -10.85
CA LEU A 45 -4.72 -0.90 -10.31
C LEU A 45 -5.72 -1.32 -11.37
N ALA A 46 -5.50 -0.86 -12.60
CA ALA A 46 -6.41 -1.17 -13.70
C ALA A 46 -6.07 -2.50 -14.35
N ASP A 47 -4.77 -2.78 -14.46
CA ASP A 47 -4.29 -3.96 -15.15
C ASP A 47 -4.48 -5.21 -14.30
N ASN A 48 -4.29 -5.08 -13.00
CA ASN A 48 -4.34 -6.22 -12.10
C ASN A 48 -5.43 -6.03 -11.05
N PRO A 49 -5.80 -7.11 -10.35
CA PRO A 49 -6.77 -7.09 -9.28
C PRO A 49 -6.10 -6.96 -7.92
N ILE A 50 -5.83 -5.73 -7.53
CA ILE A 50 -5.14 -5.43 -6.29
C ILE A 50 -5.98 -5.85 -5.09
N ASP A 51 -5.44 -6.79 -4.30
CA ASP A 51 -6.11 -7.26 -3.09
C ASP A 51 -5.81 -6.33 -1.94
N VAL A 52 -4.62 -5.75 -1.95
CA VAL A 52 -4.18 -4.87 -0.87
C VAL A 52 -3.06 -3.97 -1.36
N ALA A 53 -2.92 -2.81 -0.74
CA ALA A 53 -1.89 -1.87 -1.13
C ALA A 53 -1.21 -1.25 0.08
N VAL A 54 -0.05 -0.67 -0.16
CA VAL A 54 0.69 0.04 0.86
C VAL A 54 1.18 1.34 0.28
N LEU A 55 0.66 2.45 0.76
CA LEU A 55 0.95 3.73 0.16
C LEU A 55 1.88 4.54 1.03
N ASP A 56 3.15 4.50 0.69
CA ASP A 56 4.15 5.31 1.33
C ASP A 56 4.04 6.73 0.83
N VAL A 57 3.28 7.53 1.58
CA VAL A 57 2.92 8.89 1.18
C VAL A 57 4.16 9.74 0.87
N ASN A 58 5.28 9.37 1.46
CA ASN A 58 6.53 10.06 1.24
C ASN A 58 7.18 9.63 -0.08
N LEU A 59 6.57 10.02 -1.19
CA LEU A 59 7.10 9.73 -2.51
C LEU A 59 8.12 10.78 -2.92
N GLY A 60 7.87 12.01 -2.47
CA GLY A 60 8.77 13.11 -2.75
C GLY A 60 8.38 14.37 -2.01
N PRO A 61 9.06 15.49 -2.29
CA PRO A 61 8.76 16.78 -1.63
C PRO A 61 7.31 17.21 -1.82
N LYS A 62 6.76 16.90 -2.98
CA LYS A 62 5.37 17.20 -3.28
C LYS A 62 4.61 15.93 -3.66
N SER A 63 5.34 14.98 -4.24
CA SER A 63 4.76 13.73 -4.69
C SER A 63 4.23 12.90 -3.52
N HIS A 64 2.97 12.53 -3.61
CA HIS A 64 2.33 11.72 -2.59
C HIS A 64 1.33 10.75 -3.23
N CYS A 65 1.06 9.64 -2.57
CA CYS A 65 0.05 8.71 -3.03
C CYS A 65 -1.34 9.24 -2.66
N GLY A 66 -1.91 10.06 -3.54
CA GLY A 66 -3.21 10.65 -3.28
C GLY A 66 -4.31 10.00 -4.09
N PRO A 67 -4.36 10.25 -5.41
CA PRO A 67 -5.33 9.61 -6.30
C PRO A 67 -5.31 8.09 -6.18
N VAL A 68 -4.17 7.56 -5.75
CA VAL A 68 -4.01 6.13 -5.54
C VAL A 68 -4.93 5.67 -4.42
N ALA A 69 -5.02 6.49 -3.40
CA ALA A 69 -5.87 6.22 -2.26
C ALA A 69 -7.32 6.17 -2.69
N ASP A 70 -7.70 7.11 -3.55
CA ASP A 70 -9.05 7.16 -4.09
C ASP A 70 -9.32 5.93 -4.93
N ALA A 71 -8.37 5.59 -5.80
CA ALA A 71 -8.46 4.40 -6.64
C ALA A 71 -8.80 3.17 -5.81
N LEU A 72 -8.03 3.00 -4.75
CA LEU A 72 -8.20 1.89 -3.83
C LEU A 72 -9.53 1.99 -3.10
N LYS A 73 -9.81 3.18 -2.58
CA LYS A 73 -11.05 3.43 -1.86
C LYS A 73 -12.27 3.19 -2.75
N GLN A 74 -12.13 3.48 -4.03
CA GLN A 74 -13.22 3.28 -4.99
C GLN A 74 -13.47 1.79 -5.22
N ARG A 75 -12.42 1.00 -5.19
CA ARG A 75 -12.55 -0.44 -5.40
C ARG A 75 -12.63 -1.17 -4.07
N ALA A 76 -12.73 -0.40 -2.98
CA ALA A 76 -12.82 -0.94 -1.63
C ALA A 76 -11.62 -1.80 -1.27
N ILE A 77 -10.45 -1.43 -1.80
CA ILE A 77 -9.23 -2.15 -1.52
C ILE A 77 -8.56 -1.61 -0.26
N PRO A 78 -8.15 -2.52 0.64
CA PRO A 78 -7.47 -2.14 1.87
C PRO A 78 -6.03 -1.73 1.61
N PHE A 79 -5.60 -0.69 2.31
CA PHE A 79 -4.24 -0.20 2.17
C PHE A 79 -3.82 0.53 3.43
N ILE A 80 -2.53 0.61 3.63
CA ILE A 80 -1.97 1.32 4.77
C ILE A 80 -1.12 2.48 4.28
N LEU A 81 -1.23 3.61 4.92
CA LEU A 81 -0.38 4.73 4.60
C LEU A 81 0.88 4.64 5.42
N HIS A 82 1.95 4.31 4.77
CA HIS A 82 3.22 4.21 5.45
C HIS A 82 4.02 5.47 5.15
N THR A 83 4.45 6.19 6.17
CA THR A 83 5.14 7.44 5.95
C THR A 83 5.90 7.90 7.18
N GLY A 84 7.05 8.52 6.95
CA GLY A 84 7.83 9.09 8.04
C GLY A 84 7.44 10.53 8.29
N ASP A 85 6.58 11.04 7.41
CA ASP A 85 6.07 12.39 7.54
C ASP A 85 4.58 12.34 7.84
N LEU A 86 4.21 12.79 9.03
CA LEU A 86 2.82 12.74 9.45
C LEU A 86 2.23 14.13 9.63
N ASP A 87 3.10 15.14 9.76
CA ASP A 87 2.64 16.50 9.95
C ASP A 87 2.34 17.19 8.62
N ARG A 88 3.30 17.15 7.71
CA ARG A 88 3.16 17.80 6.40
C ARG A 88 2.08 17.11 5.58
N HIS A 89 1.97 15.80 5.74
CA HIS A 89 0.94 15.03 5.04
C HIS A 89 -0.23 14.71 5.97
N GLY A 90 -0.32 15.41 7.08
CA GLY A 90 -1.34 15.11 8.08
C GLY A 90 -2.75 15.24 7.53
N GLU A 91 -3.03 16.37 6.89
CA GLU A 91 -4.35 16.61 6.31
C GLU A 91 -4.65 15.56 5.26
N LEU A 92 -3.64 15.20 4.47
CA LEU A 92 -3.78 14.20 3.42
C LEU A 92 -4.19 12.85 4.02
N LEU A 93 -3.55 12.49 5.12
CA LEU A 93 -3.85 11.24 5.80
C LEU A 93 -5.32 11.17 6.20
N ARG A 94 -5.87 12.31 6.61
CA ARG A 94 -7.26 12.38 7.00
C ARG A 94 -8.19 12.43 5.79
N LYS A 95 -7.68 12.94 4.67
CA LYS A 95 -8.44 12.94 3.42
C LYS A 95 -8.58 11.51 2.90
N ILE A 96 -7.51 10.75 3.06
CA ILE A 96 -7.48 9.36 2.66
C ILE A 96 -8.37 8.53 3.59
N ASP A 97 -8.13 8.64 4.89
CA ASP A 97 -8.87 7.89 5.91
C ASP A 97 -8.62 6.39 5.77
N ALA A 98 -7.48 5.96 6.27
CA ALA A 98 -7.09 4.57 6.30
C ALA A 98 -5.96 4.38 7.32
N PRO A 99 -5.60 3.14 7.68
CA PRO A 99 -4.51 2.89 8.65
C PRO A 99 -3.19 3.50 8.21
N VAL A 100 -2.50 4.12 9.16
CA VAL A 100 -1.22 4.76 8.88
C VAL A 100 -0.10 4.13 9.71
N MET A 101 1.00 3.78 9.06
CA MET A 101 2.17 3.29 9.75
C MET A 101 3.33 4.25 9.55
N ALA A 102 3.90 4.72 10.64
CA ALA A 102 4.95 5.72 10.59
C ALA A 102 6.30 5.09 10.30
N LYS A 103 7.20 5.86 9.70
CA LYS A 103 8.57 5.44 9.50
C LYS A 103 9.42 5.89 10.68
N PRO A 104 10.37 5.06 11.11
CA PRO A 104 10.63 3.76 10.49
C PRO A 104 9.60 2.71 10.86
N ALA A 105 9.43 1.74 9.98
CA ALA A 105 8.51 0.64 10.20
C ALA A 105 9.08 -0.63 9.59
N ASP A 106 9.11 -1.70 10.35
CA ASP A 106 9.61 -2.97 9.84
C ASP A 106 8.67 -3.47 8.77
N THR A 107 9.24 -3.79 7.63
CA THR A 107 8.47 -4.10 6.44
C THR A 107 7.62 -5.35 6.61
N SER A 108 8.03 -6.23 7.52
CA SER A 108 7.25 -7.43 7.81
C SER A 108 5.99 -7.03 8.57
N ASP A 109 6.11 -6.04 9.44
CA ASP A 109 4.95 -5.52 10.16
C ASP A 109 4.01 -4.85 9.18
N VAL A 110 4.59 -4.03 8.32
CA VAL A 110 3.81 -3.32 7.31
C VAL A 110 3.09 -4.31 6.39
N ALA A 111 3.80 -5.38 6.04
CA ALA A 111 3.25 -6.41 5.17
C ALA A 111 2.09 -7.14 5.84
N LYS A 112 2.33 -7.62 7.06
CA LYS A 112 1.33 -8.39 7.79
C LYS A 112 0.11 -7.54 8.13
N ARG A 113 0.34 -6.28 8.48
CA ARG A 113 -0.74 -5.34 8.80
C ARG A 113 -1.57 -5.04 7.56
N ALA A 114 -0.94 -5.09 6.40
CA ALA A 114 -1.66 -4.87 5.15
C ALA A 114 -2.43 -6.12 4.75
N LEU A 115 -1.76 -7.27 4.83
CA LEU A 115 -2.35 -8.54 4.40
C LEU A 115 -3.51 -8.99 5.28
N GLU A 116 -3.52 -8.56 6.54
CA GLU A 116 -4.61 -8.93 7.43
C GLU A 116 -5.91 -8.25 7.01
N MET A 117 -5.79 -7.08 6.38
CA MET A 117 -6.95 -6.34 5.96
C MET A 117 -7.58 -6.94 4.71
N CYS A 118 -6.77 -7.58 3.87
CA CYS A 118 -7.28 -8.26 2.69
C CYS A 118 -7.66 -9.70 3.03
N GLY A 119 -7.08 -10.21 4.12
CA GLY A 119 -7.45 -11.51 4.63
C GLY A 119 -8.85 -11.51 5.17
N GLY A 120 -9.38 -10.32 5.39
CA GLY A 120 -10.76 -10.15 5.80
C GLY A 120 -11.33 -8.89 5.20
N ASP A 121 -11.30 -8.80 3.87
CA ASP A 121 -11.70 -7.60 3.15
C ASP A 121 -13.18 -7.31 3.34
N LYS A 122 -13.52 -6.04 3.38
CA LYS A 122 -14.89 -5.59 3.62
C LYS A 122 -15.01 -4.14 3.20
N GLU A 123 -16.25 -3.65 3.09
CA GLU A 123 -16.50 -2.25 2.74
C GLU A 123 -15.85 -1.33 3.77
N PRO A 124 -15.08 -0.32 3.32
CA PRO A 124 -14.47 0.68 4.22
C PRO A 124 -15.50 1.65 4.79
N ALA A 125 -16.61 1.12 5.28
CA ALA A 125 -17.69 1.93 5.82
C ALA A 125 -18.39 1.19 6.94
N GLY A 1 -2.13 -14.67 -15.10
CA GLY A 1 -3.02 -15.75 -14.61
C GLY A 1 -2.44 -16.47 -13.40
N ALA A 2 -3.23 -17.37 -12.82
CA ALA A 2 -2.81 -18.15 -11.66
C ALA A 2 -2.41 -17.24 -10.50
N MET A 3 -3.32 -16.38 -10.10
CA MET A 3 -3.05 -15.43 -9.03
C MET A 3 -3.74 -15.86 -7.73
N GLY A 4 -3.13 -16.80 -7.03
CA GLY A 4 -3.62 -17.20 -5.73
C GLY A 4 -3.08 -16.28 -4.65
N MET A 5 -1.89 -15.76 -4.90
CA MET A 5 -1.27 -14.78 -4.02
C MET A 5 -2.03 -13.47 -4.04
N PRO A 6 -2.12 -12.78 -2.90
CA PRO A 6 -2.69 -11.44 -2.83
C PRO A 6 -1.87 -10.47 -3.66
N LYS A 7 -2.55 -9.68 -4.47
CA LYS A 7 -1.88 -8.72 -5.33
C LYS A 7 -1.67 -7.42 -4.56
N VAL A 8 -0.45 -7.20 -4.13
CA VAL A 8 -0.12 -6.08 -3.28
C VAL A 8 0.49 -4.95 -4.10
N LEU A 9 -0.05 -3.75 -3.95
CA LEU A 9 0.48 -2.60 -4.66
C LEU A 9 1.28 -1.70 -3.71
N VAL A 10 2.57 -1.59 -3.98
CA VAL A 10 3.43 -0.73 -3.19
C VAL A 10 3.59 0.64 -3.86
N LEU A 11 3.24 1.67 -3.12
CA LEU A 11 3.53 3.04 -3.49
C LEU A 11 4.71 3.49 -2.67
N GLU A 12 5.79 3.85 -3.33
CA GLU A 12 7.01 4.18 -2.63
C GLU A 12 7.94 4.97 -3.54
N ASP A 13 8.87 5.71 -2.93
CA ASP A 13 9.82 6.49 -3.69
C ASP A 13 11.25 6.09 -3.33
N GLU A 14 11.37 5.21 -2.34
CA GLU A 14 12.65 4.65 -1.95
C GLU A 14 12.75 3.18 -2.33
N PRO A 15 13.48 2.87 -3.42
CA PRO A 15 13.59 1.50 -3.94
C PRO A 15 14.13 0.51 -2.91
N LEU A 16 14.90 1.00 -1.95
CA LEU A 16 15.41 0.15 -0.88
C LEU A 16 14.24 -0.31 -0.02
N ILE A 17 13.39 0.64 0.35
CA ILE A 17 12.15 0.37 1.07
C ILE A 17 11.24 -0.52 0.24
N ALA A 18 11.08 -0.20 -1.04
CA ALA A 18 10.25 -0.99 -1.94
C ALA A 18 10.70 -2.43 -1.97
N MET A 19 11.99 -2.63 -2.17
CA MET A 19 12.59 -3.95 -2.16
C MET A 19 12.28 -4.68 -0.86
N ASN A 20 12.38 -3.94 0.24
CA ASN A 20 12.16 -4.51 1.55
C ASN A 20 10.69 -4.87 1.77
N LEU A 21 9.80 -4.00 1.33
CA LEU A 21 8.38 -4.30 1.35
C LEU A 21 8.06 -5.46 0.42
N GLN A 22 8.63 -5.41 -0.78
CA GLN A 22 8.40 -6.45 -1.77
C GLN A 22 8.77 -7.81 -1.19
N TYR A 23 9.96 -7.90 -0.61
CA TYR A 23 10.43 -9.14 -0.03
C TYR A 23 9.62 -9.50 1.21
N ALA A 24 9.09 -8.50 1.90
CA ALA A 24 8.30 -8.73 3.09
C ALA A 24 6.98 -9.39 2.74
N PHE A 25 6.29 -8.83 1.76
CA PHE A 25 5.02 -9.38 1.31
C PHE A 25 5.22 -10.75 0.66
N GLU A 26 6.26 -10.87 -0.16
CA GLU A 26 6.55 -12.13 -0.82
C GLU A 26 6.96 -13.19 0.21
N ASP A 27 7.54 -12.73 1.32
CA ASP A 27 7.90 -13.63 2.40
C ASP A 27 6.67 -14.10 3.16
N GLU A 28 5.65 -13.24 3.22
CA GLU A 28 4.39 -13.60 3.86
C GLU A 28 3.55 -14.47 2.93
N GLY A 29 3.87 -14.39 1.64
CA GLY A 29 3.16 -15.16 0.65
C GLY A 29 2.21 -14.31 -0.17
N ALA A 30 2.78 -13.35 -0.90
CA ALA A 30 1.97 -12.52 -1.80
C ALA A 30 2.79 -12.09 -3.01
N GLU A 31 2.14 -11.37 -3.93
CA GLU A 31 2.79 -10.87 -5.13
C GLU A 31 2.71 -9.36 -5.15
N VAL A 32 3.85 -8.71 -5.37
CA VAL A 32 3.97 -7.28 -5.15
C VAL A 32 4.24 -6.49 -6.43
N VAL A 33 3.52 -5.39 -6.59
CA VAL A 33 3.78 -4.43 -7.65
C VAL A 33 4.46 -3.20 -7.04
N VAL A 34 5.41 -2.62 -7.75
CA VAL A 34 6.11 -1.45 -7.25
C VAL A 34 5.78 -0.22 -8.11
N ALA A 35 5.32 0.85 -7.47
CA ALA A 35 4.98 2.07 -8.18
C ALA A 35 5.41 3.30 -7.38
N ALA A 36 6.03 4.26 -8.07
CA ALA A 36 6.47 5.50 -7.44
C ALA A 36 5.47 6.61 -7.65
N THR A 37 4.67 6.46 -8.69
CA THR A 37 3.73 7.50 -9.07
C THR A 37 2.30 6.99 -8.96
N CYS A 38 1.37 7.91 -8.86
CA CYS A 38 -0.04 7.55 -8.91
C CYS A 38 -0.36 6.97 -10.28
N GLU A 39 0.34 7.44 -11.30
CA GLU A 39 0.19 6.93 -12.66
C GLU A 39 0.51 5.43 -12.71
N GLN A 40 1.68 5.05 -12.20
CA GLN A 40 2.09 3.65 -12.14
C GLN A 40 1.09 2.83 -11.35
N ALA A 41 0.60 3.42 -10.27
CA ALA A 41 -0.36 2.76 -9.41
C ALA A 41 -1.68 2.52 -10.12
N LEU A 42 -2.21 3.57 -10.74
CA LEU A 42 -3.48 3.50 -11.44
C LEU A 42 -3.40 2.53 -12.62
N LYS A 43 -2.21 2.43 -13.21
CA LYS A 43 -2.00 1.48 -14.30
C LYS A 43 -2.12 0.06 -13.77
N SER A 44 -1.42 -0.20 -12.66
CA SER A 44 -1.45 -1.50 -12.03
C SER A 44 -2.84 -1.81 -11.49
N LEU A 45 -3.53 -0.78 -11.04
CA LEU A 45 -4.91 -0.90 -10.56
C LEU A 45 -5.79 -1.47 -11.66
N ALA A 46 -5.54 -1.03 -12.89
CA ALA A 46 -6.34 -1.45 -14.03
C ALA A 46 -5.85 -2.77 -14.60
N ASP A 47 -4.53 -2.91 -14.72
CA ASP A 47 -3.93 -4.10 -15.32
C ASP A 47 -4.07 -5.31 -14.40
N ASN A 48 -3.94 -5.07 -13.12
CA ASN A 48 -4.00 -6.15 -12.13
C ASN A 48 -5.18 -5.96 -11.19
N PRO A 49 -5.57 -7.02 -10.48
CA PRO A 49 -6.60 -6.97 -9.47
C PRO A 49 -6.02 -6.81 -8.07
N ILE A 50 -5.77 -5.56 -7.71
CA ILE A 50 -5.13 -5.24 -6.45
C ILE A 50 -5.95 -5.71 -5.25
N ASP A 51 -5.37 -6.59 -4.44
CA ASP A 51 -6.04 -7.13 -3.27
C ASP A 51 -5.79 -6.25 -2.06
N VAL A 52 -4.62 -5.62 -2.05
CA VAL A 52 -4.22 -4.77 -0.93
C VAL A 52 -3.07 -3.88 -1.37
N ALA A 53 -2.90 -2.76 -0.71
CA ALA A 53 -1.85 -1.82 -1.08
C ALA A 53 -1.16 -1.21 0.11
N VAL A 54 0.03 -0.70 -0.14
CA VAL A 54 0.81 0.01 0.86
C VAL A 54 1.30 1.30 0.28
N LEU A 55 0.79 2.41 0.79
CA LEU A 55 1.04 3.69 0.18
C LEU A 55 1.96 4.57 1.02
N ASP A 56 3.20 4.67 0.58
CA ASP A 56 4.17 5.59 1.17
C ASP A 56 3.79 7.02 0.80
N VAL A 57 3.04 7.67 1.67
CA VAL A 57 2.53 9.01 1.42
C VAL A 57 3.66 10.01 1.16
N ASN A 58 4.81 9.72 1.72
CA ASN A 58 5.97 10.60 1.63
C ASN A 58 6.71 10.44 0.30
N LEU A 59 5.98 10.55 -0.81
CA LEU A 59 6.60 10.44 -2.13
C LEU A 59 7.47 11.65 -2.43
N GLY A 60 7.14 12.76 -1.76
CA GLY A 60 7.92 13.96 -1.88
C GLY A 60 7.27 15.10 -1.14
N PRO A 61 7.86 16.31 -1.18
CA PRO A 61 7.28 17.50 -0.55
C PRO A 61 5.87 17.78 -1.05
N LYS A 62 5.64 17.53 -2.34
CA LYS A 62 4.33 17.68 -2.93
C LYS A 62 3.79 16.33 -3.38
N SER A 63 4.69 15.46 -3.83
CA SER A 63 4.32 14.15 -4.32
C SER A 63 3.74 13.29 -3.21
N HIS A 64 2.56 12.76 -3.45
CA HIS A 64 1.88 11.94 -2.46
C HIS A 64 1.06 10.85 -3.14
N CYS A 65 0.88 9.73 -2.46
CA CYS A 65 -0.05 8.71 -2.90
C CYS A 65 -1.48 9.19 -2.60
N GLY A 66 -2.07 9.92 -3.53
CA GLY A 66 -3.39 10.47 -3.32
C GLY A 66 -4.43 9.82 -4.19
N PRO A 67 -4.39 10.08 -5.52
CA PRO A 67 -5.28 9.44 -6.47
C PRO A 67 -5.24 7.92 -6.37
N VAL A 68 -4.14 7.41 -5.83
CA VAL A 68 -3.99 5.97 -5.58
C VAL A 68 -4.90 5.55 -4.44
N ALA A 69 -4.89 6.34 -3.39
CA ALA A 69 -5.70 6.07 -2.22
C ALA A 69 -7.17 6.15 -2.58
N ASP A 70 -7.51 7.16 -3.35
CA ASP A 70 -8.88 7.33 -3.84
C ASP A 70 -9.26 6.16 -4.74
N ALA A 71 -8.32 5.74 -5.57
CA ALA A 71 -8.52 4.58 -6.44
C ALA A 71 -8.89 3.35 -5.63
N LEU A 72 -8.11 3.11 -4.60
CA LEU A 72 -8.32 1.99 -3.70
C LEU A 72 -9.63 2.14 -2.94
N LYS A 73 -9.89 3.37 -2.52
CA LYS A 73 -11.13 3.73 -1.86
C LYS A 73 -12.33 3.44 -2.76
N GLN A 74 -12.17 3.70 -4.05
CA GLN A 74 -13.24 3.47 -5.03
C GLN A 74 -13.62 2.01 -5.11
N ARG A 75 -12.61 1.13 -5.16
CA ARG A 75 -12.86 -0.29 -5.31
C ARG A 75 -12.91 -0.99 -3.96
N ALA A 76 -12.90 -0.19 -2.90
CA ALA A 76 -12.95 -0.70 -1.53
C ALA A 76 -11.79 -1.65 -1.25
N ILE A 77 -10.64 -1.38 -1.84
CA ILE A 77 -9.46 -2.19 -1.62
C ILE A 77 -8.78 -1.77 -0.33
N PRO A 78 -8.39 -2.74 0.50
CA PRO A 78 -7.70 -2.46 1.75
C PRO A 78 -6.27 -2.02 1.49
N PHE A 79 -5.82 -1.03 2.24
CA PHE A 79 -4.48 -0.49 2.08
C PHE A 79 -4.06 0.26 3.32
N ILE A 80 -2.77 0.37 3.51
CA ILE A 80 -2.21 1.07 4.66
C ILE A 80 -1.29 2.18 4.19
N LEU A 81 -1.34 3.30 4.87
CA LEU A 81 -0.45 4.40 4.55
C LEU A 81 0.83 4.25 5.35
N HIS A 82 1.89 3.91 4.65
CA HIS A 82 3.19 3.77 5.29
C HIS A 82 4.02 5.01 5.01
N THR A 83 4.17 5.87 6.01
CA THR A 83 4.80 7.15 5.77
C THR A 83 5.48 7.66 7.03
N GLY A 84 6.53 8.46 6.83
CA GLY A 84 7.22 9.08 7.94
C GLY A 84 6.76 10.50 8.15
N ASP A 85 5.71 10.88 7.44
CA ASP A 85 5.12 12.20 7.58
C ASP A 85 3.63 12.18 7.31
N LEU A 86 2.85 12.61 8.29
CA LEU A 86 1.42 12.79 8.11
C LEU A 86 1.07 14.25 8.33
N ASP A 87 2.10 15.08 8.48
CA ASP A 87 1.91 16.49 8.76
C ASP A 87 1.70 17.29 7.48
N ARG A 88 2.64 17.16 6.55
CA ARG A 88 2.63 17.96 5.34
C ARG A 88 1.60 17.45 4.35
N HIS A 89 1.08 16.26 4.62
CA HIS A 89 0.06 15.67 3.77
C HIS A 89 -1.15 15.30 4.61
N GLY A 90 -1.33 16.00 5.73
CA GLY A 90 -2.36 15.66 6.69
C GLY A 90 -3.76 15.74 6.11
N GLU A 91 -4.00 16.73 5.28
CA GLU A 91 -5.30 16.91 4.65
C GLU A 91 -5.62 15.74 3.73
N LEU A 92 -4.57 15.10 3.22
CA LEU A 92 -4.72 13.95 2.33
C LEU A 92 -5.34 12.77 3.06
N LEU A 93 -4.88 12.53 4.29
CA LEU A 93 -5.34 11.39 5.08
C LEU A 93 -6.84 11.46 5.32
N ARG A 94 -7.38 12.68 5.31
CA ARG A 94 -8.81 12.90 5.57
C ARG A 94 -9.65 12.31 4.44
N LYS A 95 -9.12 12.35 3.22
CA LYS A 95 -9.82 11.79 2.06
C LYS A 95 -9.63 10.29 2.01
N ILE A 96 -8.52 9.82 2.58
CA ILE A 96 -8.19 8.43 2.56
C ILE A 96 -8.95 7.66 3.64
N ASP A 97 -8.69 8.01 4.90
CA ASP A 97 -9.26 7.32 6.05
C ASP A 97 -8.94 5.82 6.00
N ALA A 98 -7.68 5.51 6.29
CA ALA A 98 -7.21 4.14 6.32
C ALA A 98 -6.08 4.02 7.34
N PRO A 99 -5.70 2.79 7.73
CA PRO A 99 -4.63 2.57 8.71
C PRO A 99 -3.30 3.17 8.25
N VAL A 100 -2.58 3.73 9.20
CA VAL A 100 -1.31 4.38 8.91
C VAL A 100 -0.16 3.76 9.72
N MET A 101 0.83 3.25 9.02
CA MET A 101 2.04 2.72 9.65
C MET A 101 3.15 3.75 9.50
N ALA A 102 3.39 4.52 10.55
CA ALA A 102 4.39 5.58 10.52
C ALA A 102 5.79 5.00 10.61
N LYS A 103 6.76 5.78 10.18
CA LYS A 103 8.15 5.36 10.20
C LYS A 103 8.83 5.81 11.49
N PRO A 104 9.87 5.09 11.94
CA PRO A 104 10.37 3.88 11.27
C PRO A 104 9.38 2.71 11.39
N ALA A 105 9.20 2.01 10.28
CA ALA A 105 8.32 0.86 10.26
C ALA A 105 9.04 -0.33 9.66
N ASP A 106 8.92 -1.47 10.30
CA ASP A 106 9.52 -2.68 9.77
C ASP A 106 8.62 -3.21 8.67
N THR A 107 9.22 -3.49 7.53
CA THR A 107 8.47 -3.85 6.35
C THR A 107 7.71 -5.17 6.52
N SER A 108 8.15 -6.00 7.46
CA SER A 108 7.42 -7.21 7.79
C SER A 108 6.13 -6.84 8.52
N ASP A 109 6.22 -5.86 9.42
CA ASP A 109 5.06 -5.38 10.16
C ASP A 109 4.07 -4.74 9.20
N VAL A 110 4.60 -3.94 8.30
CA VAL A 110 3.78 -3.28 7.30
C VAL A 110 3.08 -4.31 6.41
N ALA A 111 3.84 -5.32 6.00
CA ALA A 111 3.32 -6.38 5.15
C ALA A 111 2.22 -7.15 5.85
N LYS A 112 2.50 -7.60 7.06
CA LYS A 112 1.54 -8.36 7.84
C LYS A 112 0.26 -7.56 8.05
N ARG A 113 0.41 -6.33 8.54
CA ARG A 113 -0.74 -5.46 8.81
C ARG A 113 -1.61 -5.28 7.57
N ALA A 114 -0.97 -5.14 6.42
CA ALA A 114 -1.68 -4.97 5.16
C ALA A 114 -2.41 -6.25 4.78
N LEU A 115 -1.70 -7.38 4.83
CA LEU A 115 -2.27 -8.65 4.45
C LEU A 115 -3.37 -9.11 5.40
N GLU A 116 -3.32 -8.65 6.65
CA GLU A 116 -4.38 -8.92 7.61
C GLU A 116 -5.72 -8.43 7.08
N MET A 117 -5.73 -7.19 6.58
CA MET A 117 -6.95 -6.60 6.04
C MET A 117 -7.32 -7.24 4.70
N CYS A 118 -6.30 -7.71 4.00
CA CYS A 118 -6.49 -8.32 2.69
C CYS A 118 -7.28 -9.63 2.82
N GLY A 119 -6.91 -10.42 3.82
CA GLY A 119 -7.59 -11.67 4.05
C GLY A 119 -6.78 -12.60 4.92
N GLY A 120 -6.67 -12.26 6.20
CA GLY A 120 -5.95 -13.10 7.12
C GLY A 120 -6.84 -14.15 7.75
N ASP A 121 -6.53 -14.55 8.97
CA ASP A 121 -7.30 -15.56 9.66
C ASP A 121 -8.50 -14.95 10.36
N LYS A 122 -9.65 -15.04 9.72
CA LYS A 122 -10.88 -14.51 10.28
C LYS A 122 -11.77 -15.67 10.72
N GLU A 123 -11.50 -16.17 11.91
CA GLU A 123 -12.21 -17.32 12.44
C GLU A 123 -13.54 -16.91 13.04
N PRO A 124 -14.65 -17.52 12.57
CA PRO A 124 -15.97 -17.31 13.13
C PRO A 124 -16.07 -17.78 14.58
N ALA A 125 -15.96 -16.85 15.51
CA ALA A 125 -16.06 -17.17 16.92
C ALA A 125 -17.51 -17.45 17.30
N GLY A 1 -8.28 -11.52 -5.67
CA GLY A 1 -8.44 -12.77 -4.89
C GLY A 1 -8.62 -13.97 -5.80
N ALA A 2 -8.68 -15.16 -5.19
CA ALA A 2 -8.86 -16.42 -5.92
C ALA A 2 -7.70 -16.67 -6.88
N MET A 3 -6.50 -16.27 -6.45
CA MET A 3 -5.30 -16.46 -7.26
C MET A 3 -4.15 -16.99 -6.41
N GLY A 4 -4.47 -17.39 -5.20
CA GLY A 4 -3.46 -17.93 -4.30
C GLY A 4 -2.78 -16.84 -3.48
N MET A 5 -1.97 -16.03 -4.15
CA MET A 5 -1.27 -14.94 -3.49
C MET A 5 -2.02 -13.63 -3.66
N PRO A 6 -2.15 -12.85 -2.57
CA PRO A 6 -2.76 -11.52 -2.63
C PRO A 6 -1.97 -10.58 -3.51
N LYS A 7 -2.66 -9.79 -4.31
CA LYS A 7 -2.01 -8.83 -5.17
C LYS A 7 -1.79 -7.51 -4.44
N VAL A 8 -0.55 -7.27 -4.05
CA VAL A 8 -0.21 -6.10 -3.25
C VAL A 8 0.37 -4.99 -4.12
N LEU A 9 -0.08 -3.77 -3.89
CA LEU A 9 0.45 -2.62 -4.61
C LEU A 9 1.27 -1.73 -3.67
N VAL A 10 2.57 -1.66 -3.93
CA VAL A 10 3.45 -0.83 -3.12
C VAL A 10 3.65 0.54 -3.75
N LEU A 11 3.28 1.55 -2.99
CA LEU A 11 3.54 2.93 -3.34
C LEU A 11 4.70 3.43 -2.52
N GLU A 12 5.85 3.47 -3.14
CA GLU A 12 7.08 3.82 -2.46
C GLU A 12 8.12 4.29 -3.45
N ASP A 13 8.55 5.54 -3.30
CA ASP A 13 9.52 6.11 -4.21
C ASP A 13 10.93 5.73 -3.78
N GLU A 14 11.08 5.32 -2.52
CA GLU A 14 12.35 4.85 -2.00
C GLU A 14 12.52 3.36 -2.35
N PRO A 15 13.34 3.05 -3.37
CA PRO A 15 13.48 1.69 -3.90
C PRO A 15 13.94 0.70 -2.85
N LEU A 16 14.74 1.16 -1.89
CA LEU A 16 15.19 0.32 -0.80
C LEU A 16 13.99 -0.20 -0.02
N ILE A 17 13.08 0.71 0.33
CA ILE A 17 11.88 0.37 1.06
C ILE A 17 10.92 -0.42 0.17
N ALA A 18 10.77 0.03 -1.06
CA ALA A 18 9.91 -0.64 -2.03
C ALA A 18 10.31 -2.10 -2.18
N MET A 19 11.61 -2.32 -2.38
CA MET A 19 12.17 -3.65 -2.52
C MET A 19 12.01 -4.45 -1.23
N ASN A 20 12.24 -3.80 -0.10
CA ASN A 20 12.14 -4.46 1.19
C ASN A 20 10.70 -4.87 1.48
N LEU A 21 9.77 -3.97 1.24
CA LEU A 21 8.35 -4.27 1.36
C LEU A 21 7.97 -5.39 0.42
N GLN A 22 8.43 -5.28 -0.83
CA GLN A 22 8.17 -6.29 -1.83
C GLN A 22 8.58 -7.67 -1.32
N TYR A 23 9.78 -7.76 -0.76
CA TYR A 23 10.27 -9.02 -0.23
C TYR A 23 9.51 -9.44 1.02
N ALA A 24 9.06 -8.47 1.81
CA ALA A 24 8.31 -8.76 3.02
C ALA A 24 6.96 -9.37 2.70
N PHE A 25 6.29 -8.80 1.71
CA PHE A 25 5.00 -9.31 1.26
C PHE A 25 5.17 -10.67 0.60
N GLU A 26 6.18 -10.80 -0.25
CA GLU A 26 6.45 -12.08 -0.91
C GLU A 26 6.83 -13.14 0.13
N ASP A 27 7.49 -12.70 1.20
CA ASP A 27 7.85 -13.59 2.30
C ASP A 27 6.60 -14.14 2.97
N GLU A 28 5.57 -13.31 3.05
CA GLU A 28 4.31 -13.71 3.65
C GLU A 28 3.46 -14.52 2.67
N GLY A 29 4.00 -14.72 1.47
CA GLY A 29 3.29 -15.47 0.45
C GLY A 29 2.33 -14.61 -0.34
N ALA A 30 2.82 -13.48 -0.83
CA ALA A 30 1.99 -12.58 -1.62
C ALA A 30 2.75 -12.09 -2.85
N GLU A 31 2.02 -11.48 -3.78
CA GLU A 31 2.61 -10.93 -4.99
C GLU A 31 2.60 -9.41 -4.90
N VAL A 32 3.62 -8.76 -5.43
CA VAL A 32 3.80 -7.33 -5.22
C VAL A 32 4.01 -6.58 -6.52
N VAL A 33 3.40 -5.41 -6.62
CA VAL A 33 3.66 -4.47 -7.69
C VAL A 33 4.36 -3.25 -7.11
N VAL A 34 5.39 -2.76 -7.78
CA VAL A 34 6.11 -1.60 -7.30
C VAL A 34 5.75 -0.36 -8.12
N ALA A 35 5.29 0.68 -7.43
CA ALA A 35 4.97 1.94 -8.08
C ALA A 35 5.46 3.10 -7.23
N ALA A 36 6.04 4.10 -7.88
CA ALA A 36 6.55 5.27 -7.18
C ALA A 36 5.67 6.48 -7.42
N THR A 37 4.69 6.34 -8.30
CA THR A 37 3.84 7.46 -8.67
C THR A 37 2.38 7.06 -8.66
N CYS A 38 1.50 8.07 -8.70
CA CYS A 38 0.08 7.83 -8.87
C CYS A 38 -0.14 7.08 -10.18
N GLU A 39 0.47 7.61 -11.23
CA GLU A 39 0.38 7.05 -12.57
C GLU A 39 0.69 5.56 -12.59
N GLN A 40 1.85 5.18 -12.06
CA GLN A 40 2.24 3.78 -11.98
C GLN A 40 1.18 2.97 -11.25
N ALA A 41 0.74 3.50 -10.13
CA ALA A 41 -0.24 2.83 -9.29
C ALA A 41 -1.57 2.65 -10.01
N LEU A 42 -2.03 3.71 -10.65
CA LEU A 42 -3.31 3.68 -11.35
C LEU A 42 -3.23 2.72 -12.53
N LYS A 43 -2.05 2.60 -13.10
CA LYS A 43 -1.82 1.64 -14.17
C LYS A 43 -1.94 0.23 -13.63
N SER A 44 -1.17 -0.08 -12.59
CA SER A 44 -1.19 -1.38 -11.99
C SER A 44 -2.56 -1.70 -11.39
N LEU A 45 -3.26 -0.66 -10.95
CA LEU A 45 -4.60 -0.80 -10.39
C LEU A 45 -5.56 -1.35 -11.45
N ALA A 46 -5.44 -0.84 -12.67
CA ALA A 46 -6.31 -1.26 -13.75
C ALA A 46 -5.78 -2.52 -14.43
N ASP A 47 -4.46 -2.65 -14.46
CA ASP A 47 -3.81 -3.78 -15.12
C ASP A 47 -3.94 -5.06 -14.29
N ASN A 48 -3.88 -4.90 -12.97
CA ASN A 48 -3.88 -6.03 -12.06
C ASN A 48 -5.08 -5.96 -11.12
N PRO A 49 -5.42 -7.08 -10.46
CA PRO A 49 -6.49 -7.13 -9.48
C PRO A 49 -5.95 -6.96 -8.07
N ILE A 50 -5.76 -5.72 -7.67
CA ILE A 50 -5.16 -5.39 -6.39
C ILE A 50 -6.06 -5.82 -5.23
N ASP A 51 -5.50 -6.57 -4.30
CA ASP A 51 -6.23 -7.03 -3.12
C ASP A 51 -5.91 -6.16 -1.92
N VAL A 52 -4.72 -5.58 -1.92
CA VAL A 52 -4.26 -4.75 -0.80
C VAL A 52 -3.09 -3.89 -1.26
N ALA A 53 -2.86 -2.78 -0.58
CA ALA A 53 -1.80 -1.87 -0.97
C ALA A 53 -1.10 -1.23 0.21
N VAL A 54 0.04 -0.63 -0.06
CA VAL A 54 0.81 0.09 0.95
C VAL A 54 1.33 1.38 0.35
N LEU A 55 0.83 2.50 0.82
CA LEU A 55 1.05 3.78 0.16
C LEU A 55 1.85 4.74 1.04
N ASP A 56 3.01 5.18 0.54
CA ASP A 56 3.73 6.27 1.19
C ASP A 56 3.16 7.59 0.71
N VAL A 57 2.85 8.45 1.64
CA VAL A 57 2.16 9.68 1.38
C VAL A 57 3.16 10.78 1.02
N ASN A 58 4.43 10.48 1.16
CA ASN A 58 5.48 11.41 0.74
C ASN A 58 6.38 10.75 -0.30
N LEU A 59 5.85 10.61 -1.51
CA LEU A 59 6.61 10.06 -2.63
C LEU A 59 7.62 11.10 -3.11
N GLY A 60 7.31 12.36 -2.83
CA GLY A 60 8.20 13.44 -3.18
C GLY A 60 7.69 14.74 -2.62
N PRO A 61 8.33 15.87 -2.94
CA PRO A 61 7.94 17.19 -2.44
C PRO A 61 6.46 17.50 -2.69
N LYS A 62 5.97 17.10 -3.86
CA LYS A 62 4.57 17.30 -4.19
C LYS A 62 3.84 15.98 -4.40
N SER A 63 4.55 15.01 -4.95
CA SER A 63 3.97 13.71 -5.25
C SER A 63 3.62 12.95 -3.97
N HIS A 64 2.39 12.48 -3.90
CA HIS A 64 1.93 11.71 -2.76
C HIS A 64 0.95 10.65 -3.21
N CYS A 65 0.80 9.59 -2.42
CA CYS A 65 -0.20 8.59 -2.69
C CYS A 65 -1.60 9.18 -2.41
N GLY A 66 -2.17 9.84 -3.40
CA GLY A 66 -3.50 10.42 -3.23
C GLY A 66 -4.50 9.82 -4.19
N PRO A 67 -4.31 10.02 -5.51
CA PRO A 67 -5.16 9.40 -6.52
C PRO A 67 -5.16 7.89 -6.39
N VAL A 68 -4.07 7.35 -5.84
CA VAL A 68 -3.95 5.92 -5.60
C VAL A 68 -4.89 5.48 -4.50
N ALA A 69 -4.88 6.26 -3.42
CA ALA A 69 -5.73 6.00 -2.28
C ALA A 69 -7.20 6.01 -2.68
N ASP A 70 -7.54 6.97 -3.54
CA ASP A 70 -8.89 7.08 -4.05
C ASP A 70 -9.20 5.92 -4.99
N ALA A 71 -8.22 5.58 -5.83
CA ALA A 71 -8.34 4.43 -6.74
C ALA A 71 -8.65 3.16 -5.97
N LEU A 72 -7.93 2.97 -4.86
CA LEU A 72 -8.16 1.86 -3.98
C LEU A 72 -9.52 1.97 -3.32
N LYS A 73 -9.84 3.15 -2.82
CA LYS A 73 -11.12 3.43 -2.21
C LYS A 73 -12.28 3.18 -3.18
N GLN A 74 -12.02 3.36 -4.47
CA GLN A 74 -13.04 3.13 -5.49
C GLN A 74 -13.47 1.67 -5.52
N ARG A 75 -12.49 0.77 -5.53
CA ARG A 75 -12.78 -0.66 -5.57
C ARG A 75 -12.89 -1.25 -4.16
N ALA A 76 -12.87 -0.36 -3.16
CA ALA A 76 -12.93 -0.76 -1.76
C ALA A 76 -11.77 -1.69 -1.41
N ILE A 77 -10.59 -1.36 -1.89
CA ILE A 77 -9.39 -2.13 -1.59
C ILE A 77 -8.74 -1.62 -0.32
N PRO A 78 -8.38 -2.54 0.59
CA PRO A 78 -7.71 -2.19 1.82
C PRO A 78 -6.25 -1.83 1.58
N PHE A 79 -5.78 -0.82 2.28
CA PHE A 79 -4.40 -0.39 2.14
C PHE A 79 -3.95 0.37 3.37
N ILE A 80 -2.65 0.47 3.52
CA ILE A 80 -2.07 1.16 4.67
C ILE A 80 -1.14 2.26 4.19
N LEU A 81 -1.19 3.40 4.85
CA LEU A 81 -0.31 4.49 4.51
C LEU A 81 0.98 4.37 5.30
N HIS A 82 2.05 4.02 4.62
CA HIS A 82 3.34 3.90 5.26
C HIS A 82 4.20 5.11 4.94
N THR A 83 3.99 6.15 5.73
CA THR A 83 4.58 7.44 5.47
C THR A 83 5.27 7.96 6.74
N GLY A 84 6.10 8.97 6.58
CA GLY A 84 6.68 9.65 7.72
C GLY A 84 6.15 11.06 7.85
N ASP A 85 5.16 11.38 7.02
CA ASP A 85 4.55 12.70 7.02
C ASP A 85 3.10 12.61 7.45
N LEU A 86 2.88 12.34 8.73
CA LEU A 86 1.54 12.19 9.25
C LEU A 86 0.96 13.55 9.61
N ASP A 87 1.82 14.45 10.06
CA ASP A 87 1.39 15.77 10.49
C ASP A 87 1.16 16.68 9.30
N ARG A 88 1.97 16.50 8.26
CA ARG A 88 1.87 17.30 7.05
C ARG A 88 0.69 16.86 6.22
N HIS A 89 0.27 15.62 6.42
CA HIS A 89 -0.74 15.02 5.57
C HIS A 89 -1.94 14.50 6.35
N GLY A 90 -2.16 15.06 7.53
CA GLY A 90 -3.26 14.63 8.37
C GLY A 90 -4.61 14.78 7.70
N GLU A 91 -4.75 15.85 6.92
CA GLU A 91 -5.98 16.10 6.17
C GLU A 91 -6.19 15.00 5.14
N LEU A 92 -5.17 14.74 4.33
CA LEU A 92 -5.25 13.72 3.31
C LEU A 92 -5.51 12.35 3.94
N LEU A 93 -4.82 12.06 5.05
CA LEU A 93 -4.96 10.80 5.75
C LEU A 93 -6.40 10.58 6.23
N ARG A 94 -7.04 11.65 6.68
CA ARG A 94 -8.41 11.57 7.17
C ARG A 94 -9.37 11.37 5.99
N LYS A 95 -8.98 11.85 4.82
CA LYS A 95 -9.77 11.66 3.60
C LYS A 95 -9.56 10.25 3.07
N ILE A 96 -8.32 9.80 3.12
CA ILE A 96 -7.95 8.46 2.71
C ILE A 96 -8.68 7.43 3.56
N ASP A 97 -8.71 7.66 4.88
CA ASP A 97 -9.38 6.78 5.83
C ASP A 97 -8.87 5.35 5.71
N ALA A 98 -7.69 5.13 6.27
CA ALA A 98 -7.03 3.83 6.25
C ALA A 98 -5.91 3.83 7.29
N PRO A 99 -5.45 2.64 7.71
CA PRO A 99 -4.37 2.52 8.71
C PRO A 99 -3.07 3.18 8.25
N VAL A 100 -2.33 3.72 9.20
CA VAL A 100 -1.08 4.38 8.90
C VAL A 100 0.08 3.76 9.66
N MET A 101 1.15 3.45 8.94
CA MET A 101 2.39 2.95 9.54
C MET A 101 3.49 3.99 9.33
N ALA A 102 3.87 4.66 10.40
CA ALA A 102 4.85 5.73 10.32
C ALA A 102 6.24 5.19 9.99
N LYS A 103 7.04 6.01 9.31
CA LYS A 103 8.43 5.67 9.02
C LYS A 103 9.32 6.19 10.15
N PRO A 104 10.34 5.43 10.56
CA PRO A 104 10.66 4.12 9.97
C PRO A 104 9.71 3.03 10.43
N ALA A 105 9.63 1.96 9.65
CA ALA A 105 8.78 0.83 9.96
C ALA A 105 9.35 -0.43 9.35
N ASP A 106 9.41 -1.49 10.14
CA ASP A 106 9.87 -2.77 9.64
C ASP A 106 8.88 -3.28 8.61
N THR A 107 9.40 -3.63 7.46
CA THR A 107 8.58 -3.97 6.31
C THR A 107 7.74 -5.22 6.55
N SER A 108 8.16 -6.05 7.50
CA SER A 108 7.40 -7.23 7.83
C SER A 108 6.14 -6.84 8.60
N ASP A 109 6.29 -5.83 9.47
CA ASP A 109 5.15 -5.28 10.21
C ASP A 109 4.17 -4.66 9.25
N VAL A 110 4.71 -3.90 8.30
CA VAL A 110 3.91 -3.23 7.30
C VAL A 110 3.17 -4.24 6.44
N ALA A 111 3.87 -5.31 6.05
CA ALA A 111 3.31 -6.35 5.21
C ALA A 111 2.17 -7.08 5.92
N LYS A 112 2.45 -7.52 7.14
CA LYS A 112 1.47 -8.28 7.91
C LYS A 112 0.24 -7.44 8.21
N ARG A 113 0.46 -6.19 8.59
CA ARG A 113 -0.63 -5.26 8.88
C ARG A 113 -1.49 -5.03 7.65
N ALA A 114 -0.87 -5.09 6.47
CA ALA A 114 -1.59 -4.91 5.23
C ALA A 114 -2.34 -6.18 4.84
N LEU A 115 -1.63 -7.31 4.87
CA LEU A 115 -2.18 -8.58 4.41
C LEU A 115 -3.31 -9.08 5.30
N GLU A 116 -3.32 -8.68 6.57
CA GLU A 116 -4.44 -9.04 7.45
C GLU A 116 -5.73 -8.44 6.92
N MET A 117 -5.62 -7.26 6.32
CA MET A 117 -6.78 -6.56 5.78
C MET A 117 -7.20 -7.17 4.45
N CYS A 118 -6.34 -7.99 3.88
CA CYS A 118 -6.64 -8.69 2.65
C CYS A 118 -7.36 -10.00 2.96
N GLY A 119 -7.45 -10.32 4.25
CA GLY A 119 -8.10 -11.54 4.67
C GLY A 119 -9.32 -11.27 5.51
N GLY A 120 -9.80 -12.29 6.19
CA GLY A 120 -11.00 -12.17 6.97
C GLY A 120 -10.73 -12.09 8.46
N ASP A 121 -9.47 -11.96 8.81
CA ASP A 121 -9.07 -11.87 10.21
C ASP A 121 -8.67 -10.44 10.57
N LYS A 122 -9.14 -9.51 9.76
CA LYS A 122 -8.82 -8.09 9.94
C LYS A 122 -9.65 -7.49 11.08
N GLU A 123 -8.95 -6.95 12.08
CA GLU A 123 -9.62 -6.23 13.15
C GLU A 123 -9.74 -4.75 12.77
N PRO A 124 -10.92 -4.14 13.00
CA PRO A 124 -11.16 -2.73 12.68
C PRO A 124 -10.16 -1.80 13.36
N ALA A 125 -9.21 -1.29 12.59
CA ALA A 125 -8.20 -0.39 13.11
C ALA A 125 -8.26 0.94 12.38
N GLY A 1 -1.28 -17.17 1.48
CA GLY A 1 -2.41 -17.16 0.52
C GLY A 1 -2.81 -18.57 0.11
N ALA A 2 -3.78 -19.13 0.82
CA ALA A 2 -4.21 -20.50 0.57
C ALA A 2 -4.90 -20.66 -0.78
N MET A 3 -5.77 -19.70 -1.10
CA MET A 3 -6.50 -19.73 -2.37
C MET A 3 -5.74 -18.98 -3.45
N GLY A 4 -4.67 -18.32 -3.04
CA GLY A 4 -3.87 -17.55 -3.98
C GLY A 4 -3.18 -16.41 -3.31
N MET A 5 -2.00 -16.07 -3.81
CA MET A 5 -1.24 -14.93 -3.31
C MET A 5 -2.00 -13.62 -3.53
N PRO A 6 -2.11 -12.80 -2.48
CA PRO A 6 -2.73 -11.49 -2.57
C PRO A 6 -1.90 -10.55 -3.45
N LYS A 7 -2.55 -9.82 -4.31
CA LYS A 7 -1.88 -8.90 -5.20
C LYS A 7 -1.69 -7.56 -4.49
N VAL A 8 -0.47 -7.27 -4.10
CA VAL A 8 -0.15 -6.09 -3.31
C VAL A 8 0.43 -4.99 -4.20
N LEU A 9 -0.06 -3.78 -4.00
CA LEU A 9 0.45 -2.62 -4.72
C LEU A 9 1.24 -1.71 -3.78
N VAL A 10 2.54 -1.64 -3.98
CA VAL A 10 3.40 -0.80 -3.15
C VAL A 10 3.62 0.57 -3.77
N LEU A 11 3.26 1.58 -3.01
CA LEU A 11 3.51 2.98 -3.36
C LEU A 11 4.68 3.47 -2.55
N GLU A 12 5.83 3.57 -3.18
CA GLU A 12 7.05 3.91 -2.49
C GLU A 12 8.11 4.40 -3.48
N ASP A 13 8.58 5.62 -3.27
CA ASP A 13 9.59 6.20 -4.15
C ASP A 13 10.99 5.92 -3.60
N GLU A 14 11.05 5.46 -2.36
CA GLU A 14 12.30 4.98 -1.78
C GLU A 14 12.51 3.52 -2.16
N PRO A 15 13.36 3.24 -3.16
CA PRO A 15 13.51 1.91 -3.73
C PRO A 15 13.93 0.85 -2.72
N LEU A 16 14.67 1.26 -1.69
CA LEU A 16 15.05 0.32 -0.65
C LEU A 16 13.82 -0.15 0.09
N ILE A 17 13.00 0.80 0.54
CA ILE A 17 11.77 0.49 1.24
C ILE A 17 10.82 -0.26 0.32
N ALA A 18 10.71 0.22 -0.90
CA ALA A 18 9.84 -0.39 -1.90
C ALA A 18 10.20 -1.86 -2.12
N MET A 19 11.47 -2.09 -2.40
CA MET A 19 11.98 -3.43 -2.60
C MET A 19 11.87 -4.26 -1.32
N ASN A 20 12.13 -3.63 -0.20
CA ASN A 20 12.08 -4.30 1.10
C ASN A 20 10.66 -4.75 1.42
N LEU A 21 9.69 -3.88 1.12
CA LEU A 21 8.29 -4.22 1.24
C LEU A 21 7.94 -5.36 0.30
N GLN A 22 8.45 -5.27 -0.93
CA GLN A 22 8.24 -6.31 -1.92
C GLN A 22 8.67 -7.67 -1.36
N TYR A 23 9.88 -7.72 -0.83
CA TYR A 23 10.40 -8.93 -0.21
C TYR A 23 9.51 -9.38 0.94
N ALA A 24 9.01 -8.44 1.72
CA ALA A 24 8.24 -8.75 2.92
C ALA A 24 6.90 -9.36 2.57
N PHE A 25 6.19 -8.71 1.64
CA PHE A 25 4.90 -9.21 1.20
C PHE A 25 5.07 -10.57 0.52
N GLU A 26 6.08 -10.70 -0.34
CA GLU A 26 6.39 -11.97 -0.96
C GLU A 26 6.68 -13.04 0.09
N ASP A 27 7.38 -12.63 1.14
CA ASP A 27 7.77 -13.53 2.22
C ASP A 27 6.55 -14.00 2.99
N GLU A 28 5.51 -13.17 3.02
CA GLU A 28 4.26 -13.53 3.67
C GLU A 28 3.38 -14.34 2.73
N GLY A 29 3.92 -14.66 1.56
CA GLY A 29 3.18 -15.44 0.59
C GLY A 29 2.24 -14.60 -0.24
N ALA A 30 2.74 -13.50 -0.77
CA ALA A 30 1.93 -12.63 -1.60
C ALA A 30 2.70 -12.19 -2.85
N GLU A 31 2.01 -11.46 -3.72
CA GLU A 31 2.61 -10.93 -4.94
C GLU A 31 2.67 -9.41 -4.84
N VAL A 32 3.70 -8.79 -5.40
CA VAL A 32 3.88 -7.35 -5.21
C VAL A 32 4.15 -6.62 -6.52
N VAL A 33 3.49 -5.48 -6.68
CA VAL A 33 3.81 -4.54 -7.75
C VAL A 33 4.37 -3.28 -7.12
N VAL A 34 5.44 -2.74 -7.69
CA VAL A 34 6.05 -1.55 -7.15
C VAL A 34 5.75 -0.33 -8.03
N ALA A 35 5.22 0.71 -7.41
CA ALA A 35 4.97 1.97 -8.09
C ALA A 35 5.47 3.14 -7.26
N ALA A 36 6.16 4.06 -7.92
CA ALA A 36 6.68 5.24 -7.24
C ALA A 36 5.79 6.44 -7.49
N THR A 37 4.85 6.28 -8.43
CA THR A 37 3.95 7.35 -8.78
C THR A 37 2.51 6.88 -8.72
N CYS A 38 1.58 7.81 -8.72
CA CYS A 38 0.17 7.46 -8.74
C CYS A 38 -0.22 6.90 -10.10
N GLU A 39 0.46 7.38 -11.14
CA GLU A 39 0.21 6.92 -12.50
C GLU A 39 0.60 5.44 -12.65
N GLN A 40 1.76 5.05 -12.13
CA GLN A 40 2.16 3.65 -12.13
C GLN A 40 1.19 2.83 -11.32
N ALA A 41 0.70 3.41 -10.24
CA ALA A 41 -0.24 2.75 -9.34
C ALA A 41 -1.55 2.44 -10.04
N LEU A 42 -2.16 3.48 -10.61
CA LEU A 42 -3.41 3.33 -11.33
C LEU A 42 -3.25 2.36 -12.49
N LYS A 43 -2.06 2.36 -13.08
CA LYS A 43 -1.72 1.44 -14.15
C LYS A 43 -1.79 0.00 -13.67
N SER A 44 -1.07 -0.28 -12.59
CA SER A 44 -1.07 -1.62 -12.02
C SER A 44 -2.46 -1.99 -11.52
N LEU A 45 -3.16 -1.02 -10.93
CA LEU A 45 -4.50 -1.23 -10.43
C LEU A 45 -5.45 -1.62 -11.56
N ALA A 46 -5.24 -1.03 -12.72
CA ALA A 46 -6.09 -1.29 -13.87
C ALA A 46 -5.72 -2.62 -14.53
N ASP A 47 -4.44 -2.89 -14.62
CA ASP A 47 -3.96 -4.09 -15.32
C ASP A 47 -4.06 -5.33 -14.43
N ASN A 48 -3.78 -5.16 -13.15
CA ASN A 48 -3.77 -6.28 -12.22
C ASN A 48 -4.94 -6.17 -11.25
N PRO A 49 -5.31 -7.28 -10.62
CA PRO A 49 -6.38 -7.33 -9.63
C PRO A 49 -5.84 -7.19 -8.22
N ILE A 50 -5.66 -5.95 -7.80
CA ILE A 50 -5.06 -5.65 -6.51
C ILE A 50 -5.97 -6.06 -5.35
N ASP A 51 -5.41 -6.82 -4.42
CA ASP A 51 -6.14 -7.27 -3.24
C ASP A 51 -5.88 -6.34 -2.07
N VAL A 52 -4.67 -5.78 -2.03
CA VAL A 52 -4.28 -4.90 -0.96
C VAL A 52 -3.12 -4.02 -1.43
N ALA A 53 -2.93 -2.89 -0.77
CA ALA A 53 -1.88 -1.98 -1.16
C ALA A 53 -1.19 -1.38 0.07
N VAL A 54 -0.07 -0.74 -0.17
CA VAL A 54 0.66 -0.05 0.86
C VAL A 54 1.19 1.25 0.26
N LEU A 55 0.82 2.38 0.85
CA LEU A 55 1.05 3.67 0.21
C LEU A 55 1.85 4.61 1.10
N ASP A 56 2.99 5.09 0.59
CA ASP A 56 3.72 6.15 1.28
C ASP A 56 3.15 7.50 0.86
N VAL A 57 2.65 8.22 1.84
CA VAL A 57 2.09 9.54 1.64
C VAL A 57 3.19 10.54 1.28
N ASN A 58 4.38 10.26 1.78
CA ASN A 58 5.50 11.16 1.58
C ASN A 58 6.39 10.66 0.45
N LEU A 59 5.83 10.57 -0.75
CA LEU A 59 6.60 10.18 -1.93
C LEU A 59 7.63 11.25 -2.24
N GLY A 60 7.31 12.47 -1.87
CA GLY A 60 8.22 13.59 -2.04
C GLY A 60 7.61 14.85 -1.47
N PRO A 61 8.24 16.01 -1.69
CA PRO A 61 7.68 17.30 -1.28
C PRO A 61 6.28 17.52 -1.85
N LYS A 62 6.12 17.22 -3.14
CA LYS A 62 4.84 17.38 -3.80
C LYS A 62 4.21 16.02 -4.07
N SER A 63 5.05 15.04 -4.36
CA SER A 63 4.59 13.69 -4.68
C SER A 63 3.97 13.01 -3.46
N HIS A 64 2.74 12.57 -3.63
CA HIS A 64 2.02 11.89 -2.55
C HIS A 64 1.10 10.81 -3.12
N CYS A 65 0.89 9.74 -2.37
CA CYS A 65 -0.10 8.75 -2.74
C CYS A 65 -1.52 9.32 -2.56
N GLY A 66 -2.02 10.00 -3.58
CA GLY A 66 -3.34 10.61 -3.48
C GLY A 66 -4.37 9.90 -4.33
N PRO A 67 -4.28 10.06 -5.67
CA PRO A 67 -5.16 9.36 -6.60
C PRO A 67 -5.17 7.85 -6.37
N VAL A 68 -4.07 7.34 -5.83
CA VAL A 68 -3.94 5.91 -5.54
C VAL A 68 -4.86 5.54 -4.40
N ALA A 69 -4.81 6.32 -3.34
CA ALA A 69 -5.64 6.10 -2.17
C ALA A 69 -7.11 6.13 -2.57
N ASP A 70 -7.47 7.15 -3.32
CA ASP A 70 -8.83 7.32 -3.81
C ASP A 70 -9.22 6.18 -4.72
N ALA A 71 -8.29 5.74 -5.56
CA ALA A 71 -8.51 4.63 -6.47
C ALA A 71 -8.81 3.34 -5.71
N LEU A 72 -8.00 3.08 -4.69
CA LEU A 72 -8.19 1.93 -3.84
C LEU A 72 -9.49 2.06 -3.07
N LYS A 73 -9.76 3.27 -2.60
CA LYS A 73 -10.99 3.58 -1.91
C LYS A 73 -12.21 3.31 -2.79
N GLN A 74 -12.05 3.53 -4.09
CA GLN A 74 -13.11 3.24 -5.05
C GLN A 74 -13.43 1.76 -5.09
N ARG A 75 -12.39 0.94 -5.19
CA ARG A 75 -12.56 -0.51 -5.30
C ARG A 75 -12.65 -1.16 -3.92
N ALA A 76 -12.67 -0.32 -2.89
CA ALA A 76 -12.73 -0.77 -1.49
C ALA A 76 -11.56 -1.68 -1.15
N ILE A 77 -10.42 -1.43 -1.78
CA ILE A 77 -9.22 -2.20 -1.53
C ILE A 77 -8.52 -1.68 -0.27
N PRO A 78 -8.13 -2.59 0.62
CA PRO A 78 -7.42 -2.23 1.84
C PRO A 78 -6.00 -1.80 1.56
N PHE A 79 -5.55 -0.80 2.29
CA PHE A 79 -4.19 -0.31 2.16
C PHE A 79 -3.76 0.40 3.42
N ILE A 80 -2.46 0.41 3.66
CA ILE A 80 -1.91 1.12 4.80
C ILE A 80 -0.99 2.21 4.32
N LEU A 81 -1.05 3.36 4.95
CA LEU A 81 -0.18 4.46 4.59
C LEU A 81 1.10 4.35 5.38
N HIS A 82 2.17 3.99 4.71
CA HIS A 82 3.46 3.85 5.35
C HIS A 82 4.29 5.08 5.04
N THR A 83 3.98 6.15 5.74
CA THR A 83 4.51 7.46 5.42
C THR A 83 5.46 7.95 6.50
N GLY A 84 6.36 8.84 6.10
CA GLY A 84 7.25 9.47 7.05
C GLY A 84 6.75 10.85 7.43
N ASP A 85 5.60 11.22 6.88
CA ASP A 85 4.99 12.51 7.16
C ASP A 85 3.47 12.45 7.10
N LEU A 86 2.83 12.93 8.15
CA LEU A 86 1.39 13.13 8.11
C LEU A 86 1.10 14.63 8.31
N ASP A 87 2.16 15.41 8.45
CA ASP A 87 2.03 16.84 8.70
C ASP A 87 1.90 17.63 7.41
N ARG A 88 2.92 17.54 6.56
CA ARG A 88 2.98 18.33 5.34
C ARG A 88 1.89 17.88 4.37
N HIS A 89 1.63 16.58 4.34
CA HIS A 89 0.56 16.03 3.53
C HIS A 89 -0.63 15.65 4.41
N GLY A 90 -0.83 16.40 5.48
CA GLY A 90 -1.89 16.09 6.43
C GLY A 90 -3.27 16.14 5.82
N GLU A 91 -3.45 17.02 4.85
CA GLU A 91 -4.73 17.15 4.17
C GLU A 91 -5.06 15.87 3.41
N LEU A 92 -4.01 15.16 3.02
CA LEU A 92 -4.17 13.93 2.26
C LEU A 92 -4.72 12.83 3.16
N LEU A 93 -4.20 12.73 4.38
CA LEU A 93 -4.68 11.74 5.35
C LEU A 93 -6.18 11.88 5.55
N ARG A 94 -6.63 13.13 5.61
CA ARG A 94 -8.02 13.45 5.84
C ARG A 94 -8.90 13.02 4.67
N LYS A 95 -8.31 12.97 3.47
CA LYS A 95 -9.02 12.50 2.30
C LYS A 95 -9.08 10.98 2.28
N ILE A 96 -7.99 10.36 2.73
CA ILE A 96 -7.83 8.93 2.67
C ILE A 96 -8.65 8.21 3.74
N ASP A 97 -8.34 8.49 5.01
CA ASP A 97 -8.95 7.78 6.13
C ASP A 97 -8.67 6.28 6.05
N ALA A 98 -7.48 5.89 6.49
CA ALA A 98 -7.06 4.50 6.45
C ALA A 98 -5.92 4.29 7.44
N PRO A 99 -5.53 3.04 7.72
CA PRO A 99 -4.46 2.73 8.67
C PRO A 99 -3.13 3.33 8.23
N VAL A 100 -2.41 3.92 9.17
CA VAL A 100 -1.15 4.58 8.86
C VAL A 100 -0.02 4.01 9.72
N MET A 101 1.07 3.65 9.06
CA MET A 101 2.27 3.18 9.76
C MET A 101 3.42 4.13 9.47
N ALA A 102 3.78 4.92 10.48
CA ALA A 102 4.81 5.94 10.35
C ALA A 102 6.18 5.33 10.10
N LYS A 103 7.04 6.07 9.43
CA LYS A 103 8.40 5.64 9.17
C LYS A 103 9.32 6.10 10.30
N PRO A 104 10.30 5.27 10.69
CA PRO A 104 10.55 3.97 10.06
C PRO A 104 9.57 2.90 10.53
N ALA A 105 9.43 1.86 9.72
CA ALA A 105 8.57 0.73 10.03
C ALA A 105 9.11 -0.50 9.34
N ASP A 106 9.22 -1.59 10.08
CA ASP A 106 9.75 -2.81 9.50
C ASP A 106 8.78 -3.36 8.50
N THR A 107 9.29 -3.63 7.31
CA THR A 107 8.48 -4.00 6.18
C THR A 107 7.65 -5.25 6.43
N SER A 108 8.15 -6.13 7.29
CA SER A 108 7.39 -7.31 7.66
C SER A 108 6.12 -6.92 8.39
N ASP A 109 6.25 -5.99 9.34
CA ASP A 109 5.10 -5.50 10.10
C ASP A 109 4.12 -4.85 9.15
N VAL A 110 4.65 -4.01 8.27
CA VAL A 110 3.83 -3.32 7.29
C VAL A 110 3.07 -4.30 6.41
N ALA A 111 3.76 -5.35 5.99
CA ALA A 111 3.19 -6.38 5.15
C ALA A 111 2.09 -7.14 5.88
N LYS A 112 2.40 -7.61 7.08
CA LYS A 112 1.46 -8.41 7.87
C LYS A 112 0.19 -7.62 8.16
N ARG A 113 0.36 -6.35 8.51
CA ARG A 113 -0.77 -5.50 8.88
C ARG A 113 -1.61 -5.14 7.66
N ALA A 114 -0.98 -5.10 6.49
CA ALA A 114 -1.72 -4.85 5.26
C ALA A 114 -2.47 -6.10 4.82
N LEU A 115 -1.76 -7.23 4.81
CA LEU A 115 -2.32 -8.49 4.36
C LEU A 115 -3.45 -8.99 5.24
N GLU A 116 -3.45 -8.61 6.52
CA GLU A 116 -4.50 -9.08 7.42
C GLU A 116 -5.83 -8.38 7.13
N MET A 117 -5.76 -7.18 6.55
CA MET A 117 -6.96 -6.47 6.16
C MET A 117 -7.63 -7.16 4.98
N CYS A 118 -6.84 -7.71 4.08
CA CYS A 118 -7.37 -8.46 2.95
C CYS A 118 -7.43 -9.94 3.27
N GLY A 119 -7.26 -10.27 4.54
CA GLY A 119 -7.27 -11.66 4.97
C GLY A 119 -8.66 -12.19 5.19
N GLY A 120 -9.51 -12.03 4.19
CA GLY A 120 -10.87 -12.50 4.28
C GLY A 120 -11.36 -13.03 2.95
N ASP A 121 -11.76 -12.12 2.08
CA ASP A 121 -12.28 -12.50 0.77
C ASP A 121 -12.22 -11.32 -0.18
N LYS A 122 -12.26 -11.60 -1.48
CA LYS A 122 -12.22 -10.55 -2.50
C LYS A 122 -13.56 -9.85 -2.58
N GLU A 123 -13.60 -8.59 -2.17
CA GLU A 123 -14.82 -7.81 -2.24
C GLU A 123 -15.13 -7.46 -3.70
N PRO A 124 -16.33 -7.81 -4.18
CA PRO A 124 -16.71 -7.62 -5.58
C PRO A 124 -16.83 -6.14 -5.96
N ALA A 125 -15.76 -5.60 -6.51
CA ALA A 125 -15.77 -4.23 -7.00
C ALA A 125 -15.72 -4.22 -8.51
N GLY A 1 -6.91 -23.10 -10.37
CA GLY A 1 -6.02 -21.92 -10.26
C GLY A 1 -4.61 -22.32 -9.90
N ALA A 2 -3.67 -21.40 -10.11
CA ALA A 2 -2.27 -21.69 -9.86
C ALA A 2 -1.86 -21.30 -8.45
N MET A 3 -2.57 -20.34 -7.88
CA MET A 3 -2.21 -19.83 -6.56
C MET A 3 -3.41 -19.18 -5.88
N GLY A 4 -3.24 -18.86 -4.61
CA GLY A 4 -4.26 -18.16 -3.86
C GLY A 4 -3.66 -17.07 -3.00
N MET A 5 -2.77 -16.29 -3.60
CA MET A 5 -2.05 -15.25 -2.88
C MET A 5 -2.58 -13.87 -3.26
N PRO A 6 -2.41 -12.89 -2.36
CA PRO A 6 -2.89 -11.53 -2.58
C PRO A 6 -2.02 -10.74 -3.53
N LYS A 7 -2.66 -9.84 -4.28
CA LYS A 7 -1.96 -8.93 -5.15
C LYS A 7 -1.73 -7.61 -4.44
N VAL A 8 -0.49 -7.34 -4.07
CA VAL A 8 -0.15 -6.17 -3.27
C VAL A 8 0.42 -5.07 -4.14
N LEU A 9 -0.06 -3.85 -3.94
CA LEU A 9 0.47 -2.70 -4.65
C LEU A 9 1.26 -1.82 -3.69
N VAL A 10 2.56 -1.71 -3.93
CA VAL A 10 3.41 -0.87 -3.11
C VAL A 10 3.61 0.50 -3.72
N LEU A 11 3.21 1.52 -2.97
CA LEU A 11 3.46 2.89 -3.31
C LEU A 11 4.61 3.40 -2.49
N GLU A 12 5.77 3.45 -3.10
CA GLU A 12 6.99 3.80 -2.39
C GLU A 12 8.02 4.32 -3.38
N ASP A 13 8.41 5.56 -3.22
CA ASP A 13 9.38 6.16 -4.12
C ASP A 13 10.80 5.77 -3.72
N GLU A 14 10.96 5.35 -2.46
CA GLU A 14 12.24 4.87 -1.99
C GLU A 14 12.41 3.40 -2.39
N PRO A 15 13.27 3.13 -3.39
CA PRO A 15 13.46 1.77 -3.92
C PRO A 15 13.92 0.80 -2.84
N LEU A 16 14.67 1.30 -1.87
CA LEU A 16 15.14 0.47 -0.77
C LEU A 16 13.95 -0.08 0.02
N ILE A 17 13.04 0.81 0.38
CA ILE A 17 11.84 0.43 1.11
C ILE A 17 10.89 -0.37 0.22
N ALA A 18 10.71 0.08 -1.01
CA ALA A 18 9.86 -0.62 -1.97
C ALA A 18 10.34 -2.06 -2.12
N MET A 19 11.64 -2.23 -2.26
CA MET A 19 12.27 -3.53 -2.35
C MET A 19 12.02 -4.35 -1.09
N ASN A 20 12.23 -3.74 0.06
CA ASN A 20 12.08 -4.41 1.34
C ASN A 20 10.64 -4.82 1.59
N LEU A 21 9.71 -3.95 1.24
CA LEU A 21 8.30 -4.27 1.30
C LEU A 21 7.98 -5.41 0.35
N GLN A 22 8.52 -5.32 -0.86
CA GLN A 22 8.31 -6.34 -1.87
C GLN A 22 8.75 -7.70 -1.34
N TYR A 23 9.95 -7.76 -0.78
CA TYR A 23 10.45 -8.99 -0.18
C TYR A 23 9.59 -9.42 1.00
N ALA A 24 9.07 -8.46 1.74
CA ALA A 24 8.28 -8.75 2.92
C ALA A 24 6.96 -9.40 2.55
N PHE A 25 6.23 -8.78 1.63
CA PHE A 25 4.96 -9.32 1.17
C PHE A 25 5.16 -10.67 0.48
N GLU A 26 6.20 -10.77 -0.34
CA GLU A 26 6.51 -12.03 -1.00
C GLU A 26 6.88 -13.10 0.03
N ASP A 27 7.49 -12.67 1.12
CA ASP A 27 7.86 -13.58 2.20
C ASP A 27 6.63 -14.03 2.98
N GLU A 28 5.59 -13.20 2.98
CA GLU A 28 4.34 -13.55 3.64
C GLU A 28 3.49 -14.43 2.71
N GLY A 29 3.91 -14.53 1.46
CA GLY A 29 3.20 -15.34 0.50
C GLY A 29 2.25 -14.53 -0.37
N ALA A 30 2.77 -13.46 -0.96
CA ALA A 30 1.97 -12.60 -1.80
C ALA A 30 2.76 -12.14 -3.02
N GLU A 31 2.06 -11.57 -3.98
CA GLU A 31 2.70 -11.00 -5.17
C GLU A 31 2.67 -9.48 -5.07
N VAL A 32 3.73 -8.82 -5.51
CA VAL A 32 3.87 -7.39 -5.27
C VAL A 32 4.11 -6.60 -6.55
N VAL A 33 3.44 -5.48 -6.68
CA VAL A 33 3.72 -4.51 -7.72
C VAL A 33 4.38 -3.30 -7.09
N VAL A 34 5.47 -2.83 -7.68
CA VAL A 34 6.17 -1.67 -7.15
C VAL A 34 5.86 -0.43 -7.99
N ALA A 35 5.36 0.61 -7.33
CA ALA A 35 5.07 1.87 -8.00
C ALA A 35 5.54 3.04 -7.14
N ALA A 36 6.04 4.09 -7.78
CA ALA A 36 6.52 5.26 -7.07
C ALA A 36 5.63 6.46 -7.33
N THR A 37 4.70 6.32 -8.26
CA THR A 37 3.86 7.43 -8.65
C THR A 37 2.40 7.04 -8.68
N CYS A 38 1.52 8.03 -8.78
CA CYS A 38 0.11 7.79 -8.97
C CYS A 38 -0.10 6.98 -10.24
N GLU A 39 0.52 7.48 -11.31
CA GLU A 39 0.43 6.87 -12.63
C GLU A 39 0.75 5.38 -12.61
N GLN A 40 1.91 5.03 -12.06
CA GLN A 40 2.31 3.63 -11.98
C GLN A 40 1.28 2.81 -11.22
N ALA A 41 0.76 3.39 -10.16
CA ALA A 41 -0.21 2.71 -9.32
C ALA A 41 -1.53 2.53 -10.04
N LEU A 42 -1.99 3.58 -10.70
CA LEU A 42 -3.26 3.54 -11.41
C LEU A 42 -3.17 2.60 -12.59
N LYS A 43 -1.98 2.44 -13.12
CA LYS A 43 -1.72 1.46 -14.16
C LYS A 43 -1.89 0.06 -13.60
N SER A 44 -1.21 -0.21 -12.50
CA SER A 44 -1.28 -1.50 -11.84
C SER A 44 -2.70 -1.78 -11.35
N LEU A 45 -3.35 -0.74 -10.85
CA LEU A 45 -4.74 -0.83 -10.38
C LEU A 45 -5.65 -1.33 -11.49
N ALA A 46 -5.40 -0.86 -12.70
CA ALA A 46 -6.22 -1.22 -13.85
C ALA A 46 -5.81 -2.56 -14.42
N ASP A 47 -4.52 -2.86 -14.39
CA ASP A 47 -3.99 -4.07 -14.99
C ASP A 47 -4.20 -5.28 -14.10
N ASN A 48 -4.04 -5.08 -12.80
CA ASN A 48 -4.05 -6.18 -11.85
C ASN A 48 -5.23 -6.04 -10.88
N PRO A 49 -5.61 -7.14 -10.22
CA PRO A 49 -6.64 -7.16 -9.22
C PRO A 49 -6.06 -6.97 -7.83
N ILE A 50 -5.81 -5.72 -7.48
CA ILE A 50 -5.13 -5.37 -6.24
C ILE A 50 -5.98 -5.76 -5.03
N ASP A 51 -5.44 -6.68 -4.24
CA ASP A 51 -6.12 -7.14 -3.02
C ASP A 51 -5.83 -6.20 -1.87
N VAL A 52 -4.63 -5.62 -1.89
CA VAL A 52 -4.20 -4.75 -0.81
C VAL A 52 -3.05 -3.88 -1.30
N ALA A 53 -2.86 -2.73 -0.66
CA ALA A 53 -1.81 -1.82 -1.07
C ALA A 53 -1.13 -1.19 0.13
N VAL A 54 -0.01 -0.55 -0.13
CA VAL A 54 0.75 0.17 0.90
C VAL A 54 1.26 1.47 0.34
N LEU A 55 0.72 2.58 0.82
CA LEU A 55 0.95 3.87 0.19
C LEU A 55 1.73 4.83 1.09
N ASP A 56 2.85 5.33 0.59
CA ASP A 56 3.57 6.38 1.30
C ASP A 56 2.95 7.73 0.98
N VAL A 57 2.26 8.27 1.97
CA VAL A 57 1.61 9.57 1.89
C VAL A 57 2.61 10.68 1.58
N ASN A 58 3.89 10.44 1.83
CA ASN A 58 4.92 11.46 1.62
C ASN A 58 5.98 10.96 0.63
N LEU A 59 5.58 10.85 -0.63
CA LEU A 59 6.50 10.42 -1.68
C LEU A 59 7.57 11.48 -1.91
N GLY A 60 7.22 12.72 -1.63
CA GLY A 60 8.16 13.81 -1.78
C GLY A 60 7.63 15.08 -1.13
N PRO A 61 8.18 16.25 -1.52
CA PRO A 61 7.76 17.54 -0.97
C PRO A 61 6.25 17.77 -1.11
N LYS A 62 5.72 17.49 -2.29
CA LYS A 62 4.30 17.58 -2.52
C LYS A 62 3.75 16.27 -3.08
N SER A 63 4.65 15.46 -3.63
CA SER A 63 4.28 14.17 -4.19
C SER A 63 3.71 13.24 -3.12
N HIS A 64 2.52 12.73 -3.36
CA HIS A 64 1.87 11.84 -2.42
C HIS A 64 1.05 10.78 -3.16
N CYS A 65 0.85 9.63 -2.53
CA CYS A 65 -0.05 8.63 -3.08
C CYS A 65 -1.49 9.07 -2.78
N GLY A 66 -2.05 9.91 -3.65
CA GLY A 66 -3.38 10.45 -3.42
C GLY A 66 -4.43 9.84 -4.31
N PRO A 67 -4.33 10.06 -5.64
CA PRO A 67 -5.22 9.42 -6.61
C PRO A 67 -5.20 7.90 -6.45
N VAL A 68 -4.08 7.40 -5.93
CA VAL A 68 -3.94 5.98 -5.65
C VAL A 68 -4.85 5.57 -4.52
N ALA A 69 -4.82 6.37 -3.46
CA ALA A 69 -5.67 6.15 -2.30
C ALA A 69 -7.12 6.16 -2.73
N ASP A 70 -7.49 7.16 -3.50
CA ASP A 70 -8.85 7.30 -4.02
C ASP A 70 -9.20 6.12 -4.92
N ALA A 71 -8.24 5.70 -5.73
CA ALA A 71 -8.39 4.55 -6.61
C ALA A 71 -8.73 3.30 -5.82
N LEU A 72 -8.01 3.11 -4.72
CA LEU A 72 -8.24 1.98 -3.84
C LEU A 72 -9.57 2.15 -3.12
N LYS A 73 -9.79 3.34 -2.59
CA LYS A 73 -11.02 3.70 -1.91
C LYS A 73 -12.25 3.46 -2.78
N GLN A 74 -12.09 3.71 -4.08
CA GLN A 74 -13.17 3.58 -5.04
C GLN A 74 -13.64 2.12 -5.13
N ARG A 75 -12.69 1.21 -5.13
CA ARG A 75 -12.99 -0.22 -5.23
C ARG A 75 -13.05 -0.86 -3.86
N ALA A 76 -12.93 -0.02 -2.83
CA ALA A 76 -12.93 -0.48 -1.44
C ALA A 76 -11.77 -1.45 -1.17
N ILE A 77 -10.65 -1.23 -1.85
CA ILE A 77 -9.46 -2.03 -1.64
C ILE A 77 -8.74 -1.55 -0.40
N PRO A 78 -8.37 -2.47 0.49
CA PRO A 78 -7.66 -2.13 1.71
C PRO A 78 -6.21 -1.80 1.47
N PHE A 79 -5.72 -0.83 2.18
CA PHE A 79 -4.34 -0.39 2.06
C PHE A 79 -3.91 0.32 3.31
N ILE A 80 -2.62 0.31 3.53
CA ILE A 80 -2.06 0.97 4.70
C ILE A 80 -1.13 2.08 4.25
N LEU A 81 -1.21 3.20 4.94
CA LEU A 81 -0.37 4.34 4.62
C LEU A 81 0.94 4.25 5.36
N HIS A 82 2.00 3.99 4.63
CA HIS A 82 3.31 3.87 5.23
C HIS A 82 4.13 5.11 4.94
N THR A 83 3.97 6.10 5.82
CA THR A 83 4.54 7.42 5.61
C THR A 83 5.17 7.93 6.91
N GLY A 84 6.04 8.93 6.78
CA GLY A 84 6.65 9.49 7.97
C GLY A 84 6.34 10.97 8.12
N ASP A 85 5.26 11.41 7.50
CA ASP A 85 4.84 12.80 7.59
C ASP A 85 3.32 12.88 7.67
N LEU A 86 2.80 12.53 8.84
CA LEU A 86 1.35 12.44 9.03
C LEU A 86 0.78 13.74 9.55
N ASP A 87 1.63 14.55 10.17
CA ASP A 87 1.19 15.81 10.74
C ASP A 87 0.93 16.83 9.64
N ARG A 88 1.88 16.96 8.74
CA ARG A 88 1.76 17.92 7.65
C ARG A 88 0.79 17.43 6.59
N HIS A 89 0.82 16.13 6.31
CA HIS A 89 -0.11 15.54 5.34
C HIS A 89 -1.38 15.09 6.02
N GLY A 90 -1.63 15.58 7.24
CA GLY A 90 -2.76 15.10 8.04
C GLY A 90 -4.07 15.15 7.32
N GLU A 91 -4.32 16.22 6.59
CA GLU A 91 -5.56 16.36 5.82
C GLU A 91 -5.71 15.19 4.85
N LEU A 92 -4.60 14.70 4.34
CA LEU A 92 -4.62 13.66 3.33
C LEU A 92 -5.00 12.31 3.93
N LEU A 93 -4.29 11.84 4.98
CA LEU A 93 -4.58 10.53 5.53
C LEU A 93 -5.97 10.45 6.14
N ARG A 94 -6.45 11.59 6.61
CA ARG A 94 -7.82 11.68 7.10
C ARG A 94 -8.82 11.43 5.98
N LYS A 95 -8.59 12.06 4.83
CA LYS A 95 -9.44 11.88 3.67
C LYS A 95 -9.36 10.45 3.15
N ILE A 96 -8.17 9.88 3.25
CA ILE A 96 -7.94 8.50 2.87
C ILE A 96 -8.74 7.55 3.77
N ASP A 97 -8.61 7.76 5.08
CA ASP A 97 -9.32 6.95 6.07
C ASP A 97 -8.95 5.47 5.93
N ALA A 98 -7.75 5.15 6.38
CA ALA A 98 -7.22 3.79 6.35
C ALA A 98 -6.08 3.68 7.36
N PRO A 99 -5.67 2.45 7.73
CA PRO A 99 -4.57 2.23 8.69
C PRO A 99 -3.26 2.87 8.22
N VAL A 100 -2.50 3.39 9.16
CA VAL A 100 -1.25 4.06 8.84
C VAL A 100 -0.08 3.46 9.63
N MET A 101 1.02 3.19 8.93
CA MET A 101 2.26 2.73 9.55
C MET A 101 3.33 3.79 9.36
N ALA A 102 3.66 4.49 10.43
CA ALA A 102 4.57 5.62 10.37
C ALA A 102 6.00 5.19 10.03
N LYS A 103 6.72 6.06 9.33
CA LYS A 103 8.12 5.83 9.01
C LYS A 103 9.01 6.43 10.08
N PRO A 104 10.10 5.75 10.43
CA PRO A 104 10.46 4.45 9.83
C PRO A 104 9.60 3.30 10.36
N ALA A 105 9.49 2.26 9.56
CA ALA A 105 8.69 1.09 9.91
C ALA A 105 9.34 -0.17 9.36
N ASP A 106 9.32 -1.23 10.14
CA ASP A 106 9.81 -2.52 9.66
C ASP A 106 8.85 -3.06 8.62
N THR A 107 9.39 -3.43 7.48
CA THR A 107 8.59 -3.78 6.33
C THR A 107 7.83 -5.08 6.52
N SER A 108 8.26 -5.91 7.46
CA SER A 108 7.57 -7.16 7.75
C SER A 108 6.28 -6.83 8.51
N ASP A 109 6.35 -5.84 9.39
CA ASP A 109 5.17 -5.38 10.12
C ASP A 109 4.20 -4.75 9.16
N VAL A 110 4.72 -3.90 8.29
CA VAL A 110 3.90 -3.22 7.30
C VAL A 110 3.18 -4.24 6.41
N ALA A 111 3.92 -5.26 5.99
CA ALA A 111 3.39 -6.30 5.11
C ALA A 111 2.27 -7.08 5.79
N LYS A 112 2.58 -7.62 6.97
CA LYS A 112 1.63 -8.43 7.71
C LYS A 112 0.34 -7.68 7.99
N ARG A 113 0.47 -6.44 8.48
CA ARG A 113 -0.69 -5.65 8.86
C ARG A 113 -1.57 -5.34 7.66
N ALA A 114 -0.95 -5.15 6.50
CA ALA A 114 -1.68 -4.86 5.27
C ALA A 114 -2.48 -6.09 4.84
N LEU A 115 -1.82 -7.24 4.86
CA LEU A 115 -2.43 -8.48 4.44
C LEU A 115 -3.57 -8.91 5.37
N GLU A 116 -3.50 -8.46 6.62
CA GLU A 116 -4.55 -8.74 7.60
C GLU A 116 -5.93 -8.31 7.08
N MET A 117 -5.97 -7.15 6.43
CA MET A 117 -7.23 -6.58 5.95
C MET A 117 -7.80 -7.36 4.78
N CYS A 118 -6.93 -7.97 3.99
CA CYS A 118 -7.34 -8.69 2.79
C CYS A 118 -6.14 -9.29 2.08
N GLY A 119 -5.98 -10.59 2.22
CA GLY A 119 -4.92 -11.28 1.52
C GLY A 119 -4.30 -12.35 2.36
N GLY A 120 -4.12 -12.05 3.64
CA GLY A 120 -3.55 -13.02 4.55
C GLY A 120 -4.42 -14.25 4.66
N ASP A 121 -5.66 -14.05 5.08
CA ASP A 121 -6.65 -15.13 5.19
C ASP A 121 -6.09 -16.27 6.05
N LYS A 122 -5.36 -15.89 7.09
CA LYS A 122 -4.73 -16.86 7.96
C LYS A 122 -5.62 -17.14 9.17
N GLU A 123 -5.84 -18.43 9.42
CA GLU A 123 -6.58 -18.86 10.59
C GLU A 123 -5.82 -18.47 11.86
N PRO A 124 -6.49 -17.76 12.79
CA PRO A 124 -5.87 -17.34 14.05
C PRO A 124 -5.76 -18.50 15.03
N ALA A 125 -4.82 -19.40 14.76
CA ALA A 125 -4.59 -20.55 15.63
C ALA A 125 -3.18 -21.08 15.43
N GLY A 1 3.67 -22.29 0.06
CA GLY A 1 3.16 -22.41 -1.33
C GLY A 1 2.43 -21.17 -1.79
N ALA A 2 1.35 -20.83 -1.06
CA ALA A 2 0.50 -19.69 -1.38
C ALA A 2 0.10 -19.68 -2.85
N MET A 3 -0.78 -20.61 -3.22
CA MET A 3 -1.25 -20.71 -4.60
C MET A 3 -2.20 -19.57 -4.92
N GLY A 4 -2.74 -18.96 -3.89
CA GLY A 4 -3.59 -17.80 -4.06
C GLY A 4 -2.99 -16.58 -3.41
N MET A 5 -1.80 -16.21 -3.86
CA MET A 5 -1.09 -15.05 -3.32
C MET A 5 -1.87 -13.77 -3.57
N PRO A 6 -2.06 -12.96 -2.52
CA PRO A 6 -2.71 -11.66 -2.63
C PRO A 6 -1.95 -10.71 -3.54
N LYS A 7 -2.68 -9.94 -4.34
CA LYS A 7 -2.06 -8.98 -5.23
C LYS A 7 -1.83 -7.67 -4.50
N VAL A 8 -0.59 -7.42 -4.12
CA VAL A 8 -0.22 -6.27 -3.33
C VAL A 8 0.36 -5.17 -4.19
N LEU A 9 -0.06 -3.94 -3.95
CA LEU A 9 0.49 -2.79 -4.65
C LEU A 9 1.28 -1.91 -3.70
N VAL A 10 2.58 -1.84 -3.91
CA VAL A 10 3.44 -0.99 -3.11
C VAL A 10 3.64 0.37 -3.76
N LEU A 11 3.28 1.40 -3.02
CA LEU A 11 3.52 2.77 -3.40
C LEU A 11 4.71 3.28 -2.63
N GLU A 12 5.83 3.43 -3.30
CA GLU A 12 7.06 3.84 -2.66
C GLU A 12 8.09 4.27 -3.70
N ASP A 13 8.73 5.39 -3.45
CA ASP A 13 9.70 5.95 -4.38
C ASP A 13 11.11 5.60 -3.92
N GLU A 14 11.25 5.33 -2.63
CA GLU A 14 12.53 4.92 -2.06
C GLU A 14 12.74 3.42 -2.33
N PRO A 15 13.61 3.08 -3.29
CA PRO A 15 13.77 1.71 -3.78
C PRO A 15 14.14 0.72 -2.69
N LEU A 16 14.90 1.18 -1.70
CA LEU A 16 15.30 0.31 -0.59
C LEU A 16 14.06 -0.16 0.16
N ILE A 17 13.21 0.80 0.51
CA ILE A 17 11.97 0.51 1.23
C ILE A 17 11.03 -0.28 0.35
N ALA A 18 10.87 0.17 -0.89
CA ALA A 18 9.98 -0.49 -1.84
C ALA A 18 10.37 -1.95 -2.04
N MET A 19 11.64 -2.19 -2.29
CA MET A 19 12.14 -3.53 -2.49
C MET A 19 12.00 -4.36 -1.20
N ASN A 20 12.21 -3.72 -0.07
CA ASN A 20 12.11 -4.38 1.22
C ASN A 20 10.67 -4.75 1.53
N LEU A 21 9.74 -3.89 1.14
CA LEU A 21 8.32 -4.20 1.24
C LEU A 21 7.97 -5.35 0.32
N GLN A 22 8.47 -5.27 -0.91
CA GLN A 22 8.27 -6.32 -1.89
C GLN A 22 8.67 -7.67 -1.30
N TYR A 23 9.91 -7.76 -0.85
CA TYR A 23 10.44 -8.98 -0.27
C TYR A 23 9.69 -9.36 1.02
N ALA A 24 9.15 -8.37 1.71
CA ALA A 24 8.41 -8.62 2.94
C ALA A 24 7.08 -9.31 2.61
N PHE A 25 6.36 -8.75 1.65
CA PHE A 25 5.08 -9.31 1.23
C PHE A 25 5.28 -10.67 0.58
N GLU A 26 6.32 -10.80 -0.24
CA GLU A 26 6.62 -12.07 -0.89
C GLU A 26 6.91 -13.14 0.14
N ASP A 27 7.60 -12.75 1.22
CA ASP A 27 7.92 -13.68 2.29
C ASP A 27 6.66 -14.12 3.03
N GLU A 28 5.66 -13.23 3.06
CA GLU A 28 4.39 -13.54 3.70
C GLU A 28 3.53 -14.39 2.77
N GLY A 29 3.92 -14.47 1.51
CA GLY A 29 3.20 -15.27 0.55
C GLY A 29 2.25 -14.43 -0.29
N ALA A 30 2.77 -13.34 -0.86
CA ALA A 30 1.96 -12.47 -1.69
C ALA A 30 2.74 -12.04 -2.93
N GLU A 31 2.02 -11.49 -3.90
CA GLU A 31 2.63 -11.03 -5.15
C GLU A 31 2.61 -9.50 -5.19
N VAL A 32 3.76 -8.90 -5.43
CA VAL A 32 3.91 -7.47 -5.23
C VAL A 32 4.14 -6.71 -6.53
N VAL A 33 3.41 -5.60 -6.68
CA VAL A 33 3.68 -4.63 -7.73
C VAL A 33 4.33 -3.41 -7.09
N VAL A 34 5.31 -2.83 -7.74
CA VAL A 34 5.96 -1.65 -7.20
C VAL A 34 5.71 -0.43 -8.07
N ALA A 35 5.19 0.62 -7.47
CA ALA A 35 4.95 1.87 -8.16
C ALA A 35 5.45 3.04 -7.33
N ALA A 36 6.12 3.98 -7.98
CA ALA A 36 6.66 5.14 -7.29
C ALA A 36 5.77 6.35 -7.46
N THR A 37 4.81 6.24 -8.36
CA THR A 37 3.93 7.36 -8.65
C THR A 37 2.48 6.93 -8.63
N CYS A 38 1.57 7.89 -8.53
CA CYS A 38 0.15 7.59 -8.64
C CYS A 38 -0.16 7.04 -10.03
N GLU A 39 0.58 7.53 -11.03
CA GLU A 39 0.41 7.10 -12.40
C GLU A 39 0.70 5.60 -12.53
N GLN A 40 1.87 5.18 -12.02
CA GLN A 40 2.24 3.77 -12.02
C GLN A 40 1.22 2.94 -11.26
N ALA A 41 0.74 3.50 -10.17
CA ALA A 41 -0.23 2.83 -9.32
C ALA A 41 -1.55 2.60 -10.04
N LEU A 42 -2.08 3.65 -10.65
CA LEU A 42 -3.34 3.58 -11.36
C LEU A 42 -3.24 2.63 -12.53
N LYS A 43 -2.03 2.50 -13.06
CA LYS A 43 -1.77 1.56 -14.14
C LYS A 43 -1.92 0.13 -13.63
N SER A 44 -1.26 -0.16 -12.51
CA SER A 44 -1.35 -1.48 -11.90
C SER A 44 -2.77 -1.74 -11.39
N LEU A 45 -3.44 -0.69 -10.94
CA LEU A 45 -4.81 -0.79 -10.48
C LEU A 45 -5.73 -1.32 -11.58
N ALA A 46 -5.45 -0.89 -12.82
CA ALA A 46 -6.26 -1.32 -13.95
C ALA A 46 -5.74 -2.65 -14.51
N ASP A 47 -4.43 -2.77 -14.59
CA ASP A 47 -3.78 -3.94 -15.18
C ASP A 47 -4.00 -5.19 -14.34
N ASN A 48 -3.97 -5.01 -13.03
CA ASN A 48 -4.07 -6.14 -12.11
C ASN A 48 -5.25 -5.95 -11.16
N PRO A 49 -5.69 -7.03 -10.51
CA PRO A 49 -6.73 -6.99 -9.51
C PRO A 49 -6.13 -6.85 -8.12
N ILE A 50 -5.88 -5.62 -7.72
CA ILE A 50 -5.22 -5.31 -6.46
C ILE A 50 -6.08 -5.76 -5.28
N ASP A 51 -5.52 -6.65 -4.47
CA ASP A 51 -6.19 -7.14 -3.28
C ASP A 51 -5.91 -6.23 -2.10
N VAL A 52 -4.70 -5.70 -2.06
CA VAL A 52 -4.28 -4.84 -0.98
C VAL A 52 -3.14 -3.94 -1.45
N ALA A 53 -2.98 -2.80 -0.81
CA ALA A 53 -1.93 -1.88 -1.19
C ALA A 53 -1.25 -1.28 0.02
N VAL A 54 -0.09 -0.71 -0.21
CA VAL A 54 0.65 -0.02 0.81
C VAL A 54 1.14 1.28 0.24
N LEU A 55 0.60 2.38 0.74
CA LEU A 55 0.84 3.66 0.10
C LEU A 55 1.75 4.54 0.94
N ASP A 56 2.98 4.69 0.46
CA ASP A 56 3.89 5.61 1.09
C ASP A 56 3.66 7.00 0.54
N VAL A 57 3.70 7.97 1.41
CA VAL A 57 3.39 9.32 1.02
C VAL A 57 4.68 10.07 0.66
N ASN A 58 5.81 9.45 0.94
CA ASN A 58 7.12 10.05 0.67
C ASN A 58 7.58 9.68 -0.74
N LEU A 59 6.79 10.06 -1.73
CA LEU A 59 7.13 9.76 -3.12
C LEU A 59 7.97 10.90 -3.70
N GLY A 60 7.83 12.07 -3.11
CA GLY A 60 8.61 13.22 -3.54
C GLY A 60 8.28 14.43 -2.70
N PRO A 61 8.82 15.61 -3.07
CA PRO A 61 8.52 16.86 -2.37
C PRO A 61 7.01 17.13 -2.32
N LYS A 62 6.35 16.92 -3.44
CA LYS A 62 4.91 17.10 -3.53
C LYS A 62 4.23 15.79 -3.93
N SER A 63 4.99 14.91 -4.57
CA SER A 63 4.48 13.61 -4.97
C SER A 63 4.06 12.79 -3.76
N HIS A 64 2.80 12.40 -3.75
CA HIS A 64 2.24 11.63 -2.64
C HIS A 64 1.23 10.62 -3.17
N CYS A 65 1.04 9.55 -2.42
CA CYS A 65 -0.01 8.60 -2.73
C CYS A 65 -1.38 9.21 -2.46
N GLY A 66 -1.93 9.90 -3.46
CA GLY A 66 -3.23 10.53 -3.30
C GLY A 66 -4.30 9.87 -4.15
N PRO A 67 -4.30 10.11 -5.48
CA PRO A 67 -5.24 9.48 -6.40
C PRO A 67 -5.23 7.96 -6.28
N VAL A 68 -4.11 7.42 -5.80
CA VAL A 68 -3.99 5.98 -5.59
C VAL A 68 -4.92 5.54 -4.49
N ALA A 69 -4.94 6.31 -3.41
CA ALA A 69 -5.79 6.06 -2.28
C ALA A 69 -7.23 6.06 -2.69
N ASP A 70 -7.60 7.05 -3.49
CA ASP A 70 -8.95 7.16 -4.03
C ASP A 70 -9.28 5.96 -4.89
N ALA A 71 -8.33 5.59 -5.75
CA ALA A 71 -8.48 4.43 -6.62
C ALA A 71 -8.80 3.17 -5.82
N LEU A 72 -8.13 3.03 -4.70
CA LEU A 72 -8.34 1.90 -3.81
C LEU A 72 -9.66 2.04 -3.07
N LYS A 73 -9.91 3.23 -2.58
CA LYS A 73 -11.16 3.58 -1.90
C LYS A 73 -12.35 3.26 -2.80
N GLN A 74 -12.22 3.57 -4.08
CA GLN A 74 -13.26 3.31 -5.07
C GLN A 74 -13.60 1.83 -5.16
N ARG A 75 -12.57 0.99 -5.22
CA ARG A 75 -12.75 -0.45 -5.37
C ARG A 75 -12.78 -1.14 -4.01
N ALA A 76 -12.88 -0.35 -2.95
CA ALA A 76 -12.93 -0.85 -1.58
C ALA A 76 -11.74 -1.75 -1.28
N ILE A 77 -10.58 -1.40 -1.80
CA ILE A 77 -9.37 -2.15 -1.55
C ILE A 77 -8.69 -1.65 -0.29
N PRO A 78 -8.28 -2.57 0.59
CA PRO A 78 -7.57 -2.22 1.80
C PRO A 78 -6.13 -1.80 1.54
N PHE A 79 -5.67 -0.82 2.28
CA PHE A 79 -4.32 -0.31 2.13
C PHE A 79 -3.88 0.43 3.37
N ILE A 80 -2.58 0.48 3.58
CA ILE A 80 -2.02 1.16 4.72
C ILE A 80 -1.14 2.30 4.25
N LEU A 81 -1.26 3.43 4.92
CA LEU A 81 -0.45 4.59 4.55
C LEU A 81 0.84 4.55 5.32
N HIS A 82 1.90 4.28 4.60
CA HIS A 82 3.22 4.25 5.19
C HIS A 82 3.90 5.60 4.92
N THR A 83 4.39 6.25 5.96
CA THR A 83 4.97 7.58 5.77
C THR A 83 5.71 8.04 7.02
N GLY A 84 6.72 8.88 6.83
CA GLY A 84 7.45 9.45 7.95
C GLY A 84 6.90 10.81 8.33
N ASP A 85 6.01 11.33 7.49
CA ASP A 85 5.39 12.62 7.73
C ASP A 85 3.90 12.48 7.95
N LEU A 86 3.46 12.75 9.16
CA LEU A 86 2.05 12.73 9.50
C LEU A 86 1.53 14.14 9.70
N ASP A 87 2.46 15.09 9.76
CA ASP A 87 2.11 16.48 10.05
C ASP A 87 1.68 17.21 8.79
N ARG A 88 2.57 17.29 7.81
CA ARG A 88 2.31 18.05 6.60
C ARG A 88 1.27 17.36 5.73
N HIS A 89 1.37 16.04 5.64
CA HIS A 89 0.43 15.26 4.84
C HIS A 89 -0.75 14.77 5.69
N GLY A 90 -0.99 15.44 6.80
CA GLY A 90 -2.06 15.04 7.69
C GLY A 90 -3.42 15.17 7.03
N GLU A 91 -3.61 16.23 6.26
CA GLU A 91 -4.87 16.45 5.55
C GLU A 91 -5.14 15.30 4.58
N LEU A 92 -4.08 14.88 3.89
CA LEU A 92 -4.17 13.75 2.97
C LEU A 92 -4.62 12.49 3.70
N LEU A 93 -3.96 12.22 4.82
CA LEU A 93 -4.27 11.03 5.62
C LEU A 93 -5.72 11.05 6.11
N ARG A 94 -6.18 12.23 6.52
CA ARG A 94 -7.55 12.40 6.98
C ARG A 94 -8.56 12.26 5.84
N LYS A 95 -8.10 12.54 4.62
CA LYS A 95 -8.92 12.41 3.45
C LYS A 95 -9.04 10.94 3.05
N ILE A 96 -7.99 10.19 3.33
CA ILE A 96 -7.95 8.78 3.03
C ILE A 96 -8.75 7.97 4.05
N ASP A 97 -8.43 8.18 5.33
CA ASP A 97 -9.06 7.45 6.44
C ASP A 97 -8.78 5.95 6.33
N ALA A 98 -7.57 5.58 6.70
CA ALA A 98 -7.14 4.18 6.70
C ALA A 98 -5.94 4.04 7.64
N PRO A 99 -5.53 2.80 7.98
CA PRO A 99 -4.40 2.56 8.88
C PRO A 99 -3.10 3.18 8.36
N VAL A 100 -2.32 3.74 9.27
CA VAL A 100 -1.07 4.39 8.92
C VAL A 100 0.12 3.71 9.63
N MET A 101 1.24 3.62 8.93
CA MET A 101 2.47 3.10 9.49
C MET A 101 3.60 4.12 9.31
N ALA A 102 4.03 4.71 10.41
CA ALA A 102 5.02 5.78 10.36
C ALA A 102 6.42 5.25 10.10
N LYS A 103 7.25 6.06 9.45
CA LYS A 103 8.64 5.73 9.20
C LYS A 103 9.53 6.23 10.33
N PRO A 104 10.53 5.45 10.73
CA PRO A 104 10.87 4.17 10.09
C PRO A 104 9.90 3.06 10.45
N ALA A 105 9.67 2.16 9.51
CA ALA A 105 8.77 1.05 9.72
C ALA A 105 9.37 -0.23 9.17
N ASP A 106 9.32 -1.30 9.96
CA ASP A 106 9.81 -2.57 9.51
C ASP A 106 8.82 -3.14 8.50
N THR A 107 9.32 -3.52 7.35
CA THR A 107 8.47 -3.89 6.24
C THR A 107 7.67 -5.16 6.52
N SER A 108 8.09 -5.94 7.52
CA SER A 108 7.34 -7.12 7.91
C SER A 108 6.05 -6.72 8.61
N ASP A 109 6.14 -5.71 9.48
CA ASP A 109 4.97 -5.19 10.19
C ASP A 109 4.03 -4.53 9.22
N VAL A 110 4.60 -3.78 8.29
CA VAL A 110 3.82 -3.11 7.26
C VAL A 110 3.10 -4.13 6.39
N ALA A 111 3.82 -5.18 6.01
CA ALA A 111 3.30 -6.24 5.15
C ALA A 111 2.20 -7.03 5.83
N LYS A 112 2.48 -7.51 7.03
CA LYS A 112 1.54 -8.35 7.75
C LYS A 112 0.23 -7.62 8.00
N ARG A 113 0.32 -6.39 8.50
CA ARG A 113 -0.87 -5.59 8.77
C ARG A 113 -1.66 -5.31 7.51
N ALA A 114 -0.96 -5.12 6.40
CA ALA A 114 -1.62 -4.90 5.11
C ALA A 114 -2.36 -6.16 4.70
N LEU A 115 -1.68 -7.30 4.79
CA LEU A 115 -2.27 -8.57 4.42
C LEU A 115 -3.39 -8.99 5.36
N GLU A 116 -3.33 -8.52 6.60
CA GLU A 116 -4.42 -8.72 7.56
C GLU A 116 -5.72 -8.18 7.00
N MET A 117 -5.67 -6.96 6.47
CA MET A 117 -6.83 -6.33 5.88
C MET A 117 -7.14 -6.93 4.51
N CYS A 118 -6.11 -7.44 3.86
CA CYS A 118 -6.24 -7.99 2.52
C CYS A 118 -7.25 -9.14 2.49
N GLY A 119 -7.06 -10.10 3.37
CA GLY A 119 -7.93 -11.25 3.41
C GLY A 119 -8.12 -11.77 4.81
N GLY A 120 -9.38 -11.96 5.18
CA GLY A 120 -9.67 -12.53 6.49
C GLY A 120 -9.20 -13.95 6.59
N ASP A 121 -9.17 -14.62 5.43
CA ASP A 121 -8.69 -15.99 5.36
C ASP A 121 -7.21 -16.00 5.02
N LYS A 122 -6.43 -16.73 5.81
CA LYS A 122 -5.00 -16.87 5.54
C LYS A 122 -4.76 -17.97 4.53
N GLU A 123 -3.62 -17.90 3.84
CA GLU A 123 -3.25 -18.88 2.85
C GLU A 123 -2.86 -20.19 3.53
N PRO A 124 -3.62 -21.26 3.32
CA PRO A 124 -3.38 -22.55 3.96
C PRO A 124 -2.29 -23.37 3.27
N ALA A 125 -1.27 -22.70 2.79
CA ALA A 125 -0.18 -23.36 2.08
C ALA A 125 1.11 -22.61 2.29
N GLY A 1 -7.12 -12.44 -4.81
CA GLY A 1 -5.88 -13.26 -4.91
C GLY A 1 -5.96 -14.25 -6.05
N ALA A 2 -5.83 -13.75 -7.27
CA ALA A 2 -6.02 -14.54 -8.48
C ALA A 2 -5.14 -15.79 -8.50
N MET A 3 -3.89 -15.65 -8.10
CA MET A 3 -2.94 -16.75 -8.16
C MET A 3 -2.72 -17.37 -6.78
N GLY A 4 -3.73 -17.26 -5.92
CA GLY A 4 -3.63 -17.80 -4.58
C GLY A 4 -2.70 -16.98 -3.71
N MET A 5 -2.47 -15.77 -4.14
CA MET A 5 -1.58 -14.83 -3.48
C MET A 5 -2.16 -13.45 -3.57
N PRO A 6 -2.08 -12.66 -2.50
CA PRO A 6 -2.55 -11.29 -2.51
C PRO A 6 -1.76 -10.44 -3.49
N LYS A 7 -2.48 -9.70 -4.31
CA LYS A 7 -1.86 -8.80 -5.24
C LYS A 7 -1.61 -7.48 -4.53
N VAL A 8 -0.37 -7.24 -4.16
CA VAL A 8 -0.02 -6.10 -3.33
C VAL A 8 0.55 -4.97 -4.17
N LEU A 9 -0.04 -3.80 -4.01
CA LEU A 9 0.41 -2.61 -4.71
C LEU A 9 1.22 -1.73 -3.76
N VAL A 10 2.51 -1.62 -4.00
CA VAL A 10 3.36 -0.79 -3.17
C VAL A 10 3.56 0.59 -3.78
N LEU A 11 3.26 1.60 -2.98
CA LEU A 11 3.53 2.98 -3.33
C LEU A 11 4.72 3.47 -2.53
N GLU A 12 5.87 3.50 -3.16
CA GLU A 12 7.10 3.88 -2.48
C GLU A 12 8.12 4.35 -3.51
N ASP A 13 8.53 5.60 -3.39
CA ASP A 13 9.46 6.20 -4.33
C ASP A 13 10.88 5.73 -4.03
N GLU A 14 11.09 5.26 -2.81
CA GLU A 14 12.38 4.72 -2.40
C GLU A 14 12.47 3.23 -2.71
N PRO A 15 13.26 2.87 -3.73
CA PRO A 15 13.39 1.47 -4.16
C PRO A 15 13.90 0.56 -3.07
N LEU A 16 14.68 1.11 -2.14
CA LEU A 16 15.20 0.31 -1.04
C LEU A 16 14.04 -0.15 -0.15
N ILE A 17 13.19 0.79 0.22
CA ILE A 17 11.99 0.50 1.01
C ILE A 17 11.01 -0.34 0.20
N ALA A 18 10.80 0.06 -1.05
CA ALA A 18 9.92 -0.65 -1.96
C ALA A 18 10.33 -2.12 -2.07
N MET A 19 11.61 -2.34 -2.31
CA MET A 19 12.19 -3.66 -2.40
C MET A 19 11.99 -4.43 -1.09
N ASN A 20 12.23 -3.75 0.02
CA ASN A 20 12.13 -4.36 1.34
C ASN A 20 10.69 -4.72 1.68
N LEU A 21 9.75 -3.86 1.29
CA LEU A 21 8.34 -4.17 1.40
C LEU A 21 7.98 -5.32 0.49
N GLN A 22 8.48 -5.26 -0.74
CA GLN A 22 8.23 -6.29 -1.72
C GLN A 22 8.63 -7.66 -1.18
N TYR A 23 9.86 -7.77 -0.66
CA TYR A 23 10.34 -9.01 -0.08
C TYR A 23 9.48 -9.42 1.12
N ALA A 24 8.99 -8.42 1.86
CA ALA A 24 8.19 -8.69 3.04
C ALA A 24 6.86 -9.33 2.67
N PHE A 25 6.20 -8.77 1.66
CA PHE A 25 4.93 -9.31 1.19
C PHE A 25 5.13 -10.66 0.51
N GLU A 26 6.17 -10.76 -0.30
CA GLU A 26 6.47 -12.03 -0.98
C GLU A 26 6.77 -13.12 0.05
N ASP A 27 7.41 -12.73 1.15
CA ASP A 27 7.74 -13.66 2.22
C ASP A 27 6.48 -14.14 2.92
N GLU A 28 5.47 -13.27 2.97
CA GLU A 28 4.19 -13.63 3.58
C GLU A 28 3.36 -14.46 2.61
N GLY A 29 3.82 -14.54 1.37
CA GLY A 29 3.13 -15.33 0.36
C GLY A 29 2.21 -14.48 -0.51
N ALA A 30 2.75 -13.40 -1.03
CA ALA A 30 1.97 -12.51 -1.89
C ALA A 30 2.81 -12.02 -3.07
N GLU A 31 2.15 -11.46 -4.07
CA GLU A 31 2.85 -10.94 -5.24
C GLU A 31 2.73 -9.43 -5.27
N VAL A 32 3.83 -8.76 -5.54
CA VAL A 32 3.92 -7.32 -5.35
C VAL A 32 4.16 -6.57 -6.65
N VAL A 33 3.49 -5.42 -6.79
CA VAL A 33 3.78 -4.46 -7.85
C VAL A 33 4.35 -3.20 -7.21
N VAL A 34 5.46 -2.70 -7.74
CA VAL A 34 6.10 -1.53 -7.14
C VAL A 34 5.86 -0.28 -7.98
N ALA A 35 5.26 0.72 -7.34
CA ALA A 35 5.03 2.00 -7.99
C ALA A 35 5.59 3.14 -7.14
N ALA A 36 6.13 4.13 -7.81
CA ALA A 36 6.67 5.30 -7.13
C ALA A 36 5.77 6.50 -7.35
N THR A 37 4.83 6.38 -8.28
CA THR A 37 3.92 7.46 -8.58
C THR A 37 2.48 7.01 -8.45
N CYS A 38 1.55 7.94 -8.60
CA CYS A 38 0.14 7.61 -8.57
C CYS A 38 -0.27 6.95 -9.89
N GLU A 39 0.32 7.41 -10.97
CA GLU A 39 0.01 6.90 -12.30
C GLU A 39 0.46 5.44 -12.44
N GLN A 40 1.65 5.13 -11.91
CA GLN A 40 2.16 3.77 -11.95
C GLN A 40 1.22 2.81 -11.23
N ALA A 41 0.63 3.29 -10.13
CA ALA A 41 -0.29 2.49 -9.36
C ALA A 41 -1.60 2.30 -10.11
N LEU A 42 -2.15 3.39 -10.61
CA LEU A 42 -3.38 3.35 -11.39
C LEU A 42 -3.23 2.41 -12.58
N LYS A 43 -2.05 2.39 -13.18
CA LYS A 43 -1.74 1.48 -14.27
C LYS A 43 -1.81 0.03 -13.79
N SER A 44 -1.06 -0.25 -12.73
CA SER A 44 -1.01 -1.58 -12.15
C SER A 44 -2.37 -2.01 -11.61
N LEU A 45 -3.16 -1.05 -11.17
CA LEU A 45 -4.51 -1.29 -10.70
C LEU A 45 -5.41 -1.71 -11.86
N ALA A 46 -5.10 -1.21 -13.04
CA ALA A 46 -5.86 -1.53 -14.24
C ALA A 46 -5.37 -2.82 -14.88
N ASP A 47 -4.10 -3.11 -14.68
CA ASP A 47 -3.47 -4.30 -15.25
C ASP A 47 -3.65 -5.52 -14.37
N ASN A 48 -3.90 -5.28 -13.08
CA ASN A 48 -3.97 -6.37 -12.12
C ASN A 48 -5.15 -6.18 -11.15
N PRO A 49 -5.54 -7.25 -10.44
CA PRO A 49 -6.57 -7.20 -9.42
C PRO A 49 -5.96 -7.04 -8.03
N ILE A 50 -5.74 -5.80 -7.64
CA ILE A 50 -5.07 -5.49 -6.39
C ILE A 50 -5.90 -5.91 -5.19
N ASP A 51 -5.31 -6.72 -4.32
CA ASP A 51 -5.96 -7.21 -3.12
C ASP A 51 -5.71 -6.25 -1.97
N VAL A 52 -4.52 -5.66 -1.96
CA VAL A 52 -4.11 -4.78 -0.87
C VAL A 52 -2.98 -3.88 -1.34
N ALA A 53 -2.79 -2.75 -0.67
CA ALA A 53 -1.75 -1.83 -1.06
C ALA A 53 -1.06 -1.21 0.15
N VAL A 54 0.09 -0.60 -0.10
CA VAL A 54 0.83 0.12 0.92
C VAL A 54 1.35 1.41 0.33
N LEU A 55 0.81 2.53 0.77
CA LEU A 55 1.06 3.80 0.13
C LEU A 55 1.87 4.73 1.03
N ASP A 56 3.03 5.18 0.55
CA ASP A 56 3.76 6.22 1.27
C ASP A 56 3.21 7.58 0.88
N VAL A 57 2.66 8.26 1.87
CA VAL A 57 2.15 9.60 1.68
C VAL A 57 3.28 10.58 1.41
N ASN A 58 4.47 10.21 1.84
CA ASN A 58 5.64 11.07 1.72
C ASN A 58 6.54 10.60 0.57
N LEU A 59 5.97 10.52 -0.63
CA LEU A 59 6.75 10.21 -1.82
C LEU A 59 7.78 11.31 -2.04
N GLY A 60 7.35 12.53 -1.75
CA GLY A 60 8.23 13.67 -1.77
C GLY A 60 7.61 14.81 -1.00
N PRO A 61 8.20 16.01 -1.06
CA PRO A 61 7.63 17.20 -0.42
C PRO A 61 6.19 17.45 -0.87
N LYS A 62 5.94 17.36 -2.17
CA LYS A 62 4.60 17.54 -2.71
C LYS A 62 4.04 16.20 -3.18
N SER A 63 4.90 15.35 -3.72
CA SER A 63 4.47 14.05 -4.24
C SER A 63 3.89 13.19 -3.13
N HIS A 64 2.65 12.77 -3.33
CA HIS A 64 1.94 12.01 -2.32
C HIS A 64 1.05 10.96 -2.97
N CYS A 65 0.80 9.88 -2.26
CA CYS A 65 -0.14 8.87 -2.70
C CYS A 65 -1.58 9.39 -2.55
N GLY A 66 -2.07 10.07 -3.58
CA GLY A 66 -3.41 10.64 -3.50
C GLY A 66 -4.40 9.88 -4.36
N PRO A 67 -4.33 10.03 -5.69
CA PRO A 67 -5.20 9.29 -6.62
C PRO A 67 -5.15 7.79 -6.38
N VAL A 68 -4.03 7.32 -5.82
CA VAL A 68 -3.85 5.90 -5.52
C VAL A 68 -4.79 5.50 -4.40
N ALA A 69 -4.85 6.33 -3.38
CA ALA A 69 -5.68 6.08 -2.22
C ALA A 69 -7.13 6.04 -2.62
N ASP A 70 -7.53 7.05 -3.40
CA ASP A 70 -8.91 7.14 -3.89
C ASP A 70 -9.21 5.96 -4.81
N ALA A 71 -8.26 5.62 -5.67
CA ALA A 71 -8.39 4.47 -6.56
C ALA A 71 -8.73 3.21 -5.78
N LEU A 72 -8.02 3.01 -4.69
CA LEU A 72 -8.21 1.87 -3.82
C LEU A 72 -9.54 1.97 -3.08
N LYS A 73 -9.82 3.16 -2.59
CA LYS A 73 -11.06 3.44 -1.90
C LYS A 73 -12.26 3.18 -2.81
N GLN A 74 -12.12 3.53 -4.08
CA GLN A 74 -13.16 3.31 -5.08
C GLN A 74 -13.44 1.82 -5.25
N ARG A 75 -12.39 1.01 -5.22
CA ARG A 75 -12.52 -0.42 -5.45
C ARG A 75 -12.57 -1.18 -4.13
N ALA A 76 -12.73 -0.43 -3.04
CA ALA A 76 -12.86 -0.99 -1.69
C ALA A 76 -11.67 -1.87 -1.33
N ILE A 77 -10.49 -1.51 -1.83
CA ILE A 77 -9.28 -2.26 -1.56
C ILE A 77 -8.63 -1.75 -0.29
N PRO A 78 -8.24 -2.67 0.61
CA PRO A 78 -7.56 -2.30 1.84
C PRO A 78 -6.11 -1.90 1.59
N PHE A 79 -5.68 -0.89 2.28
CA PHE A 79 -4.31 -0.41 2.13
C PHE A 79 -3.88 0.35 3.36
N ILE A 80 -2.58 0.50 3.51
CA ILE A 80 -2.02 1.18 4.64
C ILE A 80 -1.14 2.31 4.17
N LEU A 81 -1.18 3.44 4.86
CA LEU A 81 -0.29 4.53 4.55
C LEU A 81 0.99 4.36 5.33
N HIS A 82 2.04 4.01 4.64
CA HIS A 82 3.32 3.81 5.28
C HIS A 82 4.19 5.04 5.09
N THR A 83 3.96 6.01 5.95
CA THR A 83 4.61 7.29 5.89
C THR A 83 5.00 7.73 7.30
N GLY A 84 5.97 8.63 7.40
CA GLY A 84 6.37 9.12 8.70
C GLY A 84 6.03 10.58 8.88
N ASP A 85 5.34 11.15 7.89
CA ASP A 85 5.01 12.56 7.91
C ASP A 85 3.57 12.80 7.46
N LEU A 86 2.63 12.38 8.28
CA LEU A 86 1.21 12.66 8.02
C LEU A 86 0.96 14.16 8.06
N ASP A 87 1.69 14.86 8.93
CA ASP A 87 1.49 16.29 9.13
C ASP A 87 1.83 17.09 7.87
N ARG A 88 2.74 16.57 7.06
CA ARG A 88 3.19 17.23 5.86
C ARG A 88 2.10 17.19 4.79
N HIS A 89 1.19 16.24 4.92
CA HIS A 89 0.11 16.08 3.96
C HIS A 89 -1.19 15.79 4.69
N GLY A 90 -1.45 16.56 5.75
CA GLY A 90 -2.59 16.31 6.61
C GLY A 90 -3.92 16.37 5.89
N GLU A 91 -3.97 17.13 4.81
CA GLU A 91 -5.19 17.26 4.02
C GLU A 91 -5.47 15.96 3.28
N LEU A 92 -4.43 15.17 3.04
CA LEU A 92 -4.55 13.96 2.23
C LEU A 92 -5.18 12.83 3.03
N LEU A 93 -4.62 12.51 4.20
CA LEU A 93 -5.11 11.39 5.00
C LEU A 93 -6.54 11.62 5.45
N ARG A 94 -6.93 12.87 5.51
CA ARG A 94 -8.31 13.26 5.79
C ARG A 94 -9.25 12.74 4.70
N LYS A 95 -8.74 12.72 3.47
CA LYS A 95 -9.51 12.21 2.34
C LYS A 95 -9.43 10.70 2.28
N ILE A 96 -8.28 10.17 2.69
CA ILE A 96 -8.03 8.74 2.63
C ILE A 96 -8.79 7.99 3.72
N ASP A 97 -8.49 8.30 4.98
CA ASP A 97 -9.01 7.58 6.12
C ASP A 97 -8.72 6.09 6.01
N ALA A 98 -7.49 5.73 6.28
CA ALA A 98 -7.05 4.34 6.28
C ALA A 98 -5.92 4.17 7.29
N PRO A 99 -5.58 2.92 7.67
CA PRO A 99 -4.50 2.64 8.62
C PRO A 99 -3.16 3.23 8.19
N VAL A 100 -2.39 3.69 9.17
CA VAL A 100 -1.09 4.28 8.90
C VAL A 100 0.01 3.53 9.63
N MET A 101 1.12 3.30 8.96
CA MET A 101 2.32 2.73 9.57
C MET A 101 3.44 3.75 9.48
N ALA A 102 3.75 4.38 10.60
CA ALA A 102 4.72 5.47 10.64
C ALA A 102 6.12 5.00 10.27
N LYS A 103 6.86 5.88 9.60
CA LYS A 103 8.25 5.61 9.27
C LYS A 103 9.15 6.14 10.37
N PRO A 104 10.22 5.41 10.72
CA PRO A 104 10.58 4.15 10.06
C PRO A 104 9.70 2.99 10.51
N ALA A 105 9.57 1.99 9.65
CA ALA A 105 8.74 0.83 9.94
C ALA A 105 9.37 -0.42 9.39
N ASP A 106 9.34 -1.49 10.17
CA ASP A 106 9.82 -2.77 9.68
C ASP A 106 8.81 -3.29 8.67
N THR A 107 9.32 -3.69 7.52
CA THR A 107 8.48 -4.02 6.39
C THR A 107 7.64 -5.27 6.63
N SER A 108 8.07 -6.13 7.54
CA SER A 108 7.27 -7.31 7.87
C SER A 108 6.03 -6.89 8.64
N ASP A 109 6.18 -5.88 9.51
CA ASP A 109 5.06 -5.32 10.25
C ASP A 109 4.07 -4.71 9.28
N VAL A 110 4.61 -3.93 8.36
CA VAL A 110 3.81 -3.24 7.36
C VAL A 110 3.07 -4.25 6.49
N ALA A 111 3.78 -5.28 6.07
CA ALA A 111 3.22 -6.33 5.20
C ALA A 111 2.09 -7.08 5.90
N LYS A 112 2.35 -7.50 7.13
CA LYS A 112 1.39 -8.27 7.90
C LYS A 112 0.11 -7.46 8.15
N ARG A 113 0.28 -6.21 8.54
CA ARG A 113 -0.87 -5.34 8.83
C ARG A 113 -1.70 -5.11 7.57
N ALA A 114 -1.03 -5.06 6.44
CA ALA A 114 -1.70 -4.87 5.16
C ALA A 114 -2.48 -6.12 4.77
N LEU A 115 -1.82 -7.27 4.86
CA LEU A 115 -2.41 -8.53 4.45
C LEU A 115 -3.54 -8.98 5.37
N GLU A 116 -3.46 -8.63 6.66
CA GLU A 116 -4.51 -9.03 7.60
C GLU A 116 -5.83 -8.35 7.26
N MET A 117 -5.75 -7.14 6.70
CA MET A 117 -6.94 -6.42 6.27
C MET A 117 -7.55 -7.07 5.04
N CYS A 118 -6.70 -7.65 4.21
CA CYS A 118 -7.15 -8.29 2.99
C CYS A 118 -7.77 -9.65 3.30
N GLY A 119 -7.14 -10.39 4.19
CA GLY A 119 -7.67 -11.67 4.62
C GLY A 119 -7.34 -12.78 3.65
N GLY A 120 -7.99 -12.78 2.51
CA GLY A 120 -7.79 -13.82 1.52
C GLY A 120 -8.99 -13.97 0.63
N ASP A 121 -9.19 -12.99 -0.24
CA ASP A 121 -10.35 -12.99 -1.13
C ASP A 121 -10.06 -13.81 -2.38
N LYS A 122 -11.01 -14.66 -2.74
CA LYS A 122 -10.88 -15.48 -3.93
C LYS A 122 -12.07 -15.27 -4.84
N GLU A 123 -11.79 -14.95 -6.10
CA GLU A 123 -12.86 -14.77 -7.09
C GLU A 123 -13.04 -16.05 -7.88
N PRO A 124 -14.17 -16.75 -7.67
CA PRO A 124 -14.46 -18.01 -8.35
C PRO A 124 -14.96 -17.79 -9.78
N ALA A 125 -14.21 -17.03 -10.56
CA ALA A 125 -14.56 -16.74 -11.93
C ALA A 125 -13.40 -17.06 -12.85
#